data_4M4Y
#
_entry.id   4M4Y
#
_cell.length_a   71.367
_cell.length_b   132.174
_cell.length_c   201.809
_cell.angle_alpha   90.00
_cell.angle_beta   90.00
_cell.angle_gamma   90.00
#
_symmetry.space_group_name_H-M   'P 21 21 21'
#
loop_
_entity.id
_entity.type
_entity.pdbx_description
1 polymer 'Hemagglutinin HA1 subunit'
2 polymer 'Hemagglutinin HA2 subunit'
3 branched alpha-D-mannopyranose-(1-3)-beta-D-mannopyranose-(1-4)-2-acetamido-2-deoxy-beta-D-glucopyranose-(1-4)-2-acetamido-2-deoxy-beta-D-glucopyranose
4 branched beta-L-fucopyranose-(1-3)-[2-acetamido-2-deoxy-beta-D-glucopyranose-(1-4)]2-acetamido-2-deoxy-beta-D-glucopyranose
5 non-polymer 2-acetamido-2-deoxy-beta-D-glucopyranose
6 water water
#
loop_
_entity_poly.entity_id
_entity_poly.type
_entity_poly.pdbx_seq_one_letter_code
_entity_poly.pdbx_strand_id
1 'polypeptide(L)'
;ADPGDTLCIGYHANNSTDTVDTVLEKNVTVTHSVNLLEDKHNGKLCKLRGVAPLHLGKCNIAGWILGNPECESLSTASSW
SYIVETPSSDNGTCYPGDFIDYEELREQLSSVSSFERFEIFPKTSSWPNHDSNKGVTAACPHAGAKSFYKNLIWLVKKGN
SYPKLSKSYINDKGKEVLVLWGIHHPSTSADQQSLYQNADTYVFVGSSRYSKKFKPEIAIRPKVRDQEGRMNYYWTLVEP
GDKITFEATGNLVVPRYAFAMERNAGSGIIISDTPVHDCNTTCQTPKGAINTSLPFQNIHPITIGKCPKYVKSTKLRLAT
GLRNIPSIQSR
;
A,C,E
2 'polypeptide(L)'
;GLFGAIAGFIEGGWTGMVDGWYGYHHQNEQGSGYAADLKSTQNAIDGITNKVNSVIEKMNTQFTAVGKEFNHLEKRIENL
NKKVDDGFLDIWTYNAELLVLLENERTLDYHDSNVKNLYEKVRSQLKNNAKEIGNGCFEFYHKCDNTCMESVKNGTYDYP
KYSEEAKLNREEIDSGR
;
B,D,F
#
loop_
_chem_comp.id
_chem_comp.type
_chem_comp.name
_chem_comp.formula
BMA D-saccharide, beta linking beta-D-mannopyranose 'C6 H12 O6'
FUL L-saccharide, beta linking beta-L-fucopyranose 'C6 H12 O5'
MAN D-saccharide, alpha linking alpha-D-mannopyranose 'C6 H12 O6'
NAG D-saccharide, beta linking 2-acetamido-2-deoxy-beta-D-glucopyranose 'C8 H15 N O6'
#
# COMPACT_ATOMS: atom_id res chain seq x y z
N GLY A 4 53.25 -5.69 38.20
CA GLY A 4 53.78 -5.40 36.88
C GLY A 4 53.02 -4.28 36.18
N ASP A 5 53.62 -3.69 35.14
CA ASP A 5 52.97 -2.65 34.37
C ASP A 5 51.77 -3.26 33.65
N THR A 6 50.73 -2.47 33.43
CA THR A 6 49.51 -2.98 32.81
C THR A 6 49.03 -2.15 31.64
N LEU A 7 48.43 -2.83 30.67
CA LEU A 7 47.72 -2.19 29.57
C LEU A 7 46.36 -2.88 29.40
N CYS A 8 45.28 -2.11 29.52
CA CYS A 8 43.94 -2.66 29.40
C CYS A 8 43.26 -2.12 28.15
N ILE A 9 42.46 -2.98 27.52
CA ILE A 9 41.60 -2.57 26.43
C ILE A 9 40.23 -2.29 27.04
N GLY A 10 39.54 -1.27 26.54
CA GLY A 10 38.26 -0.92 27.11
C GLY A 10 37.43 -0.08 26.18
N TYR A 11 36.31 0.40 26.70
CA TYR A 11 35.38 1.16 25.88
C TYR A 11 34.77 2.28 26.70
N HIS A 12 34.31 3.30 25.99
CA HIS A 12 33.74 4.51 26.52
C HIS A 12 32.46 4.28 27.33
N ALA A 13 32.33 5.03 28.42
CA ALA A 13 31.06 5.17 29.14
C ALA A 13 30.86 6.66 29.38
N ASN A 14 29.63 7.11 29.50
CA ASN A 14 29.33 8.53 29.71
C ASN A 14 28.09 8.69 30.56
N ASN A 15 27.52 9.89 30.58
CA ASN A 15 26.38 10.20 31.43
C ASN A 15 25.02 9.90 30.80
N SER A 16 25.02 9.35 29.58
CA SER A 16 23.76 9.14 28.84
C SER A 16 22.75 8.26 29.56
N THR A 17 21.48 8.62 29.47
CA THR A 17 20.41 7.80 30.00
C THR A 17 19.46 7.41 28.87
N ASP A 18 19.83 7.72 27.65
CA ASP A 18 19.08 7.27 26.49
C ASP A 18 18.97 5.75 26.45
N THR A 19 17.76 5.25 26.30
CA THR A 19 17.55 3.84 26.08
C THR A 19 17.07 3.56 24.66
N VAL A 20 17.36 2.37 24.18
CA VAL A 20 16.86 1.92 22.89
C VAL A 20 16.41 0.50 23.12
N ASP A 21 15.50 0.04 22.27
CA ASP A 21 15.11 -1.35 22.29
C ASP A 21 15.92 -2.10 21.26
N THR A 22 16.25 -3.35 21.59
CA THR A 22 16.92 -4.20 20.65
C THR A 22 16.09 -5.47 20.57
N VAL A 23 16.36 -6.29 19.56
CA VAL A 23 15.57 -7.48 19.34
C VAL A 23 15.68 -8.47 20.52
N LEU A 24 16.82 -8.46 21.22
CA LEU A 24 16.98 -9.38 22.35
C LEU A 24 16.63 -8.76 23.70
N GLU A 25 16.62 -7.43 23.76
CA GLU A 25 16.49 -6.76 25.04
C GLU A 25 15.91 -5.37 24.93
N LYS A 26 14.97 -5.07 25.82
CA LYS A 26 14.36 -3.75 25.86
C LYS A 26 15.11 -2.81 26.77
N ASN A 27 15.01 -1.51 26.49
CA ASN A 27 15.59 -0.48 27.35
C ASN A 27 17.08 -0.65 27.66
N VAL A 28 17.89 -0.79 26.62
CA VAL A 28 19.33 -0.84 26.78
C VAL A 28 19.84 0.58 26.79
N THR A 29 20.52 0.96 27.86
CA THR A 29 21.09 2.31 27.92
C THR A 29 22.33 2.36 27.05
N VAL A 30 22.38 3.32 26.13
CA VAL A 30 23.48 3.42 25.18
C VAL A 30 24.16 4.78 25.30
N THR A 31 25.40 4.91 24.82
CA THR A 31 26.15 6.11 25.07
C THR A 31 25.72 7.19 24.10
N HIS A 32 25.28 6.77 22.93
CA HIS A 32 24.91 7.70 21.87
C HIS A 32 23.77 7.11 21.06
N SER A 33 22.80 7.94 20.68
CA SER A 33 21.66 7.49 19.89
C SER A 33 21.02 8.63 19.11
N VAL A 34 20.26 8.29 18.07
CA VAL A 34 19.58 9.29 17.26
C VAL A 34 18.12 8.89 17.09
N ASN A 35 17.23 9.88 17.11
CA ASN A 35 15.81 9.60 16.96
C ASN A 35 15.47 9.54 15.48
N LEU A 36 14.65 8.56 15.10
CA LEU A 36 14.23 8.44 13.70
C LEU A 36 12.82 8.97 13.55
N LEU A 37 12.19 9.30 14.66
CA LEU A 37 10.80 9.65 14.67
C LEU A 37 10.64 11.14 14.91
N GLU A 38 10.14 11.86 13.92
CA GLU A 38 9.79 13.26 14.13
C GLU A 38 8.46 13.32 14.85
N ASP A 39 8.45 13.91 16.05
CA ASP A 39 7.25 13.93 16.87
C ASP A 39 6.89 15.32 17.37
N LYS A 40 7.35 16.34 16.65
CA LYS A 40 6.97 17.69 17.00
C LYS A 40 6.72 18.53 15.77
N HIS A 41 5.85 19.50 15.92
CA HIS A 41 5.49 20.39 14.84
C HIS A 41 5.51 21.81 15.39
N ASN A 42 5.38 22.80 14.51
CA ASN A 42 5.49 24.20 14.92
C ASN A 42 4.18 24.92 15.21
N GLY A 43 3.07 24.18 15.20
CA GLY A 43 1.77 24.72 15.58
C GLY A 43 1.21 25.78 14.65
N LYS A 44 1.80 25.87 13.46
CA LYS A 44 1.45 26.89 12.49
C LYS A 44 1.04 26.26 11.17
N LEU A 45 0.24 26.98 10.39
CA LEU A 45 -0.02 26.61 9.02
C LEU A 45 0.90 27.47 8.17
N CYS A 46 1.85 26.82 7.50
CA CYS A 46 2.94 27.57 6.87
C CYS A 46 2.84 27.65 5.36
N LYS A 47 3.76 28.38 4.76
CA LYS A 47 3.86 28.44 3.32
C LYS A 47 4.46 27.16 2.79
N LEU A 48 3.92 26.68 1.68
CA LEU A 48 4.43 25.46 1.08
C LEU A 48 4.95 25.88 -0.27
N ARG A 49 6.16 25.46 -0.60
CA ARG A 49 6.84 25.89 -1.82
C ARG A 49 7.08 27.41 -1.80
N GLY A 50 7.00 28.00 -0.60
CA GLY A 50 7.16 29.43 -0.42
C GLY A 50 5.90 30.22 -0.76
N VAL A 51 4.79 29.52 -0.89
CA VAL A 51 3.53 30.17 -1.25
C VAL A 51 2.50 29.97 -0.12
N ALA A 52 1.88 31.06 0.30
CA ALA A 52 0.96 31.01 1.41
C ALA A 52 -0.29 30.24 1.02
N PRO A 53 -0.91 29.58 1.98
CA PRO A 53 -2.21 28.98 1.71
C PRO A 53 -3.25 30.07 1.54
N LEU A 54 -4.33 29.75 0.87
CA LEU A 54 -5.52 30.60 0.86
C LEU A 54 -6.34 30.25 2.09
N HIS A 55 -6.57 31.22 2.97
CA HIS A 55 -7.35 30.97 4.16
C HIS A 55 -8.75 31.54 3.98
N LEU A 56 -9.78 30.74 4.23
CA LEU A 56 -11.14 31.16 3.91
C LEU A 56 -11.92 31.63 5.14
N GLY A 57 -11.23 31.72 6.26
CA GLY A 57 -11.85 32.19 7.49
C GLY A 57 -13.09 31.39 7.81
N LYS A 58 -14.22 32.09 7.94
CA LYS A 58 -15.44 31.44 8.35
C LYS A 58 -16.26 30.95 7.16
N CYS A 59 -15.71 31.13 5.95
CA CYS A 59 -16.37 30.64 4.74
C CYS A 59 -15.79 29.29 4.31
N ASN A 60 -16.58 28.53 3.56
CA ASN A 60 -16.05 27.34 2.92
C ASN A 60 -15.87 27.62 1.45
N ILE A 61 -15.40 26.64 0.68
CA ILE A 61 -15.09 26.89 -0.72
C ILE A 61 -16.33 27.30 -1.55
N ALA A 62 -17.47 26.65 -1.30
CA ALA A 62 -18.70 27.01 -1.99
C ALA A 62 -19.00 28.49 -1.79
N GLY A 63 -19.09 28.89 -0.52
CA GLY A 63 -19.34 30.28 -0.16
C GLY A 63 -18.33 31.21 -0.78
N TRP A 64 -17.06 30.83 -0.71
CA TRP A 64 -16.01 31.67 -1.25
C TRP A 64 -16.15 31.81 -2.76
N ILE A 65 -16.27 30.70 -3.47
CA ILE A 65 -16.24 30.74 -4.94
C ILE A 65 -17.53 31.32 -5.55
N LEU A 66 -18.63 31.25 -4.81
CA LEU A 66 -19.87 31.86 -5.28
C LEU A 66 -19.97 33.34 -4.90
N GLY A 67 -19.24 33.73 -3.87
CA GLY A 67 -19.24 35.10 -3.41
C GLY A 67 -20.34 35.34 -2.40
N ASN A 68 -20.59 34.36 -1.54
CA ASN A 68 -21.41 34.53 -0.34
C ASN A 68 -21.05 35.86 0.32
N PRO A 69 -22.08 36.67 0.61
CA PRO A 69 -21.87 38.04 1.12
C PRO A 69 -20.99 38.08 2.37
N GLU A 70 -21.02 37.01 3.18
CA GLU A 70 -20.18 36.92 4.37
C GLU A 70 -18.70 36.67 4.06
N CYS A 71 -18.38 36.43 2.79
CA CYS A 71 -17.00 36.11 2.41
C CYS A 71 -16.35 37.27 1.66
N GLU A 72 -17.09 38.35 1.47
CA GLU A 72 -16.63 39.49 0.67
C GLU A 72 -15.33 40.10 1.23
N SER A 73 -15.18 40.04 2.54
CA SER A 73 -14.05 40.65 3.24
C SER A 73 -12.75 39.84 3.17
N LEU A 74 -12.84 38.60 2.72
CA LEU A 74 -11.64 37.76 2.57
C LEU A 74 -10.74 38.32 1.48
N SER A 75 -9.44 38.27 1.72
CA SER A 75 -8.49 38.59 0.66
C SER A 75 -8.13 37.30 -0.08
N THR A 76 -8.05 37.39 -1.40
CA THR A 76 -7.71 36.25 -2.22
C THR A 76 -6.53 36.55 -3.13
N ALA A 77 -5.38 35.97 -2.82
CA ALA A 77 -4.17 36.15 -3.60
C ALA A 77 -4.35 35.61 -5.03
N SER A 78 -3.34 35.80 -5.86
CA SER A 78 -3.41 35.32 -7.24
C SER A 78 -2.86 33.91 -7.31
N SER A 79 -2.39 33.39 -6.18
CA SER A 79 -1.87 32.03 -6.11
C SER A 79 -1.90 31.53 -4.68
N TRP A 80 -1.84 30.21 -4.51
CA TRP A 80 -1.84 29.59 -3.19
C TRP A 80 -1.45 28.12 -3.28
N SER A 81 -0.87 27.61 -2.20
CA SER A 81 -0.24 26.30 -2.24
C SER A 81 -1.21 25.23 -1.75
N TYR A 82 -2.12 25.62 -0.88
CA TYR A 82 -3.25 24.78 -0.46
C TYR A 82 -4.38 25.68 0.04
N ILE A 83 -5.49 25.08 0.44
CA ILE A 83 -6.59 25.86 0.98
C ILE A 83 -6.80 25.51 2.43
N VAL A 84 -7.14 26.50 3.25
CA VAL A 84 -7.49 26.24 4.64
C VAL A 84 -8.92 26.64 4.92
N GLU A 85 -9.67 25.70 5.50
CA GLU A 85 -10.97 25.99 6.07
C GLU A 85 -10.86 25.78 7.56
N THR A 86 -11.79 26.32 8.33
CA THR A 86 -11.85 26.02 9.75
C THR A 86 -12.95 24.99 9.94
N PRO A 87 -12.92 24.26 11.06
CA PRO A 87 -13.98 23.27 11.30
C PRO A 87 -15.35 23.92 11.47
N SER A 88 -15.36 25.22 11.75
CA SER A 88 -16.61 25.95 11.95
C SER A 88 -16.96 26.80 10.73
N SER A 89 -16.21 26.64 9.65
CA SER A 89 -16.45 27.38 8.42
C SER A 89 -17.65 26.81 7.68
N ASP A 90 -18.80 27.45 7.81
CA ASP A 90 -19.95 26.94 7.07
C ASP A 90 -20.75 28.01 6.35
N ASN A 91 -20.19 29.21 6.22
CA ASN A 91 -20.80 30.15 5.29
C ASN A 91 -20.55 29.71 3.85
N GLY A 92 -21.52 28.98 3.29
CA GLY A 92 -21.41 28.41 1.98
C GLY A 92 -22.51 28.88 1.04
N THR A 93 -23.33 27.93 0.59
CA THR A 93 -24.50 28.23 -0.21
C THR A 93 -25.62 28.73 0.69
N CYS A 94 -25.76 30.05 0.79
CA CYS A 94 -26.79 30.64 1.65
C CYS A 94 -28.19 30.43 1.08
N TYR A 95 -28.29 30.23 -0.24
CA TYR A 95 -29.52 29.70 -0.81
C TYR A 95 -29.37 28.18 -1.02
N PRO A 96 -30.23 27.37 -0.37
CA PRO A 96 -30.06 25.91 -0.35
C PRO A 96 -30.23 25.26 -1.72
N GLY A 97 -29.49 24.16 -1.92
CA GLY A 97 -29.53 23.41 -3.15
C GLY A 97 -28.28 22.55 -3.25
N ASP A 98 -28.08 21.92 -4.39
CA ASP A 98 -26.90 21.09 -4.57
C ASP A 98 -25.81 21.83 -5.35
N PHE A 99 -24.58 21.65 -4.87
CA PHE A 99 -23.41 22.11 -5.58
C PHE A 99 -22.86 20.88 -6.29
N ILE A 100 -23.02 20.88 -7.61
CA ILE A 100 -22.70 19.74 -8.44
C ILE A 100 -21.18 19.56 -8.57
N ASP A 101 -20.74 18.31 -8.38
CA ASP A 101 -19.33 17.95 -8.35
C ASP A 101 -18.52 18.88 -7.47
N TYR A 102 -19.06 19.15 -6.29
CA TYR A 102 -18.46 20.07 -5.35
C TYR A 102 -17.06 19.61 -4.92
N GLU A 103 -16.93 18.33 -4.58
CA GLU A 103 -15.64 17.81 -4.11
C GLU A 103 -14.59 17.85 -5.20
N GLU A 104 -15.00 17.58 -6.44
CA GLU A 104 -14.10 17.70 -7.58
C GLU A 104 -13.62 19.15 -7.75
N LEU A 105 -14.50 20.12 -7.55
CA LEU A 105 -14.12 21.54 -7.68
C LEU A 105 -13.11 21.91 -6.61
N ARG A 106 -13.37 21.48 -5.39
CA ARG A 106 -12.48 21.73 -4.26
C ARG A 106 -11.08 21.23 -4.54
N GLU A 107 -10.98 19.99 -5.01
CA GLU A 107 -9.70 19.40 -5.41
C GLU A 107 -9.04 20.17 -6.54
N GLN A 108 -9.82 20.58 -7.55
CA GLN A 108 -9.29 21.37 -8.66
C GLN A 108 -8.70 22.70 -8.18
N LEU A 109 -9.31 23.31 -7.17
CA LEU A 109 -8.95 24.66 -6.71
C LEU A 109 -7.92 24.65 -5.59
N SER A 110 -7.60 23.46 -5.10
CA SER A 110 -6.78 23.32 -3.90
C SER A 110 -5.46 24.04 -4.04
N SER A 111 -4.91 24.02 -5.25
CA SER A 111 -3.70 24.77 -5.51
C SER A 111 -3.68 25.35 -6.91
N VAL A 112 -3.30 26.61 -6.98
CA VAL A 112 -3.45 27.42 -8.16
C VAL A 112 -2.24 28.34 -8.26
N SER A 113 -1.61 28.36 -9.43
CA SER A 113 -0.41 29.17 -9.63
C SER A 113 -0.80 30.55 -10.11
N SER A 114 -2.00 30.65 -10.67
CA SER A 114 -2.52 31.93 -11.13
C SER A 114 -4.03 31.95 -10.96
N PHE A 115 -4.59 33.05 -10.49
CA PHE A 115 -6.03 33.15 -10.25
C PHE A 115 -6.50 34.59 -10.35
N GLU A 116 -7.35 34.86 -11.33
CA GLU A 116 -7.81 36.21 -11.57
C GLU A 116 -9.32 36.33 -11.74
N ARG A 117 -9.99 36.92 -10.75
CA ARG A 117 -11.39 37.20 -10.87
C ARG A 117 -11.61 38.32 -11.90
N PHE A 118 -12.58 38.13 -12.78
CA PHE A 118 -12.93 39.15 -13.76
C PHE A 118 -14.43 39.15 -14.03
N GLU A 119 -14.97 40.28 -14.46
CA GLU A 119 -16.39 40.38 -14.71
C GLU A 119 -16.73 39.83 -16.10
N ILE A 120 -17.08 38.54 -16.16
CA ILE A 120 -17.35 37.88 -17.42
C ILE A 120 -18.57 38.46 -18.15
N PHE A 121 -19.61 38.76 -17.40
CA PHE A 121 -20.79 39.43 -17.95
C PHE A 121 -21.09 40.65 -17.09
N PRO A 122 -20.59 41.83 -17.52
CA PRO A 122 -20.78 43.07 -16.74
C PRO A 122 -22.23 43.31 -16.40
N LYS A 123 -22.51 43.54 -15.13
CA LYS A 123 -23.88 43.74 -14.67
C LYS A 123 -24.56 44.92 -15.40
N THR A 124 -23.78 45.95 -15.71
CA THR A 124 -24.34 47.20 -16.21
C THR A 124 -24.78 47.14 -17.69
N SER A 125 -24.11 46.31 -18.48
CA SER A 125 -24.38 46.27 -19.92
C SER A 125 -24.93 44.94 -20.42
N SER A 126 -24.75 43.86 -19.66
CA SER A 126 -25.02 42.53 -20.20
C SER A 126 -26.50 42.18 -20.37
N TRP A 127 -27.37 42.72 -19.53
CA TRP A 127 -28.75 42.25 -19.49
C TRP A 127 -29.80 43.37 -19.70
N PRO A 128 -29.81 43.98 -20.89
CA PRO A 128 -30.75 45.08 -21.14
C PRO A 128 -32.22 44.66 -21.08
N ASN A 129 -32.51 43.39 -21.32
CA ASN A 129 -33.91 42.95 -21.36
C ASN A 129 -34.41 42.20 -20.13
N HIS A 130 -33.57 42.14 -19.10
CA HIS A 130 -33.97 41.47 -17.87
C HIS A 130 -33.62 42.33 -16.67
N ASP A 131 -34.22 42.03 -15.53
CA ASP A 131 -33.95 42.77 -14.30
C ASP A 131 -32.81 42.12 -13.52
N SER A 132 -31.72 42.87 -13.34
CA SER A 132 -30.55 42.37 -12.62
C SER A 132 -30.40 42.99 -11.23
N ASN A 133 -31.49 43.52 -10.67
CA ASN A 133 -31.42 44.15 -9.35
C ASN A 133 -32.30 43.51 -8.30
N LYS A 134 -33.44 42.98 -8.73
CA LYS A 134 -34.41 42.40 -7.80
C LYS A 134 -34.02 41.03 -7.25
N GLY A 135 -32.98 40.42 -7.81
CA GLY A 135 -32.59 39.07 -7.42
C GLY A 135 -31.85 39.05 -6.11
N VAL A 136 -32.53 39.40 -5.03
CA VAL A 136 -31.93 39.37 -3.72
C VAL A 136 -32.81 38.54 -2.80
N THR A 137 -32.27 38.09 -1.68
CA THR A 137 -33.02 37.16 -0.83
C THR A 137 -32.57 37.25 0.62
N ALA A 138 -33.51 36.98 1.52
CA ALA A 138 -33.26 37.00 2.95
C ALA A 138 -32.36 35.83 3.35
N ALA A 139 -32.32 34.80 2.50
CA ALA A 139 -31.45 33.66 2.71
C ALA A 139 -29.98 34.04 2.57
N CYS A 140 -29.71 35.13 1.85
CA CYS A 140 -28.34 35.58 1.63
C CYS A 140 -28.18 37.03 2.08
N PRO A 141 -28.29 37.28 3.39
CA PRO A 141 -28.24 38.64 3.91
C PRO A 141 -26.85 39.24 3.86
N HIS A 142 -26.79 40.54 3.60
CA HIS A 142 -25.56 41.28 3.73
C HIS A 142 -25.84 42.50 4.60
N ALA A 143 -25.28 42.51 5.80
CA ALA A 143 -25.53 43.55 6.78
C ALA A 143 -27.02 43.71 7.03
N GLY A 144 -27.72 42.60 7.20
CA GLY A 144 -29.15 42.60 7.46
C GLY A 144 -30.03 42.80 6.25
N ALA A 145 -29.52 43.46 5.22
CA ALA A 145 -30.29 43.63 3.99
C ALA A 145 -30.28 42.35 3.16
N LYS A 146 -31.36 42.10 2.45
CA LYS A 146 -31.39 41.02 1.46
C LYS A 146 -30.26 41.25 0.47
N SER A 147 -29.61 40.16 0.07
CA SER A 147 -28.53 40.24 -0.89
C SER A 147 -28.45 38.93 -1.67
N PHE A 148 -27.31 38.68 -2.31
CA PHE A 148 -27.14 37.50 -3.12
C PHE A 148 -25.65 37.31 -3.32
N TYR A 149 -25.27 36.20 -3.94
CA TYR A 149 -23.87 35.92 -4.21
C TYR A 149 -23.29 37.05 -5.03
N LYS A 150 -22.04 37.40 -4.75
CA LYS A 150 -21.34 38.43 -5.47
C LYS A 150 -21.05 38.03 -6.92
N ASN A 151 -20.73 36.75 -7.13
CA ASN A 151 -20.24 36.30 -8.44
C ASN A 151 -21.33 35.90 -9.43
N LEU A 152 -22.56 35.95 -8.97
CA LEU A 152 -23.68 35.56 -9.81
C LEU A 152 -24.77 36.64 -9.79
N ILE A 153 -25.58 36.68 -10.83
CA ILE A 153 -26.75 37.52 -10.81
C ILE A 153 -27.99 36.70 -11.04
N TRP A 154 -28.93 36.84 -10.11
CA TRP A 154 -30.21 36.17 -10.21
C TRP A 154 -31.08 37.03 -11.11
N LEU A 155 -31.05 36.75 -12.41
CA LEU A 155 -31.87 37.53 -13.34
C LEU A 155 -33.35 37.22 -13.13
N VAL A 156 -34.14 38.28 -13.23
CA VAL A 156 -35.55 38.20 -12.96
C VAL A 156 -36.23 39.01 -14.06
N LYS A 157 -37.51 38.73 -14.33
CA LYS A 157 -38.26 39.43 -15.36
C LYS A 157 -38.24 40.96 -15.23
N LYS A 158 -38.25 41.62 -16.37
CA LYS A 158 -38.26 43.08 -16.44
C LYS A 158 -39.69 43.53 -16.74
N GLY A 159 -40.37 44.01 -15.70
CA GLY A 159 -41.78 44.31 -15.81
C GLY A 159 -42.57 43.03 -15.72
N ASN A 160 -43.16 42.62 -16.85
CA ASN A 160 -43.88 41.37 -16.92
C ASN A 160 -43.35 40.49 -18.03
N SER A 161 -42.09 40.72 -18.40
CA SER A 161 -41.51 39.99 -19.51
C SER A 161 -40.14 39.42 -19.20
N TYR A 162 -39.95 38.16 -19.59
CA TYR A 162 -38.65 37.52 -19.55
C TYR A 162 -38.41 36.97 -20.93
N PRO A 163 -37.78 37.77 -21.80
CA PRO A 163 -37.48 37.31 -23.15
C PRO A 163 -36.37 36.26 -23.14
N LYS A 164 -36.28 35.51 -24.22
CA LYS A 164 -35.25 34.50 -24.35
C LYS A 164 -33.88 35.15 -24.18
N LEU A 165 -33.10 34.61 -23.26
CA LEU A 165 -31.78 35.13 -23.00
C LEU A 165 -30.79 34.32 -23.83
N SER A 166 -29.77 34.98 -24.33
CA SER A 166 -28.70 34.31 -25.05
C SER A 166 -27.48 35.16 -24.89
N LYS A 167 -26.38 34.56 -24.48
CA LYS A 167 -25.20 35.32 -24.17
C LYS A 167 -24.00 34.41 -24.22
N SER A 168 -22.99 34.84 -24.97
CA SER A 168 -21.80 34.06 -25.17
C SER A 168 -20.60 34.80 -24.63
N TYR A 169 -19.59 34.04 -24.21
CA TYR A 169 -18.33 34.59 -23.77
C TYR A 169 -17.18 33.78 -24.40
N ILE A 170 -16.25 34.48 -25.03
CA ILE A 170 -15.06 33.82 -25.57
C ILE A 170 -13.86 33.97 -24.63
N ASN A 171 -13.24 32.86 -24.30
CA ASN A 171 -12.13 32.87 -23.35
C ASN A 171 -10.89 33.50 -23.98
N ASP A 172 -10.66 34.76 -23.68
CA ASP A 172 -9.47 35.45 -24.18
C ASP A 172 -8.45 35.69 -23.07
N LYS A 173 -8.46 34.85 -22.04
CA LYS A 173 -7.57 35.04 -20.90
C LYS A 173 -6.25 34.27 -21.06
N GLY A 174 -6.14 33.54 -22.16
CA GLY A 174 -4.94 32.76 -22.41
C GLY A 174 -4.76 31.66 -21.39
N LYS A 175 -5.78 31.42 -20.58
CA LYS A 175 -5.77 30.32 -19.60
C LYS A 175 -7.19 29.84 -19.31
N GLU A 176 -7.32 28.76 -18.56
CA GLU A 176 -8.64 28.21 -18.22
C GLU A 176 -9.49 29.20 -17.47
N VAL A 177 -10.77 29.23 -17.81
CA VAL A 177 -11.69 30.05 -17.07
C VAL A 177 -12.77 29.21 -16.39
N LEU A 178 -12.81 29.30 -15.06
CA LEU A 178 -13.87 28.68 -14.28
C LEU A 178 -15.13 29.53 -14.35
N VAL A 179 -16.18 28.98 -14.94
CA VAL A 179 -17.46 29.65 -14.95
C VAL A 179 -18.47 28.90 -14.08
N LEU A 180 -19.11 29.62 -13.17
CA LEU A 180 -20.12 29.04 -12.32
C LEU A 180 -21.46 29.70 -12.63
N TRP A 181 -22.53 28.93 -12.53
CA TRP A 181 -23.87 29.48 -12.72
C TRP A 181 -24.81 28.70 -11.81
N GLY A 182 -26.03 29.21 -11.68
CA GLY A 182 -27.02 28.53 -10.88
C GLY A 182 -28.29 28.28 -11.68
N ILE A 183 -29.04 27.27 -11.27
CA ILE A 183 -30.36 27.00 -11.83
C ILE A 183 -31.31 27.09 -10.68
N HIS A 184 -32.35 27.92 -10.82
CA HIS A 184 -33.29 28.10 -9.73
C HIS A 184 -34.54 27.25 -9.89
N HIS A 185 -34.92 26.58 -8.81
CA HIS A 185 -36.08 25.69 -8.78
C HIS A 185 -37.05 26.27 -7.76
N PRO A 186 -38.05 27.02 -8.25
CA PRO A 186 -39.01 27.67 -7.34
C PRO A 186 -39.88 26.65 -6.61
N SER A 187 -40.34 27.05 -5.44
CA SER A 187 -41.27 26.26 -4.64
C SER A 187 -42.63 26.10 -5.31
N THR A 188 -43.10 27.14 -6.00
CA THR A 188 -44.46 27.12 -6.54
C THR A 188 -44.55 27.68 -7.96
N SER A 189 -45.61 27.31 -8.67
CA SER A 189 -45.91 27.90 -9.97
C SER A 189 -46.10 29.41 -9.85
N ALA A 190 -46.64 29.84 -8.71
CA ALA A 190 -46.81 31.27 -8.46
C ALA A 190 -45.45 31.95 -8.42
N ASP A 191 -44.55 31.40 -7.61
CA ASP A 191 -43.21 31.93 -7.50
C ASP A 191 -42.50 31.94 -8.86
N GLN A 192 -42.64 30.86 -9.62
CA GLN A 192 -42.11 30.79 -10.99
C GLN A 192 -42.56 31.95 -11.87
N GLN A 193 -43.86 32.24 -11.85
CA GLN A 193 -44.45 33.29 -12.69
C GLN A 193 -44.00 34.66 -12.19
N SER A 194 -44.01 34.81 -10.87
CA SER A 194 -43.61 36.05 -10.22
C SER A 194 -42.15 36.44 -10.53
N LEU A 195 -41.29 35.44 -10.66
CA LEU A 195 -39.88 35.70 -10.95
C LEU A 195 -39.59 35.78 -12.45
N TYR A 196 -40.21 34.90 -13.22
CA TYR A 196 -39.77 34.70 -14.60
C TYR A 196 -40.88 34.84 -15.64
N GLN A 197 -42.12 35.06 -15.18
CA GLN A 197 -43.28 35.14 -16.07
C GLN A 197 -43.57 33.83 -16.83
N ASN A 198 -42.58 33.33 -17.57
CA ASN A 198 -42.78 32.11 -18.35
C ASN A 198 -42.99 30.93 -17.41
N ALA A 199 -44.02 30.13 -17.66
CA ALA A 199 -44.31 29.01 -16.77
C ALA A 199 -43.45 27.79 -17.06
N ASP A 200 -43.07 27.61 -18.32
CA ASP A 200 -42.40 26.39 -18.75
C ASP A 200 -41.07 26.77 -19.40
N THR A 201 -40.02 26.75 -18.59
CA THR A 201 -38.73 27.32 -19.00
C THR A 201 -37.62 26.29 -19.09
N TYR A 202 -36.52 26.67 -19.72
CA TYR A 202 -35.32 25.86 -19.73
C TYR A 202 -34.11 26.79 -19.65
N VAL A 203 -32.97 26.21 -19.37
CA VAL A 203 -31.71 26.89 -19.43
C VAL A 203 -30.79 25.94 -20.18
N PHE A 204 -29.97 26.48 -21.08
CA PHE A 204 -28.98 25.68 -21.76
C PHE A 204 -27.62 26.32 -21.63
N VAL A 205 -26.62 25.50 -21.35
CA VAL A 205 -25.24 25.98 -21.27
C VAL A 205 -24.38 25.09 -22.18
N GLY A 206 -23.59 25.72 -23.04
CA GLY A 206 -22.78 24.94 -23.96
C GLY A 206 -21.44 25.58 -24.28
N SER A 207 -20.41 24.73 -24.35
CA SER A 207 -19.12 25.14 -24.87
C SER A 207 -18.71 24.07 -25.88
N SER A 208 -17.43 24.02 -26.22
CA SER A 208 -16.94 22.98 -27.11
C SER A 208 -16.96 21.62 -26.41
N ARG A 209 -16.80 21.60 -25.09
CA ARG A 209 -16.73 20.32 -24.39
C ARG A 209 -17.87 20.08 -23.40
N TYR A 210 -18.60 21.13 -23.05
CA TYR A 210 -19.68 20.99 -22.10
C TYR A 210 -20.98 21.23 -22.83
N SER A 211 -22.04 20.52 -22.46
CA SER A 211 -23.36 20.73 -23.06
C SER A 211 -24.46 20.13 -22.17
N LYS A 212 -25.35 20.99 -21.70
CA LYS A 212 -26.40 20.56 -20.78
C LYS A 212 -27.59 21.50 -20.79
N LYS A 213 -28.78 20.92 -20.92
CA LYS A 213 -30.05 21.62 -20.83
C LYS A 213 -30.65 21.32 -19.45
N PHE A 214 -31.17 22.35 -18.79
CA PHE A 214 -31.70 22.17 -17.45
C PHE A 214 -33.18 22.49 -17.47
N LYS A 215 -33.93 21.81 -16.60
CA LYS A 215 -35.37 22.02 -16.51
C LYS A 215 -35.72 22.28 -15.06
N PRO A 216 -36.30 23.45 -14.77
CA PRO A 216 -36.67 23.81 -13.41
C PRO A 216 -37.65 22.79 -12.83
N GLU A 217 -37.41 22.39 -11.59
CA GLU A 217 -38.28 21.43 -10.92
C GLU A 217 -39.03 22.16 -9.82
N ILE A 218 -40.30 22.45 -10.08
CA ILE A 218 -41.11 23.25 -9.19
C ILE A 218 -41.84 22.39 -8.17
N ALA A 219 -41.52 22.58 -6.90
CA ALA A 219 -42.14 21.86 -5.81
C ALA A 219 -41.68 22.48 -4.50
N ILE A 220 -42.47 22.23 -3.46
CA ILE A 220 -42.11 22.70 -2.13
C ILE A 220 -41.17 21.74 -1.42
N ARG A 221 -39.97 22.22 -1.10
CA ARG A 221 -39.01 21.51 -0.28
C ARG A 221 -39.19 21.96 1.16
N PRO A 222 -38.71 21.16 2.12
CA PRO A 222 -38.64 21.62 3.51
C PRO A 222 -37.81 22.89 3.59
N LYS A 223 -38.29 23.87 4.37
CA LYS A 223 -37.60 25.14 4.50
C LYS A 223 -36.18 24.99 5.02
N VAL A 224 -35.22 25.37 4.19
CA VAL A 224 -33.86 25.60 4.67
C VAL A 224 -33.63 27.09 4.47
N ARG A 225 -33.13 27.75 5.52
CA ARG A 225 -32.90 29.20 5.51
C ARG A 225 -34.10 29.98 4.97
N ASP A 226 -35.28 29.50 5.39
CA ASP A 226 -36.57 30.11 5.05
C ASP A 226 -37.02 29.86 3.62
N GLN A 227 -36.30 29.02 2.89
CA GLN A 227 -36.63 28.80 1.48
C GLN A 227 -37.21 27.43 1.19
N GLU A 228 -38.32 27.41 0.47
CA GLU A 228 -38.94 26.18 0.03
C GLU A 228 -38.45 25.83 -1.38
N GLY A 229 -37.78 26.79 -2.00
CA GLY A 229 -37.19 26.58 -3.30
C GLY A 229 -35.76 26.07 -3.17
N ARG A 230 -35.14 25.76 -4.29
CA ARG A 230 -33.76 25.31 -4.27
C ARG A 230 -32.98 25.97 -5.39
N MET A 231 -31.68 26.09 -5.20
CA MET A 231 -30.82 26.58 -6.26
C MET A 231 -29.64 25.61 -6.41
N ASN A 232 -29.52 25.04 -7.60
CA ASN A 232 -28.39 24.17 -7.91
C ASN A 232 -27.25 24.95 -8.55
N TYR A 233 -26.02 24.61 -8.18
CA TYR A 233 -24.84 25.32 -8.66
C TYR A 233 -23.97 24.41 -9.52
N TYR A 234 -23.59 24.93 -10.68
CA TYR A 234 -22.85 24.17 -11.68
C TYR A 234 -21.59 24.91 -12.05
N TRP A 235 -20.61 24.20 -12.58
CA TRP A 235 -19.37 24.85 -12.95
C TRP A 235 -18.73 24.11 -14.10
N THR A 236 -17.95 24.82 -14.89
CA THR A 236 -17.11 24.17 -15.89
C THR A 236 -15.89 25.01 -16.17
N LEU A 237 -14.89 24.39 -16.78
CA LEU A 237 -13.66 25.07 -17.14
C LEU A 237 -13.63 25.32 -18.64
N VAL A 238 -13.70 26.57 -19.04
CA VAL A 238 -13.66 26.89 -20.47
C VAL A 238 -12.20 27.04 -20.89
N GLU A 239 -11.80 26.29 -21.92
CA GLU A 239 -10.42 26.34 -22.40
C GLU A 239 -10.12 27.68 -23.06
N PRO A 240 -8.83 28.08 -23.11
CA PRO A 240 -8.48 29.32 -23.81
C PRO A 240 -8.95 29.28 -25.26
N GLY A 241 -9.67 30.31 -25.69
CA GLY A 241 -10.08 30.40 -27.08
C GLY A 241 -11.44 29.80 -27.32
N ASP A 242 -11.93 29.01 -26.35
CA ASP A 242 -13.26 28.41 -26.48
C ASP A 242 -14.36 29.38 -26.07
N LYS A 243 -15.55 29.11 -26.57
CA LYS A 243 -16.73 29.91 -26.29
C LYS A 243 -17.63 29.14 -25.35
N ILE A 244 -18.21 29.81 -24.35
CA ILE A 244 -19.31 29.22 -23.60
C ILE A 244 -20.56 30.06 -23.82
N THR A 245 -21.69 29.38 -24.02
CA THR A 245 -22.96 30.05 -24.31
C THR A 245 -24.02 29.74 -23.26
N PHE A 246 -24.74 30.77 -22.85
CA PHE A 246 -25.88 30.63 -21.96
C PHE A 246 -27.16 30.96 -22.68
N GLU A 247 -28.14 30.09 -22.56
CA GLU A 247 -29.44 30.34 -23.16
C GLU A 247 -30.50 30.05 -22.10
N ALA A 248 -31.51 30.89 -21.97
CA ALA A 248 -32.52 30.70 -20.92
C ALA A 248 -33.84 31.42 -21.21
N THR A 249 -34.94 30.83 -20.75
CA THR A 249 -36.21 31.53 -20.73
C THR A 249 -36.70 31.72 -19.30
N GLY A 250 -35.78 31.54 -18.34
CA GLY A 250 -36.05 31.74 -16.93
C GLY A 250 -35.08 30.93 -16.07
N ASN A 251 -35.10 31.17 -14.76
CA ASN A 251 -34.47 30.29 -13.77
C ASN A 251 -32.94 30.22 -13.81
N LEU A 252 -32.32 31.13 -14.54
CA LEU A 252 -30.87 31.15 -14.65
C LEU A 252 -30.25 32.19 -13.74
N VAL A 253 -29.43 31.71 -12.82
CA VAL A 253 -28.54 32.58 -12.07
C VAL A 253 -27.26 32.70 -12.90
N VAL A 254 -27.13 33.79 -13.64
CA VAL A 254 -26.05 33.94 -14.61
C VAL A 254 -24.75 34.25 -13.90
N PRO A 255 -23.63 33.91 -14.54
CA PRO A 255 -22.33 34.36 -14.03
C PRO A 255 -22.30 35.90 -14.05
N ARG A 256 -21.58 36.51 -13.12
CA ARG A 256 -21.23 37.91 -13.23
C ARG A 256 -19.73 37.97 -13.23
N TYR A 257 -19.12 37.40 -12.19
CA TYR A 257 -17.67 37.20 -12.17
C TYR A 257 -17.29 35.75 -12.45
N ALA A 258 -16.21 35.59 -13.20
CA ALA A 258 -15.61 34.28 -13.42
C ALA A 258 -14.12 34.40 -13.07
N PHE A 259 -13.39 33.31 -13.27
CA PHE A 259 -12.04 33.20 -12.74
C PHE A 259 -11.10 32.57 -13.73
N ALA A 260 -10.11 33.35 -14.16
CA ALA A 260 -9.05 32.85 -15.01
C ALA A 260 -8.05 32.25 -14.07
N MET A 261 -7.63 31.03 -14.38
CA MET A 261 -6.75 30.33 -13.47
C MET A 261 -5.84 29.36 -14.17
N GLU A 262 -4.73 29.08 -13.51
CA GLU A 262 -3.82 28.03 -13.91
C GLU A 262 -3.67 27.10 -12.71
N ARG A 263 -4.16 25.88 -12.86
CA ARG A 263 -4.10 24.90 -11.78
C ARG A 263 -2.72 24.30 -11.69
N ASN A 264 -2.17 24.16 -10.49
CA ASN A 264 -0.91 23.44 -10.36
C ASN A 264 -1.02 22.12 -9.61
N ALA A 265 -0.53 21.07 -10.27
CA ALA A 265 -0.46 19.71 -9.74
C ALA A 265 -1.63 19.33 -8.87
N GLY A 266 -1.36 19.24 -7.57
CA GLY A 266 -2.37 18.73 -6.66
C GLY A 266 -1.96 18.91 -5.22
N SER A 267 -2.72 19.78 -4.55
CA SER A 267 -2.53 19.98 -3.13
C SER A 267 -3.76 19.41 -2.47
N GLY A 268 -4.19 20.05 -1.40
CA GLY A 268 -5.41 19.64 -0.78
C GLY A 268 -5.91 20.74 0.11
N ILE A 269 -6.86 20.37 0.95
CA ILE A 269 -7.56 21.30 1.78
C ILE A 269 -7.44 20.90 3.23
N ILE A 270 -6.77 21.75 4.00
CA ILE A 270 -6.65 21.54 5.43
C ILE A 270 -7.79 22.22 6.18
N ILE A 271 -8.45 21.46 7.04
CA ILE A 271 -9.54 21.98 7.85
C ILE A 271 -9.11 21.98 9.30
N SER A 272 -8.82 23.16 9.82
CA SER A 272 -8.11 23.30 11.08
C SER A 272 -8.27 24.69 11.68
N ASP A 273 -8.23 24.76 13.01
CA ASP A 273 -8.18 26.04 13.73
C ASP A 273 -6.76 26.57 13.88
N THR A 274 -5.78 25.77 13.47
CA THR A 274 -4.37 26.17 13.54
C THR A 274 -4.16 27.46 12.75
N PRO A 275 -3.47 28.44 13.35
CA PRO A 275 -3.29 29.73 12.70
C PRO A 275 -2.21 29.74 11.62
N VAL A 276 -2.44 30.53 10.59
CA VAL A 276 -1.50 30.71 9.50
C VAL A 276 -0.32 31.54 10.02
N HIS A 277 0.83 31.43 9.36
CA HIS A 277 2.02 32.11 9.82
C HIS A 277 2.95 32.32 8.65
N ASP A 278 3.77 33.36 8.73
CA ASP A 278 4.75 33.63 7.69
C ASP A 278 6.00 32.79 7.91
N CYS A 279 5.85 31.48 7.75
CA CYS A 279 6.99 30.59 7.80
C CYS A 279 6.95 29.69 6.57
N ASN A 280 8.11 29.18 6.17
CA ASN A 280 8.18 28.22 5.09
C ASN A 280 8.22 26.80 5.64
N THR A 281 7.69 25.86 4.87
CA THR A 281 7.76 24.45 5.25
C THR A 281 7.76 23.61 4.00
N THR A 282 8.12 22.34 4.15
CA THR A 282 8.06 21.45 3.02
C THR A 282 7.04 20.35 3.32
N CYS A 283 6.54 20.33 4.55
CA CYS A 283 5.58 19.33 4.97
C CYS A 283 4.62 19.92 5.98
N GLN A 284 3.35 20.05 5.58
CA GLN A 284 2.33 20.65 6.42
C GLN A 284 1.33 19.61 6.92
N THR A 285 1.03 19.63 8.21
CA THR A 285 -0.03 18.80 8.73
C THR A 285 -1.14 19.73 9.17
N PRO A 286 -2.34 19.18 9.45
CA PRO A 286 -3.44 20.07 9.84
C PRO A 286 -3.20 20.80 11.16
N LYS A 287 -2.27 20.32 11.98
CA LYS A 287 -2.08 20.92 13.30
C LYS A 287 -0.74 21.64 13.46
N GLY A 288 0.05 21.65 12.39
CA GLY A 288 1.34 22.33 12.44
C GLY A 288 2.26 21.78 11.38
N ALA A 289 3.21 22.61 10.97
CA ALA A 289 4.17 22.20 9.96
C ALA A 289 5.24 21.38 10.65
N ILE A 290 5.93 20.54 9.89
CA ILE A 290 7.05 19.78 10.44
C ILE A 290 8.28 19.96 9.56
N ASN A 291 9.42 20.24 10.20
CA ASN A 291 10.67 20.40 9.46
C ASN A 291 11.67 19.35 9.92
N THR A 292 11.96 18.43 9.03
CA THR A 292 12.76 17.30 9.45
C THR A 292 13.30 16.52 8.27
N SER A 293 14.50 15.98 8.45
CA SER A 293 15.04 15.07 7.46
C SER A 293 14.67 13.65 7.87
N LEU A 294 13.98 13.50 9.00
CA LEU A 294 13.69 12.16 9.54
C LEU A 294 12.68 11.41 8.69
N PRO A 295 12.86 10.09 8.57
CA PRO A 295 12.04 9.33 7.62
C PRO A 295 10.65 9.03 8.14
N PHE A 296 10.43 9.19 9.45
CA PHE A 296 9.11 8.88 10.02
C PHE A 296 8.58 9.98 10.92
N GLN A 297 7.24 10.02 11.08
CA GLN A 297 6.60 11.00 11.94
C GLN A 297 5.31 10.47 12.49
N ASN A 298 4.98 10.84 13.72
CA ASN A 298 3.72 10.43 14.31
C ASN A 298 2.81 11.63 14.59
N ILE A 299 2.98 12.68 13.80
CA ILE A 299 2.21 13.89 14.02
C ILE A 299 0.78 13.74 13.49
N HIS A 300 0.67 13.33 12.23
CA HIS A 300 -0.63 13.28 11.56
C HIS A 300 -0.47 12.49 10.27
N PRO A 301 -1.38 11.55 10.00
CA PRO A 301 -1.33 10.78 8.76
C PRO A 301 -1.66 11.62 7.52
N ILE A 302 -2.44 12.68 7.70
CA ILE A 302 -2.90 13.48 6.58
C ILE A 302 -1.96 14.67 6.40
N THR A 303 -1.01 14.56 5.48
CA THR A 303 -0.05 15.62 5.31
C THR A 303 -0.03 16.15 3.88
N ILE A 304 0.54 17.33 3.70
CA ILE A 304 0.75 17.85 2.37
C ILE A 304 2.21 18.20 2.20
N GLY A 305 2.80 17.76 1.09
CA GLY A 305 4.18 18.11 0.79
C GLY A 305 5.07 16.88 0.66
N LYS A 306 6.37 17.10 0.83
CA LYS A 306 7.35 16.02 0.86
C LYS A 306 7.57 15.65 2.31
N CYS A 307 6.87 14.61 2.75
CA CYS A 307 6.70 14.36 4.17
C CYS A 307 7.30 13.03 4.56
N PRO A 308 7.64 12.89 5.83
CA PRO A 308 8.07 11.60 6.40
C PRO A 308 6.85 10.68 6.51
N LYS A 309 7.05 9.37 6.44
CA LYS A 309 5.92 8.45 6.54
C LYS A 309 5.29 8.52 7.92
N TYR A 310 3.96 8.52 7.96
CA TYR A 310 3.26 8.45 9.21
C TYR A 310 3.36 7.05 9.81
N VAL A 311 3.65 6.97 11.12
CA VAL A 311 3.64 5.70 11.84
C VAL A 311 2.93 5.84 13.19
N LYS A 312 2.60 4.71 13.78
CA LYS A 312 1.95 4.69 15.08
C LYS A 312 2.97 4.73 16.23
N SER A 313 4.25 4.66 15.92
CA SER A 313 5.28 4.54 16.94
C SER A 313 5.33 5.77 17.84
N THR A 314 5.79 5.58 19.07
CA THR A 314 5.99 6.68 20.00
C THR A 314 7.48 6.94 20.21
N LYS A 315 8.30 6.00 19.78
CA LYS A 315 9.75 6.06 19.98
C LYS A 315 10.47 5.22 18.93
N LEU A 316 11.27 5.86 18.09
CA LEU A 316 12.09 5.13 17.13
C LEU A 316 13.53 5.58 17.26
N ARG A 317 14.17 5.10 18.32
CA ARG A 317 15.48 5.57 18.67
C ARG A 317 16.53 4.55 18.21
N LEU A 318 17.38 4.99 17.30
CA LEU A 318 18.39 4.17 16.67
C LEU A 318 19.67 4.33 17.49
N ALA A 319 20.25 3.21 17.90
CA ALA A 319 21.51 3.28 18.65
C ALA A 319 22.65 3.65 17.70
N THR A 320 23.53 4.52 18.16
CA THR A 320 24.73 4.80 17.40
C THR A 320 25.98 4.41 18.20
N GLY A 321 25.93 4.70 19.51
CA GLY A 321 27.02 4.32 20.40
C GLY A 321 26.84 2.92 20.95
N LEU A 322 27.47 2.62 22.08
CA LEU A 322 27.45 1.27 22.61
C LEU A 322 26.74 1.26 23.93
N ARG A 323 26.56 0.07 24.50
CA ARG A 323 25.87 -0.06 25.77
C ARG A 323 26.67 0.76 26.77
N ASN A 324 25.98 1.53 27.60
CA ASN A 324 26.64 2.46 28.48
C ASN A 324 26.74 1.83 29.86
N ILE A 325 27.96 1.55 30.31
CA ILE A 325 28.18 0.78 31.53
C ILE A 325 29.21 1.50 32.39
N PRO A 326 28.79 2.61 33.03
CA PRO A 326 29.74 3.40 33.81
C PRO A 326 30.19 2.69 35.09
N SER A 327 31.37 3.06 35.57
CA SER A 327 31.96 2.51 36.81
C SER A 327 31.82 1.00 36.93
N GLY B 4 61.55 -21.85 8.26
CA GLY B 4 60.86 -23.13 8.27
C GLY B 4 59.78 -23.25 7.20
N ASP B 5 59.21 -24.43 7.07
CA ASP B 5 58.09 -24.65 6.17
C ASP B 5 56.91 -23.80 6.61
N THR B 6 56.13 -23.28 5.66
CA THR B 6 54.99 -22.44 6.04
C THR B 6 53.65 -22.83 5.43
N LEU B 7 52.59 -22.47 6.14
CA LEU B 7 51.23 -22.61 5.66
C LEU B 7 50.48 -21.30 6.00
N CYS B 8 49.88 -20.71 4.98
CA CYS B 8 49.17 -19.45 5.15
C CYS B 8 47.72 -19.62 4.76
N ILE B 9 46.85 -18.96 5.49
CA ILE B 9 45.44 -18.97 5.15
C ILE B 9 45.14 -17.65 4.49
N GLY B 10 44.40 -17.68 3.39
CA GLY B 10 44.05 -16.44 2.73
C GLY B 10 42.77 -16.55 1.95
N TYR B 11 42.52 -15.55 1.12
CA TYR B 11 41.27 -15.47 0.41
C TYR B 11 41.46 -14.84 -0.96
N HIS B 12 40.54 -15.15 -1.86
CA HIS B 12 40.62 -14.77 -3.26
C HIS B 12 40.60 -13.27 -3.46
N ALA B 13 41.42 -12.81 -4.39
CA ALA B 13 41.30 -11.45 -4.90
C ALA B 13 41.35 -11.55 -6.41
N ASN B 14 40.78 -10.56 -7.10
CA ASN B 14 40.78 -10.58 -8.56
C ASN B 14 40.80 -9.16 -9.14
N ASN B 15 40.53 -9.03 -10.42
CA ASN B 15 40.56 -7.70 -11.03
C ASN B 15 39.18 -7.07 -11.20
N SER B 16 38.19 -7.62 -10.50
CA SER B 16 36.86 -7.01 -10.47
C SER B 16 36.89 -5.57 -9.98
N THR B 17 36.08 -4.74 -10.63
CA THR B 17 35.93 -3.34 -10.25
C THR B 17 34.49 -3.10 -9.74
N ASP B 18 33.69 -4.17 -9.76
CA ASP B 18 32.32 -4.13 -9.23
C ASP B 18 32.32 -3.55 -7.83
N THR B 19 31.44 -2.58 -7.59
CA THR B 19 31.27 -2.09 -6.23
C THR B 19 29.85 -2.32 -5.76
N VAL B 20 29.69 -2.43 -4.44
CA VAL B 20 28.38 -2.50 -3.83
C VAL B 20 28.39 -1.55 -2.67
N ASP B 21 27.21 -1.18 -2.21
CA ASP B 21 27.11 -0.41 -0.99
C ASP B 21 26.77 -1.37 0.15
N THR B 22 27.26 -1.04 1.35
CA THR B 22 26.87 -1.76 2.56
C THR B 22 26.37 -0.72 3.53
N VAL B 23 25.76 -1.16 4.62
CA VAL B 23 25.26 -0.24 5.62
C VAL B 23 26.37 0.59 6.31
N LEU B 24 27.58 0.05 6.38
CA LEU B 24 28.66 0.76 7.06
C LEU B 24 29.51 1.54 6.08
N GLU B 25 29.49 1.14 4.82
CA GLU B 25 30.45 1.67 3.88
C GLU B 25 29.91 1.67 2.47
N LYS B 26 29.96 2.82 1.82
CA LYS B 26 29.57 2.90 0.40
C LYS B 26 30.72 2.52 -0.51
N ASN B 27 30.37 2.01 -1.69
CA ASN B 27 31.33 1.69 -2.74
C ASN B 27 32.44 0.73 -2.31
N VAL B 28 32.04 -0.41 -1.79
CA VAL B 28 33.02 -1.44 -1.47
C VAL B 28 33.27 -2.26 -2.73
N THR B 29 34.53 -2.40 -3.11
CA THR B 29 34.89 -3.23 -4.26
C THR B 29 34.87 -4.70 -3.87
N VAL B 30 34.12 -5.50 -4.63
CA VAL B 30 33.95 -6.91 -4.29
C VAL B 30 34.38 -7.81 -5.43
N THR B 31 34.73 -9.05 -5.13
CA THR B 31 35.26 -9.93 -6.18
C THR B 31 34.16 -10.43 -7.10
N HIS B 32 32.94 -10.52 -6.58
CA HIS B 32 31.81 -10.98 -7.37
C HIS B 32 30.54 -10.34 -6.82
N SER B 33 29.56 -10.15 -7.70
CA SER B 33 28.31 -9.54 -7.31
C SER B 33 27.26 -9.81 -8.36
N VAL B 34 25.99 -9.58 -8.01
CA VAL B 34 24.89 -9.76 -8.95
C VAL B 34 23.95 -8.57 -8.84
N ASN B 35 23.36 -8.20 -9.97
CA ASN B 35 22.39 -7.13 -10.01
C ASN B 35 21.00 -7.67 -9.67
N LEU B 36 20.27 -6.96 -8.82
CA LEU B 36 18.90 -7.30 -8.48
C LEU B 36 17.92 -6.44 -9.25
N LEU B 37 18.44 -5.43 -9.95
CA LEU B 37 17.60 -4.41 -10.58
C LEU B 37 17.60 -4.55 -12.09
N GLU B 38 16.43 -4.79 -12.66
CA GLU B 38 16.29 -4.80 -14.12
C GLU B 38 16.16 -3.38 -14.65
N ASP B 39 17.13 -2.98 -15.48
CA ASP B 39 17.10 -1.66 -16.10
C ASP B 39 17.13 -1.72 -17.63
N LYS B 40 16.91 -2.91 -18.18
CA LYS B 40 16.92 -3.13 -19.62
C LYS B 40 15.54 -3.57 -20.11
N HIS B 41 15.15 -3.05 -21.27
CA HIS B 41 13.95 -3.50 -21.97
C HIS B 41 14.31 -3.60 -23.44
N ASN B 42 13.47 -4.26 -24.24
CA ASN B 42 13.76 -4.46 -25.66
C ASN B 42 13.21 -3.40 -26.62
N GLY B 43 12.61 -2.34 -26.09
CA GLY B 43 12.06 -1.27 -26.91
C GLY B 43 10.96 -1.72 -27.87
N LYS B 44 10.30 -2.82 -27.55
CA LYS B 44 9.21 -3.29 -28.37
C LYS B 44 7.95 -3.53 -27.55
N LEU B 45 6.80 -3.43 -28.21
CA LEU B 45 5.55 -3.84 -27.59
C LEU B 45 5.24 -5.23 -28.07
N CYS B 46 5.25 -6.19 -27.15
CA CYS B 46 5.28 -7.58 -27.53
C CYS B 46 3.99 -8.30 -27.25
N LYS B 47 3.97 -9.58 -27.61
CA LYS B 47 2.83 -10.41 -27.31
C LYS B 47 2.88 -10.81 -25.84
N LEU B 48 1.76 -10.61 -25.15
CA LEU B 48 1.64 -10.97 -23.75
C LEU B 48 0.85 -12.26 -23.68
N ARG B 49 1.28 -13.20 -22.86
CA ARG B 49 0.66 -14.52 -22.79
C ARG B 49 0.62 -15.14 -24.19
N GLY B 50 1.64 -14.87 -25.02
CA GLY B 50 1.64 -15.34 -26.40
C GLY B 50 0.55 -14.77 -27.29
N VAL B 51 -0.14 -13.72 -26.84
CA VAL B 51 -1.20 -13.11 -27.63
C VAL B 51 -0.85 -11.66 -27.97
N ALA B 52 -0.94 -11.31 -29.25
CA ALA B 52 -0.57 -9.97 -29.69
C ALA B 52 -1.55 -8.92 -29.16
N PRO B 53 -1.06 -7.68 -29.00
CA PRO B 53 -2.00 -6.64 -28.61
C PRO B 53 -2.77 -6.17 -29.83
N LEU B 54 -3.90 -5.53 -29.59
CA LEU B 54 -4.64 -4.87 -30.65
C LEU B 54 -4.07 -3.47 -30.79
N HIS B 55 -3.50 -3.18 -31.96
CA HIS B 55 -2.93 -1.86 -32.22
C HIS B 55 -3.87 -0.99 -33.06
N LEU B 56 -4.23 0.18 -32.55
CA LEU B 56 -5.29 0.96 -33.16
C LEU B 56 -4.80 2.06 -34.11
N GLY B 57 -3.49 2.14 -34.28
CA GLY B 57 -2.90 3.13 -35.17
C GLY B 57 -3.21 4.57 -34.77
N LYS B 58 -3.74 5.33 -35.73
CA LYS B 58 -4.11 6.73 -35.49
C LYS B 58 -5.53 6.84 -34.96
N CYS B 59 -6.13 5.71 -34.61
CA CYS B 59 -7.45 5.71 -34.01
C CYS B 59 -7.36 5.47 -32.50
N ASN B 60 -8.28 6.07 -31.75
CA ASN B 60 -8.46 5.69 -30.35
C ASN B 60 -9.57 4.65 -30.23
N ILE B 61 -9.86 4.19 -29.02
CA ILE B 61 -10.83 3.11 -28.82
C ILE B 61 -12.25 3.54 -29.24
N ALA B 62 -12.60 4.78 -28.99
CA ALA B 62 -13.92 5.25 -29.37
C ALA B 62 -14.09 5.22 -30.89
N GLY B 63 -13.07 5.68 -31.61
CA GLY B 63 -13.11 5.66 -33.07
C GLY B 63 -13.16 4.23 -33.59
N TRP B 64 -12.29 3.40 -33.03
CA TRP B 64 -12.22 2.01 -33.45
C TRP B 64 -13.54 1.27 -33.18
N ILE B 65 -14.09 1.43 -31.98
CA ILE B 65 -15.27 0.66 -31.61
C ILE B 65 -16.56 1.19 -32.25
N LEU B 66 -16.60 2.48 -32.58
CA LEU B 66 -17.76 3.02 -33.30
C LEU B 66 -17.64 2.78 -34.80
N GLY B 67 -16.40 2.62 -35.27
CA GLY B 67 -16.17 2.43 -36.69
C GLY B 67 -16.00 3.74 -37.45
N ASN B 68 -15.26 4.66 -36.85
CA ASN B 68 -14.79 5.86 -37.55
C ASN B 68 -14.21 5.43 -38.89
N PRO B 69 -14.57 6.14 -39.96
CA PRO B 69 -14.17 5.79 -41.34
C PRO B 69 -12.65 5.61 -41.48
N GLU B 70 -11.90 6.37 -40.69
CA GLU B 70 -10.44 6.32 -40.73
C GLU B 70 -9.89 5.08 -40.02
N CYS B 71 -10.75 4.33 -39.34
CA CYS B 71 -10.32 3.14 -38.60
C CYS B 71 -10.67 1.87 -39.37
N GLU B 72 -11.22 2.04 -40.57
CA GLU B 72 -11.70 0.91 -41.37
C GLU B 72 -10.58 -0.05 -41.75
N SER B 73 -9.44 0.52 -42.13
CA SER B 73 -8.31 -0.26 -42.63
C SER B 73 -7.57 -0.98 -41.52
N LEU B 74 -7.84 -0.61 -40.27
CA LEU B 74 -7.28 -1.35 -39.14
C LEU B 74 -7.76 -2.79 -39.19
N SER B 75 -6.87 -3.70 -38.78
CA SER B 75 -7.24 -5.11 -38.67
C SER B 75 -7.51 -5.44 -37.20
N THR B 76 -8.62 -6.14 -36.95
CA THR B 76 -9.00 -6.52 -35.59
C THR B 76 -9.03 -8.03 -35.44
N ALA B 77 -8.08 -8.56 -34.66
CA ALA B 77 -8.06 -9.98 -34.37
C ALA B 77 -9.29 -10.37 -33.56
N SER B 78 -9.52 -11.66 -33.43
CA SER B 78 -10.66 -12.12 -32.64
C SER B 78 -10.27 -12.20 -31.16
N SER B 79 -9.00 -11.95 -30.88
CA SER B 79 -8.55 -11.88 -29.49
C SER B 79 -7.33 -10.98 -29.38
N TRP B 80 -7.12 -10.43 -28.18
CA TRP B 80 -5.93 -9.63 -27.90
C TRP B 80 -5.62 -9.56 -26.40
N SER B 81 -4.34 -9.37 -26.09
CA SER B 81 -3.89 -9.42 -24.70
C SER B 81 -3.95 -8.03 -24.05
N TYR B 82 -3.74 -7.00 -24.87
CA TYR B 82 -3.90 -5.60 -24.44
C TYR B 82 -4.11 -4.72 -25.65
N ILE B 83 -4.38 -3.44 -25.42
CA ILE B 83 -4.60 -2.52 -26.53
C ILE B 83 -3.54 -1.44 -26.53
N VAL B 84 -3.11 -1.03 -27.71
CA VAL B 84 -2.16 0.05 -27.85
C VAL B 84 -2.76 1.21 -28.66
N GLU B 85 -2.74 2.41 -28.09
CA GLU B 85 -3.00 3.63 -28.83
C GLU B 85 -1.69 4.37 -28.86
N THR B 86 -1.55 5.32 -29.78
CA THR B 86 -0.37 6.17 -29.82
C THR B 86 -0.73 7.51 -29.21
N PRO B 87 0.26 8.31 -28.79
CA PRO B 87 -0.04 9.64 -28.24
C PRO B 87 -0.70 10.61 -29.24
N SER B 88 -0.71 10.26 -30.53
CA SER B 88 -1.29 11.14 -31.54
C SER B 88 -2.54 10.52 -32.16
N SER B 89 -3.01 9.42 -31.57
CA SER B 89 -4.22 8.72 -32.00
C SER B 89 -5.46 9.55 -31.69
N ASP B 90 -5.89 10.36 -32.64
CA ASP B 90 -6.96 11.32 -32.39
C ASP B 90 -8.24 11.05 -33.18
N ASN B 91 -8.28 10.00 -33.99
CA ASN B 91 -9.52 9.68 -34.69
C ASN B 91 -10.48 8.92 -33.77
N GLY B 92 -11.46 9.65 -33.25
CA GLY B 92 -12.41 9.07 -32.32
C GLY B 92 -13.84 9.35 -32.73
N THR B 93 -14.54 10.09 -31.89
CA THR B 93 -15.91 10.49 -32.15
C THR B 93 -15.88 11.72 -33.06
N CYS B 94 -15.89 11.48 -34.36
CA CYS B 94 -15.82 12.58 -35.33
C CYS B 94 -17.02 13.52 -35.24
N TYR B 95 -18.19 13.00 -34.86
CA TYR B 95 -19.32 13.89 -34.59
C TYR B 95 -19.34 14.18 -33.09
N PRO B 96 -19.17 15.46 -32.72
CA PRO B 96 -18.87 15.85 -31.33
C PRO B 96 -19.99 15.51 -30.38
N GLY B 97 -19.61 15.21 -29.14
CA GLY B 97 -20.55 14.90 -28.09
C GLY B 97 -19.88 14.00 -27.07
N ASP B 98 -20.67 13.51 -26.12
CA ASP B 98 -20.12 12.74 -25.01
C ASP B 98 -20.23 11.23 -25.21
N PHE B 99 -19.15 10.52 -24.87
CA PHE B 99 -19.13 9.06 -24.88
C PHE B 99 -19.31 8.60 -23.43
N ILE B 100 -20.51 8.12 -23.11
CA ILE B 100 -20.87 7.84 -21.73
C ILE B 100 -20.17 6.59 -21.18
N ASP B 101 -19.57 6.72 -19.99
CA ASP B 101 -18.81 5.64 -19.36
C ASP B 101 -17.74 5.10 -20.29
N TYR B 102 -17.00 6.02 -20.91
CA TYR B 102 -16.00 5.67 -21.90
C TYR B 102 -14.80 4.98 -21.27
N GLU B 103 -14.37 5.45 -20.10
CA GLU B 103 -13.22 4.84 -19.43
C GLU B 103 -13.59 3.43 -19.02
N GLU B 104 -14.81 3.23 -18.51
CA GLU B 104 -15.26 1.87 -18.20
C GLU B 104 -15.20 0.94 -19.40
N LEU B 105 -15.64 1.43 -20.57
CA LEU B 105 -15.63 0.62 -21.79
C LEU B 105 -14.21 0.21 -22.19
N ARG B 106 -13.30 1.17 -22.15
CA ARG B 106 -11.90 0.92 -22.49
C ARG B 106 -11.34 -0.16 -21.57
N GLU B 107 -11.67 -0.05 -20.29
CA GLU B 107 -11.23 -0.98 -19.27
C GLU B 107 -11.79 -2.37 -19.60
N GLN B 108 -13.08 -2.43 -19.94
CA GLN B 108 -13.76 -3.67 -20.35
C GLN B 108 -13.18 -4.33 -21.59
N LEU B 109 -12.75 -3.51 -22.55
CA LEU B 109 -12.23 -4.01 -23.81
C LEU B 109 -10.72 -4.28 -23.80
N SER B 110 -10.04 -3.92 -22.72
CA SER B 110 -8.58 -3.97 -22.71
C SER B 110 -8.04 -5.36 -23.09
N SER B 111 -8.64 -6.40 -22.54
CA SER B 111 -8.27 -7.72 -22.99
C SER B 111 -9.46 -8.60 -23.28
N VAL B 112 -9.37 -9.32 -24.39
CA VAL B 112 -10.47 -10.10 -24.90
C VAL B 112 -9.98 -11.46 -25.42
N SER B 113 -10.60 -12.53 -24.94
CA SER B 113 -10.22 -13.88 -25.41
C SER B 113 -11.00 -14.26 -26.65
N SER B 114 -12.07 -13.52 -26.93
CA SER B 114 -12.93 -13.78 -28.08
C SER B 114 -13.71 -12.52 -28.43
N PHE B 115 -13.78 -12.19 -29.73
CA PHE B 115 -14.35 -10.93 -30.18
C PHE B 115 -14.78 -11.02 -31.63
N GLU B 116 -16.09 -10.95 -31.88
CA GLU B 116 -16.59 -11.09 -33.23
C GLU B 116 -17.66 -10.06 -33.57
N ARG B 117 -17.36 -9.24 -34.56
CA ARG B 117 -18.34 -8.29 -35.08
C ARG B 117 -19.43 -9.05 -35.83
N PHE B 118 -20.69 -8.73 -35.57
CA PHE B 118 -21.77 -9.27 -36.39
C PHE B 118 -22.81 -8.17 -36.66
N GLU B 119 -23.63 -8.35 -37.68
CA GLU B 119 -24.61 -7.31 -38.02
C GLU B 119 -25.90 -7.53 -37.21
N ILE B 120 -25.98 -6.86 -36.07
CA ILE B 120 -27.09 -7.05 -35.16
C ILE B 120 -28.44 -6.60 -35.77
N PHE B 121 -28.39 -5.53 -36.55
CA PHE B 121 -29.58 -5.03 -37.24
C PHE B 121 -29.16 -4.76 -38.67
N PRO B 122 -29.39 -5.74 -39.56
CA PRO B 122 -28.97 -5.59 -40.96
C PRO B 122 -29.57 -4.35 -41.63
N LYS B 123 -28.72 -3.59 -42.31
CA LYS B 123 -29.10 -2.34 -42.93
C LYS B 123 -30.26 -2.48 -43.92
N THR B 124 -30.21 -3.53 -44.74
CA THR B 124 -31.16 -3.73 -45.83
C THR B 124 -32.57 -4.14 -45.41
N SER B 125 -32.72 -4.72 -44.23
CA SER B 125 -34.01 -5.29 -43.86
C SER B 125 -34.57 -4.80 -42.54
N SER B 126 -33.75 -4.13 -41.73
CA SER B 126 -34.19 -3.74 -40.38
C SER B 126 -35.13 -2.52 -40.30
N TRP B 127 -35.05 -1.62 -41.28
CA TRP B 127 -35.73 -0.34 -41.12
C TRP B 127 -36.62 0.00 -42.32
N PRO B 128 -37.70 -0.77 -42.49
CA PRO B 128 -38.59 -0.52 -43.63
C PRO B 128 -39.30 0.83 -43.58
N ASN B 129 -39.43 1.47 -42.41
CA ASN B 129 -40.21 2.71 -42.34
C ASN B 129 -39.33 3.94 -42.10
N HIS B 130 -38.03 3.76 -42.24
CA HIS B 130 -37.13 4.85 -41.95
C HIS B 130 -36.09 4.92 -43.04
N ASP B 131 -35.38 6.05 -43.15
CA ASP B 131 -34.34 6.15 -44.16
C ASP B 131 -32.97 5.82 -43.55
N SER B 132 -32.31 4.80 -44.07
CA SER B 132 -31.04 4.38 -43.49
C SER B 132 -29.87 4.68 -44.42
N ASN B 133 -30.09 5.55 -45.40
CA ASN B 133 -29.05 5.85 -46.38
C ASN B 133 -28.64 7.31 -46.44
N LYS B 134 -29.31 8.17 -45.69
CA LYS B 134 -28.99 9.60 -45.71
C LYS B 134 -28.15 10.05 -44.51
N GLY B 135 -27.82 9.11 -43.63
CA GLY B 135 -27.20 9.46 -42.36
C GLY B 135 -25.71 9.67 -42.44
N VAL B 136 -25.29 10.63 -43.25
CA VAL B 136 -23.88 10.94 -43.39
C VAL B 136 -23.68 12.41 -43.04
N THR B 137 -22.43 12.80 -42.83
CA THR B 137 -22.13 14.13 -42.35
C THR B 137 -20.70 14.47 -42.70
N ALA B 138 -20.44 15.75 -42.90
CA ALA B 138 -19.11 16.23 -43.21
C ALA B 138 -18.21 16.15 -41.98
N ALA B 139 -18.82 15.91 -40.81
CA ALA B 139 -18.07 15.75 -39.57
C ALA B 139 -17.28 14.44 -39.58
N CYS B 140 -17.77 13.49 -40.37
CA CYS B 140 -17.12 12.19 -40.47
C CYS B 140 -16.80 11.89 -41.93
N PRO B 141 -15.88 12.68 -42.51
CA PRO B 141 -15.56 12.47 -43.92
C PRO B 141 -14.77 11.20 -44.13
N HIS B 142 -14.99 10.56 -45.27
CA HIS B 142 -14.17 9.46 -45.72
C HIS B 142 -13.81 9.71 -47.17
N ALA B 143 -12.50 9.76 -47.44
CA ALA B 143 -12.00 10.06 -48.79
C ALA B 143 -12.60 11.36 -49.31
N GLY B 144 -12.82 12.31 -48.39
CA GLY B 144 -13.38 13.60 -48.73
C GLY B 144 -14.90 13.64 -48.76
N ALA B 145 -15.52 12.49 -49.01
CA ALA B 145 -16.97 12.40 -49.08
C ALA B 145 -17.60 12.36 -47.69
N LYS B 146 -18.82 12.87 -47.58
CA LYS B 146 -19.60 12.74 -46.36
C LYS B 146 -19.79 11.27 -46.00
N SER B 147 -19.54 10.92 -44.75
CA SER B 147 -19.73 9.54 -44.29
C SER B 147 -20.20 9.47 -42.84
N PHE B 148 -19.95 8.33 -42.20
CA PHE B 148 -20.37 8.12 -40.81
C PHE B 148 -19.67 6.92 -40.22
N TYR B 149 -19.89 6.69 -38.92
CA TYR B 149 -19.35 5.51 -38.24
C TYR B 149 -19.86 4.26 -38.92
N LYS B 150 -18.99 3.29 -39.08
CA LYS B 150 -19.35 2.03 -39.71
C LYS B 150 -20.40 1.23 -38.93
N ASN B 151 -20.33 1.27 -37.60
CA ASN B 151 -21.09 0.32 -36.78
C ASN B 151 -22.44 0.83 -36.30
N LEU B 152 -22.74 2.07 -36.65
CA LEU B 152 -24.03 2.67 -36.32
C LEU B 152 -24.69 3.12 -37.59
N ILE B 153 -26.02 3.21 -37.56
CA ILE B 153 -26.74 3.88 -38.62
C ILE B 153 -27.52 5.04 -38.07
N TRP B 154 -27.34 6.19 -38.70
CA TRP B 154 -28.05 7.40 -38.33
C TRP B 154 -29.35 7.40 -39.14
N LEU B 155 -30.42 6.91 -38.53
CA LEU B 155 -31.74 6.90 -39.17
C LEU B 155 -32.34 8.29 -39.27
N VAL B 156 -32.98 8.52 -40.39
CA VAL B 156 -33.55 9.79 -40.69
C VAL B 156 -34.95 9.48 -41.20
N LYS B 157 -35.85 10.47 -41.16
CA LYS B 157 -37.21 10.28 -41.62
C LYS B 157 -37.26 9.79 -43.06
N LYS B 158 -38.33 9.09 -43.40
CA LYS B 158 -38.50 8.62 -44.76
C LYS B 158 -39.67 9.42 -45.35
N GLY B 159 -39.42 10.12 -46.45
CA GLY B 159 -40.41 11.04 -46.95
C GLY B 159 -40.64 12.12 -45.91
N ASN B 160 -41.86 12.23 -45.41
CA ASN B 160 -42.17 13.22 -44.39
C ASN B 160 -42.48 12.56 -43.06
N SER B 161 -41.95 11.35 -42.84
CA SER B 161 -42.41 10.60 -41.69
C SER B 161 -41.34 9.80 -40.92
N TYR B 162 -41.41 9.91 -39.60
CA TYR B 162 -40.60 9.09 -38.69
C TYR B 162 -41.54 8.43 -37.71
N PRO B 163 -42.07 7.26 -38.09
CA PRO B 163 -42.98 6.57 -37.17
C PRO B 163 -42.19 5.97 -35.99
N LYS B 164 -42.90 5.63 -34.94
CA LYS B 164 -42.23 5.03 -33.81
C LYS B 164 -41.57 3.75 -34.27
N LEU B 165 -40.31 3.65 -33.89
CA LEU B 165 -39.42 2.54 -34.17
C LEU B 165 -39.40 1.65 -32.93
N SER B 166 -39.42 0.35 -33.12
CA SER B 166 -39.25 -0.58 -32.02
C SER B 166 -38.53 -1.81 -32.55
N LYS B 167 -37.33 -2.04 -32.05
CA LYS B 167 -36.48 -3.07 -32.62
C LYS B 167 -35.79 -3.80 -31.48
N SER B 168 -35.84 -5.13 -31.53
CA SER B 168 -35.27 -5.92 -30.47
C SER B 168 -34.24 -6.91 -30.98
N TYR B 169 -33.32 -7.27 -30.09
CA TYR B 169 -32.37 -8.30 -30.41
C TYR B 169 -32.21 -9.22 -29.20
N ILE B 170 -32.28 -10.51 -29.45
CA ILE B 170 -32.05 -11.50 -28.40
C ILE B 170 -30.65 -12.05 -28.56
N ASN B 171 -29.86 -12.00 -27.49
CA ASN B 171 -28.51 -12.50 -27.53
C ASN B 171 -28.45 -14.04 -27.53
N ASP B 172 -28.22 -14.60 -28.72
CA ASP B 172 -28.09 -16.04 -28.91
C ASP B 172 -26.64 -16.35 -29.24
N LYS B 173 -25.72 -15.51 -28.79
CA LYS B 173 -24.33 -15.69 -29.15
C LYS B 173 -23.60 -16.57 -28.15
N GLY B 174 -24.25 -16.86 -27.03
CA GLY B 174 -23.65 -17.71 -26.02
C GLY B 174 -22.63 -16.97 -25.19
N LYS B 175 -22.44 -15.70 -25.51
CA LYS B 175 -21.55 -14.86 -24.75
C LYS B 175 -22.04 -13.41 -24.79
N GLU B 176 -21.38 -12.55 -24.03
CA GLU B 176 -21.76 -11.14 -23.98
C GLU B 176 -21.72 -10.46 -25.34
N VAL B 177 -22.73 -9.63 -25.61
CA VAL B 177 -22.73 -8.83 -26.83
C VAL B 177 -22.61 -7.36 -26.48
N LEU B 178 -21.60 -6.71 -27.02
CA LEU B 178 -21.44 -5.29 -26.83
C LEU B 178 -22.25 -4.54 -27.89
N VAL B 179 -23.25 -3.80 -27.44
CA VAL B 179 -24.07 -2.97 -28.32
C VAL B 179 -23.81 -1.49 -28.04
N LEU B 180 -23.52 -0.74 -29.09
CA LEU B 180 -23.35 0.70 -29.00
C LEU B 180 -24.41 1.41 -29.83
N TRP B 181 -24.69 2.65 -29.44
CA TRP B 181 -25.68 3.45 -30.15
C TRP B 181 -25.48 4.91 -29.83
N GLY B 182 -26.16 5.76 -30.59
CA GLY B 182 -26.00 7.19 -30.38
C GLY B 182 -27.34 7.87 -30.21
N ILE B 183 -27.30 9.02 -29.55
CA ILE B 183 -28.46 9.88 -29.47
C ILE B 183 -28.05 11.18 -30.13
N HIS B 184 -28.83 11.63 -31.10
CA HIS B 184 -28.51 12.89 -31.78
C HIS B 184 -29.25 14.07 -31.17
N HIS B 185 -28.49 15.13 -30.87
CA HIS B 185 -29.01 16.37 -30.32
C HIS B 185 -28.85 17.53 -31.30
N PRO B 186 -29.90 17.85 -32.07
CA PRO B 186 -29.79 18.84 -33.12
C PRO B 186 -29.55 20.26 -32.62
N SER B 187 -28.92 21.07 -33.46
CA SER B 187 -28.67 22.48 -33.16
C SER B 187 -29.96 23.29 -33.09
N THR B 188 -30.93 22.99 -33.96
CA THR B 188 -32.18 23.78 -34.03
C THR B 188 -33.45 22.94 -34.22
N SER B 189 -34.59 23.53 -33.87
CA SER B 189 -35.91 23.00 -34.21
C SER B 189 -36.02 22.64 -35.70
N ALA B 190 -35.47 23.49 -36.56
CA ALA B 190 -35.55 23.26 -38.00
C ALA B 190 -34.77 22.02 -38.39
N ASP B 191 -33.61 21.85 -37.76
CA ASP B 191 -32.77 20.71 -38.04
C ASP B 191 -33.47 19.44 -37.54
N GLN B 192 -34.11 19.55 -36.39
CA GLN B 192 -34.88 18.45 -35.82
C GLN B 192 -35.96 18.00 -36.81
N GLN B 193 -36.69 18.95 -37.36
CA GLN B 193 -37.79 18.65 -38.29
C GLN B 193 -37.27 18.09 -39.62
N SER B 194 -36.18 18.65 -40.14
CA SER B 194 -35.61 18.18 -41.40
C SER B 194 -35.12 16.73 -41.28
N LEU B 195 -34.60 16.38 -40.12
CA LEU B 195 -34.07 15.04 -39.93
C LEU B 195 -35.16 14.06 -39.51
N TYR B 196 -36.03 14.45 -38.58
CA TYR B 196 -36.91 13.49 -37.90
C TYR B 196 -38.39 13.81 -38.00
N GLN B 197 -38.71 14.90 -38.68
CA GLN B 197 -40.09 15.38 -38.78
C GLN B 197 -40.71 15.76 -37.42
N ASN B 198 -40.80 14.81 -36.51
CA ASN B 198 -41.37 15.03 -35.18
C ASN B 198 -40.57 16.00 -34.32
N ALA B 199 -41.25 16.97 -33.74
CA ALA B 199 -40.59 18.05 -32.98
C ALA B 199 -40.20 17.59 -31.59
N ASP B 200 -41.04 16.73 -31.02
CA ASP B 200 -40.88 16.29 -29.65
C ASP B 200 -40.69 14.79 -29.67
N THR B 201 -39.48 14.33 -29.34
CA THR B 201 -39.11 12.94 -29.51
C THR B 201 -38.45 12.31 -28.29
N TYR B 202 -38.31 10.99 -28.30
CA TYR B 202 -37.61 10.28 -27.24
C TYR B 202 -36.93 9.07 -27.82
N VAL B 203 -35.95 8.57 -27.10
CA VAL B 203 -35.35 7.30 -27.40
C VAL B 203 -35.37 6.50 -26.11
N PHE B 204 -35.76 5.24 -26.21
CA PHE B 204 -35.70 4.36 -25.08
C PHE B 204 -34.90 3.11 -25.43
N VAL B 205 -33.94 2.78 -24.59
CA VAL B 205 -33.18 1.54 -24.74
C VAL B 205 -33.36 0.72 -23.47
N GLY B 206 -33.73 -0.55 -23.64
CA GLY B 206 -33.94 -1.40 -22.49
C GLY B 206 -33.42 -2.82 -22.66
N SER B 207 -32.97 -3.41 -21.56
CA SER B 207 -32.70 -4.83 -21.53
C SER B 207 -33.29 -5.37 -20.22
N SER B 208 -32.88 -6.56 -19.80
CA SER B 208 -33.31 -7.08 -18.49
C SER B 208 -32.63 -6.28 -17.39
N ARG B 209 -31.45 -5.77 -17.73
CA ARG B 209 -30.56 -5.06 -16.82
C ARG B 209 -30.67 -3.54 -17.02
N TYR B 210 -30.74 -3.10 -18.28
CA TYR B 210 -30.58 -1.71 -18.67
C TYR B 210 -31.93 -1.10 -18.99
N SER B 211 -32.12 0.17 -18.61
CA SER B 211 -33.36 0.87 -18.87
C SER B 211 -33.12 2.36 -18.80
N LYS B 212 -33.21 3.02 -19.95
CA LYS B 212 -33.00 4.46 -20.00
C LYS B 212 -33.77 5.15 -21.12
N LYS B 213 -34.36 6.29 -20.76
CA LYS B 213 -35.05 7.15 -21.71
C LYS B 213 -34.16 8.34 -21.98
N PHE B 214 -34.02 8.70 -23.25
CA PHE B 214 -33.21 9.84 -23.63
C PHE B 214 -34.10 10.87 -24.29
N LYS B 215 -33.87 12.14 -23.97
CA LYS B 215 -34.60 13.25 -24.56
C LYS B 215 -33.61 14.16 -25.27
N PRO B 216 -33.84 14.42 -26.55
CA PRO B 216 -32.92 15.29 -27.29
C PRO B 216 -32.93 16.70 -26.71
N GLU B 217 -31.76 17.31 -26.66
CA GLU B 217 -31.58 18.67 -26.18
C GLU B 217 -31.13 19.50 -27.38
N ILE B 218 -32.05 20.33 -27.85
CA ILE B 218 -31.85 21.11 -29.05
C ILE B 218 -31.33 22.48 -28.65
N ALA B 219 -30.18 22.83 -29.16
CA ALA B 219 -29.57 24.12 -28.88
C ALA B 219 -28.36 24.26 -29.77
N ILE B 220 -27.99 25.50 -30.05
CA ILE B 220 -26.77 25.78 -30.77
C ILE B 220 -25.61 25.70 -29.76
N ARG B 221 -24.67 24.81 -30.03
CA ARG B 221 -23.46 24.72 -29.26
C ARG B 221 -22.42 25.37 -30.13
N PRO B 222 -21.32 25.85 -29.52
CA PRO B 222 -20.16 26.28 -30.32
C PRO B 222 -19.73 25.16 -31.28
N LYS B 223 -19.31 25.53 -32.48
CA LYS B 223 -18.99 24.53 -33.48
C LYS B 223 -17.80 23.67 -33.13
N VAL B 224 -17.98 22.36 -33.31
CA VAL B 224 -16.87 21.44 -33.26
C VAL B 224 -16.93 20.62 -34.53
N ARG B 225 -15.84 20.62 -35.30
CA ARG B 225 -15.80 19.95 -36.59
C ARG B 225 -17.02 20.34 -37.42
N ASP B 226 -17.34 21.62 -37.32
CA ASP B 226 -18.40 22.26 -38.10
C ASP B 226 -19.81 21.90 -37.63
N GLN B 227 -19.95 21.25 -36.49
CA GLN B 227 -21.28 20.90 -35.98
C GLN B 227 -21.65 21.71 -34.75
N GLU B 228 -22.84 22.31 -34.80
CA GLU B 228 -23.41 23.03 -33.67
C GLU B 228 -24.31 22.12 -32.84
N GLY B 229 -24.67 20.98 -33.41
CA GLY B 229 -25.40 19.97 -32.67
C GLY B 229 -24.41 19.05 -31.97
N ARG B 230 -24.92 17.99 -31.35
CA ARG B 230 -24.06 17.05 -30.63
C ARG B 230 -24.62 15.65 -30.73
N MET B 231 -23.75 14.66 -30.63
CA MET B 231 -24.18 13.28 -30.61
C MET B 231 -23.56 12.58 -29.40
N ASN B 232 -24.41 12.00 -28.55
CA ASN B 232 -23.88 11.25 -27.42
C ASN B 232 -23.85 9.77 -27.74
N TYR B 233 -22.89 9.07 -27.15
CA TYR B 233 -22.69 7.66 -27.45
C TYR B 233 -22.84 6.83 -26.18
N TYR B 234 -23.52 5.70 -26.34
CA TYR B 234 -23.84 4.83 -25.24
C TYR B 234 -23.51 3.39 -25.59
N TRP B 235 -23.38 2.57 -24.57
CA TRP B 235 -23.07 1.18 -24.79
C TRP B 235 -23.58 0.39 -23.64
N THR B 236 -23.88 -0.88 -23.90
CA THR B 236 -24.18 -1.81 -22.83
C THR B 236 -23.78 -3.20 -23.27
N LEU B 237 -23.59 -4.08 -22.29
CA LEU B 237 -23.22 -5.47 -22.56
C LEU B 237 -24.44 -6.31 -22.33
N VAL B 238 -24.87 -6.99 -23.39
CA VAL B 238 -26.05 -7.81 -23.31
C VAL B 238 -25.64 -9.24 -22.94
N GLU B 239 -26.11 -9.70 -21.78
CA GLU B 239 -25.85 -11.06 -21.33
C GLU B 239 -26.44 -12.07 -22.29
N PRO B 240 -25.83 -13.27 -22.36
CA PRO B 240 -26.36 -14.35 -23.19
C PRO B 240 -27.80 -14.63 -22.82
N GLY B 241 -28.63 -14.88 -23.83
CA GLY B 241 -30.03 -15.16 -23.59
C GLY B 241 -30.90 -13.93 -23.31
N ASP B 242 -30.29 -12.76 -23.15
CA ASP B 242 -31.06 -11.56 -22.81
C ASP B 242 -31.50 -10.78 -24.06
N LYS B 243 -32.52 -9.95 -23.89
CA LYS B 243 -33.01 -9.14 -24.99
C LYS B 243 -32.73 -7.65 -24.77
N ILE B 244 -32.24 -6.97 -25.82
CA ILE B 244 -32.17 -5.52 -25.82
C ILE B 244 -33.19 -4.89 -26.82
N THR B 245 -33.89 -3.87 -26.37
CA THR B 245 -34.92 -3.23 -27.19
C THR B 245 -34.63 -1.74 -27.39
N PHE B 246 -34.68 -1.31 -28.65
CA PHE B 246 -34.58 0.10 -29.01
C PHE B 246 -35.94 0.61 -29.40
N GLU B 247 -36.25 1.81 -28.92
CA GLU B 247 -37.49 2.45 -29.22
C GLU B 247 -37.18 3.93 -29.45
N ALA B 248 -37.82 4.52 -30.46
CA ALA B 248 -37.53 5.91 -30.78
C ALA B 248 -38.61 6.56 -31.62
N THR B 249 -38.85 7.85 -31.38
CA THR B 249 -39.61 8.67 -32.29
C THR B 249 -38.72 9.68 -33.03
N GLY B 250 -37.40 9.50 -32.90
CA GLY B 250 -36.42 10.27 -33.64
C GLY B 250 -35.10 10.27 -32.91
N ASN B 251 -34.05 10.81 -33.53
CA ASN B 251 -32.79 11.14 -32.84
C ASN B 251 -31.93 9.94 -32.45
N LEU B 252 -32.36 8.75 -32.85
CA LEU B 252 -31.61 7.55 -32.50
C LEU B 252 -30.64 7.12 -33.59
N VAL B 253 -29.38 6.99 -33.23
CA VAL B 253 -28.40 6.43 -34.12
C VAL B 253 -28.30 4.95 -33.79
N VAL B 254 -28.97 4.12 -34.58
CA VAL B 254 -29.12 2.70 -34.23
C VAL B 254 -27.86 1.90 -34.43
N PRO B 255 -27.70 0.80 -33.67
CA PRO B 255 -26.62 -0.14 -33.94
C PRO B 255 -26.80 -0.78 -35.29
N ARG B 256 -25.70 -1.02 -36.00
CA ARG B 256 -25.74 -1.86 -37.19
C ARG B 256 -24.89 -3.10 -36.92
N TYR B 257 -23.65 -2.86 -36.47
CA TYR B 257 -22.81 -3.95 -36.05
C TYR B 257 -22.66 -3.93 -34.55
N ALA B 258 -22.66 -5.13 -33.97
CA ALA B 258 -22.40 -5.30 -32.54
C ALA B 258 -21.28 -6.33 -32.38
N PHE B 259 -20.91 -6.64 -31.15
CA PHE B 259 -19.73 -7.47 -30.92
C PHE B 259 -19.96 -8.51 -29.86
N ALA B 260 -19.94 -9.77 -30.30
CA ALA B 260 -19.95 -10.90 -29.41
C ALA B 260 -18.57 -10.98 -28.78
N MET B 261 -18.49 -11.03 -27.46
CA MET B 261 -17.16 -11.06 -26.86
C MET B 261 -17.08 -11.82 -25.54
N GLU B 262 -15.86 -12.26 -25.24
CA GLU B 262 -15.55 -12.88 -23.97
C GLU B 262 -14.34 -12.13 -23.41
N ARG B 263 -14.55 -11.42 -22.31
CA ARG B 263 -13.48 -10.61 -21.76
C ARG B 263 -12.63 -11.52 -20.91
N ASN B 264 -11.34 -11.25 -20.82
CA ASN B 264 -10.52 -12.01 -19.91
C ASN B 264 -9.75 -11.16 -18.92
N ALA B 265 -9.86 -11.53 -17.65
CA ALA B 265 -8.98 -11.05 -16.58
C ALA B 265 -8.73 -9.56 -16.58
N GLY B 266 -7.51 -9.19 -16.19
CA GLY B 266 -7.16 -7.80 -16.01
C GLY B 266 -5.95 -7.37 -16.81
N SER B 267 -6.21 -6.83 -17.99
CA SER B 267 -5.15 -6.16 -18.74
C SER B 267 -5.41 -4.66 -18.74
N GLY B 268 -4.83 -3.98 -19.72
CA GLY B 268 -4.93 -2.53 -19.77
C GLY B 268 -4.62 -1.97 -21.15
N ILE B 269 -4.43 -0.66 -21.18
CA ILE B 269 -4.20 0.04 -22.43
C ILE B 269 -2.88 0.78 -22.35
N ILE B 270 -2.02 0.55 -23.33
CA ILE B 270 -0.77 1.25 -23.41
C ILE B 270 -0.86 2.34 -24.46
N ILE B 271 -0.45 3.55 -24.09
CA ILE B 271 -0.41 4.65 -25.03
C ILE B 271 1.04 4.99 -25.34
N SER B 272 1.50 4.55 -26.51
CA SER B 272 2.92 4.66 -26.86
C SER B 272 3.23 4.64 -28.36
N ASP B 273 4.35 5.24 -28.75
CA ASP B 273 4.82 5.22 -30.13
C ASP B 273 5.71 4.03 -30.40
N THR B 274 5.94 3.24 -29.36
CA THR B 274 6.85 2.12 -29.42
C THR B 274 6.27 1.06 -30.35
N PRO B 275 7.08 0.60 -31.32
CA PRO B 275 6.57 -0.34 -32.33
C PRO B 275 6.21 -1.70 -31.75
N VAL B 276 5.15 -2.30 -32.29
CA VAL B 276 4.80 -3.67 -31.94
C VAL B 276 5.65 -4.61 -32.80
N HIS B 277 6.03 -5.75 -32.23
CA HIS B 277 6.98 -6.65 -32.85
C HIS B 277 6.56 -8.07 -32.54
N ASP B 278 6.96 -9.01 -33.39
CA ASP B 278 6.68 -10.42 -33.13
C ASP B 278 7.66 -10.97 -32.09
N CYS B 279 7.37 -10.70 -30.83
CA CYS B 279 8.17 -11.22 -29.71
C CYS B 279 7.19 -11.53 -28.57
N ASN B 280 7.46 -12.53 -27.74
CA ASN B 280 6.64 -12.64 -26.56
C ASN B 280 7.34 -12.10 -25.34
N THR B 281 6.54 -11.78 -24.32
CA THR B 281 7.05 -11.30 -23.07
C THR B 281 6.07 -11.72 -21.97
N THR B 282 6.46 -11.49 -20.72
CA THR B 282 5.56 -11.74 -19.60
C THR B 282 5.35 -10.41 -18.86
N CYS B 283 6.05 -9.38 -19.31
CA CYS B 283 5.98 -8.08 -18.67
C CYS B 283 6.18 -7.00 -19.71
N GLN B 284 5.14 -6.19 -19.91
CA GLN B 284 5.15 -5.13 -20.91
C GLN B 284 5.07 -3.74 -20.27
N THR B 285 5.96 -2.86 -20.69
CA THR B 285 5.88 -1.46 -20.30
C THR B 285 5.63 -0.67 -21.58
N PRO B 286 5.16 0.59 -21.47
CA PRO B 286 4.85 1.40 -22.65
C PRO B 286 6.08 1.68 -23.52
N LYS B 287 7.27 1.55 -22.94
CA LYS B 287 8.48 1.86 -23.69
C LYS B 287 9.24 0.62 -24.14
N GLY B 288 8.76 -0.55 -23.74
CA GLY B 288 9.39 -1.79 -24.15
C GLY B 288 9.10 -2.92 -23.18
N ALA B 289 9.37 -4.15 -23.62
CA ALA B 289 9.11 -5.33 -22.81
C ALA B 289 10.29 -5.67 -21.91
N ILE B 290 10.01 -6.38 -20.82
CA ILE B 290 11.04 -6.78 -19.88
C ILE B 290 11.08 -8.28 -19.79
N ASN B 291 12.27 -8.85 -19.95
CA ASN B 291 12.47 -10.28 -19.75
C ASN B 291 13.50 -10.48 -18.64
N THR B 292 13.02 -10.67 -17.42
CA THR B 292 13.93 -10.80 -16.29
C THR B 292 13.31 -11.67 -15.21
N SER B 293 14.16 -12.23 -14.36
CA SER B 293 13.70 -12.94 -13.19
C SER B 293 13.85 -12.05 -11.96
N LEU B 294 14.47 -10.89 -12.15
CA LEU B 294 14.76 -9.99 -11.05
C LEU B 294 13.50 -9.40 -10.40
N PRO B 295 13.57 -9.15 -9.09
CA PRO B 295 12.39 -8.69 -8.33
C PRO B 295 12.10 -7.19 -8.48
N PHE B 296 13.04 -6.42 -9.00
CA PHE B 296 12.86 -4.98 -9.11
C PHE B 296 13.23 -4.44 -10.49
N GLN B 297 12.62 -3.33 -10.86
CA GLN B 297 12.89 -2.72 -12.15
C GLN B 297 12.71 -1.23 -12.02
N ASN B 298 13.44 -0.46 -12.82
CA ASN B 298 13.27 0.99 -12.84
C ASN B 298 12.91 1.50 -14.22
N ILE B 299 12.39 0.63 -15.06
CA ILE B 299 11.97 0.99 -16.40
C ILE B 299 10.72 1.88 -16.43
N HIS B 300 9.64 1.41 -15.82
CA HIS B 300 8.37 2.12 -15.88
C HIS B 300 7.43 1.60 -14.80
N PRO B 301 6.73 2.52 -14.11
CA PRO B 301 5.76 2.13 -13.08
C PRO B 301 4.53 1.48 -13.67
N ILE B 302 4.19 1.81 -14.91
CA ILE B 302 2.94 1.30 -15.47
C ILE B 302 3.23 0.11 -16.34
N THR B 303 2.98 -1.07 -15.81
CA THR B 303 3.33 -2.29 -16.50
C THR B 303 2.12 -3.19 -16.62
N ILE B 304 2.19 -4.14 -17.55
CA ILE B 304 1.20 -5.16 -17.69
C ILE B 304 1.89 -6.53 -17.75
N GLY B 305 1.42 -7.46 -16.92
CA GLY B 305 1.96 -8.79 -16.93
C GLY B 305 2.42 -9.20 -15.56
N LYS B 306 3.40 -10.11 -15.52
CA LYS B 306 4.01 -10.55 -14.27
C LYS B 306 5.35 -9.86 -14.19
N CYS B 307 5.35 -8.73 -13.50
CA CYS B 307 6.43 -7.78 -13.62
C CYS B 307 7.15 -7.58 -12.29
N PRO B 308 8.43 -7.18 -12.36
CA PRO B 308 9.18 -6.80 -11.17
C PRO B 308 8.57 -5.55 -10.56
N LYS B 309 8.79 -5.32 -9.28
CA LYS B 309 8.28 -4.12 -8.62
C LYS B 309 9.04 -2.90 -9.10
N TYR B 310 8.32 -1.84 -9.41
CA TYR B 310 8.96 -0.61 -9.83
C TYR B 310 9.58 0.10 -8.64
N VAL B 311 10.82 0.53 -8.81
CA VAL B 311 11.52 1.23 -7.75
C VAL B 311 12.25 2.43 -8.39
N LYS B 312 12.45 3.48 -7.60
CA LYS B 312 13.21 4.65 -8.01
C LYS B 312 14.71 4.39 -8.05
N SER B 313 15.14 3.19 -7.68
CA SER B 313 16.56 2.86 -7.60
C SER B 313 17.28 2.93 -8.94
N THR B 314 18.51 3.44 -8.89
CA THR B 314 19.37 3.43 -10.06
C THR B 314 20.34 2.23 -9.99
N LYS B 315 20.53 1.69 -8.79
CA LYS B 315 21.51 0.61 -8.59
C LYS B 315 21.16 -0.30 -7.41
N LEU B 316 21.02 -1.59 -7.67
CA LEU B 316 20.81 -2.57 -6.60
C LEU B 316 21.74 -3.76 -6.80
N ARG B 317 22.97 -3.59 -6.33
CA ARG B 317 24.00 -4.56 -6.58
C ARG B 317 24.25 -5.38 -5.31
N LEU B 318 24.15 -6.69 -5.46
CA LEU B 318 24.24 -7.57 -4.32
C LEU B 318 25.60 -8.23 -4.31
N ALA B 319 26.33 -8.05 -3.22
CA ALA B 319 27.59 -8.76 -3.01
C ALA B 319 27.33 -10.24 -2.95
N THR B 320 28.10 -11.01 -3.70
CA THR B 320 28.11 -12.45 -3.51
C THR B 320 29.51 -12.86 -3.06
N GLY B 321 30.51 -12.20 -3.62
CA GLY B 321 31.90 -12.47 -3.31
C GLY B 321 32.43 -11.65 -2.15
N LEU B 322 33.74 -11.51 -2.11
CA LEU B 322 34.44 -10.95 -0.97
C LEU B 322 34.82 -9.55 -1.30
N ARG B 323 35.10 -8.77 -0.26
CA ARG B 323 35.81 -7.52 -0.41
C ARG B 323 37.07 -7.83 -1.21
N ASN B 324 37.27 -7.09 -2.30
CA ASN B 324 38.35 -7.35 -3.21
C ASN B 324 39.59 -6.50 -2.90
N ILE B 325 40.63 -7.15 -2.40
CA ILE B 325 41.85 -6.48 -1.95
C ILE B 325 43.07 -7.15 -2.58
N PRO B 326 43.35 -6.83 -3.85
CA PRO B 326 44.45 -7.48 -4.58
C PRO B 326 45.82 -6.89 -4.25
N ASP C 2 46.29 -41.92 35.10
CA ASP C 2 46.88 -40.67 34.62
C ASP C 2 46.08 -39.88 33.55
N PRO C 3 45.14 -40.53 32.83
CA PRO C 3 44.23 -39.67 32.06
C PRO C 3 43.55 -38.70 33.01
N GLY C 4 43.68 -37.41 32.71
CA GLY C 4 43.12 -36.40 33.58
C GLY C 4 41.60 -36.37 33.55
N ASP C 5 41.02 -35.78 34.58
CA ASP C 5 39.63 -35.38 34.61
C ASP C 5 39.32 -34.48 33.42
N THR C 6 38.07 -34.46 32.99
CA THR C 6 37.70 -33.66 31.84
C THR C 6 36.48 -32.81 32.08
N LEU C 7 36.42 -31.71 31.34
CA LEU C 7 35.27 -30.84 31.34
C LEU C 7 35.00 -30.48 29.90
N CYS C 8 33.80 -30.76 29.41
CA CYS C 8 33.45 -30.47 28.04
C CYS C 8 32.35 -29.42 28.00
N ILE C 9 32.43 -28.54 27.00
CA ILE C 9 31.41 -27.56 26.76
C ILE C 9 30.59 -28.07 25.58
N GLY C 10 29.27 -27.98 25.68
CA GLY C 10 28.47 -28.49 24.58
C GLY C 10 27.08 -27.91 24.52
N TYR C 11 26.27 -28.43 23.60
CA TYR C 11 24.97 -27.87 23.36
C TYR C 11 23.91 -28.94 23.21
N HIS C 12 22.68 -28.53 23.49
CA HIS C 12 21.52 -29.40 23.56
C HIS C 12 21.22 -29.99 22.18
N ALA C 13 20.86 -31.26 22.16
CA ALA C 13 20.17 -31.83 21.00
C ALA C 13 18.97 -32.57 21.56
N ASN C 14 17.97 -32.83 20.73
CA ASN C 14 16.75 -33.50 21.20
C ASN C 14 16.10 -34.26 20.05
N ASN C 15 14.86 -34.70 20.25
CA ASN C 15 14.21 -35.50 19.24
C ASN C 15 13.40 -34.70 18.22
N SER C 16 13.43 -33.37 18.34
CA SER C 16 12.66 -32.51 17.46
C SER C 16 13.02 -32.72 16.00
N THR C 17 11.99 -32.73 15.16
CA THR C 17 12.14 -32.83 13.71
C THR C 17 11.71 -31.51 13.03
N ASP C 18 11.41 -30.49 13.83
CA ASP C 18 11.10 -29.16 13.29
C ASP C 18 12.19 -28.68 12.36
N THR C 19 11.81 -28.18 11.19
CA THR C 19 12.77 -27.58 10.29
C THR C 19 12.41 -26.12 10.06
N VAL C 20 13.41 -25.32 9.74
CA VAL C 20 13.20 -23.93 9.35
C VAL C 20 14.08 -23.60 8.17
N ASP C 21 13.73 -22.57 7.41
CA ASP C 21 14.63 -22.11 6.36
C ASP C 21 15.42 -20.93 6.86
N THR C 22 16.66 -20.85 6.42
CA THR C 22 17.52 -19.72 6.74
C THR C 22 17.94 -19.16 5.41
N VAL C 23 18.49 -17.96 5.43
CA VAL C 23 18.91 -17.31 4.21
C VAL C 23 20.01 -18.11 3.50
N LEU C 24 20.80 -18.87 4.27
CA LEU C 24 21.89 -19.65 3.68
C LEU C 24 21.50 -21.11 3.38
N GLU C 25 20.55 -21.64 4.11
CA GLU C 25 20.26 -23.07 4.01
C GLU C 25 18.79 -23.36 4.24
N LYS C 26 18.22 -24.21 3.38
CA LYS C 26 16.84 -24.67 3.53
C LYS C 26 16.79 -25.80 4.53
N ASN C 27 15.61 -26.00 5.10
CA ASN C 27 15.26 -27.18 5.87
C ASN C 27 16.33 -27.56 6.90
N VAL C 28 16.64 -26.61 7.77
CA VAL C 28 17.56 -26.86 8.86
C VAL C 28 16.75 -27.34 10.02
N THR C 29 17.13 -28.49 10.58
CA THR C 29 16.42 -29.05 11.72
C THR C 29 16.84 -28.33 12.97
N VAL C 30 15.88 -27.89 13.77
CA VAL C 30 16.22 -27.16 14.99
C VAL C 30 15.57 -27.80 16.19
N THR C 31 16.07 -27.49 17.37
CA THR C 31 15.61 -28.14 18.60
C THR C 31 14.28 -27.57 19.06
N HIS C 32 14.05 -26.29 18.76
CA HIS C 32 12.82 -25.58 19.10
C HIS C 32 12.47 -24.54 18.03
N SER C 33 11.18 -24.32 17.85
CA SER C 33 10.71 -23.34 16.86
C SER C 33 9.27 -22.95 17.18
N VAL C 34 8.83 -21.84 16.58
CA VAL C 34 7.47 -21.36 16.71
C VAL C 34 6.95 -20.95 15.33
N ASN C 35 5.66 -21.16 15.11
CA ASN C 35 5.04 -20.74 13.86
C ASN C 35 4.62 -19.28 13.96
N LEU C 36 4.86 -18.51 12.90
CA LEU C 36 4.43 -17.11 12.86
C LEU C 36 3.18 -16.99 12.01
N LEU C 37 2.85 -18.08 11.32
CA LEU C 37 1.79 -18.05 10.34
C LEU C 37 0.56 -18.77 10.88
N GLU C 38 -0.53 -18.03 11.06
CA GLU C 38 -1.80 -18.65 11.42
C GLU C 38 -2.43 -19.27 10.18
N ASP C 39 -2.63 -20.59 10.22
CA ASP C 39 -3.28 -21.28 9.11
C ASP C 39 -4.55 -22.05 9.53
N LYS C 40 -5.06 -21.72 10.70
CA LYS C 40 -6.20 -22.39 11.29
C LYS C 40 -7.35 -21.43 11.56
N HIS C 41 -8.57 -21.87 11.26
CA HIS C 41 -9.77 -21.09 11.53
C HIS C 41 -10.82 -22.07 12.03
N ASN C 42 -11.86 -21.58 12.67
CA ASN C 42 -12.82 -22.44 13.35
C ASN C 42 -14.03 -22.85 12.50
N GLY C 43 -14.01 -22.48 11.22
CA GLY C 43 -15.06 -22.86 10.29
C GLY C 43 -16.42 -22.28 10.63
N LYS C 44 -16.43 -21.22 11.44
CA LYS C 44 -17.65 -20.62 11.93
C LYS C 44 -17.66 -19.12 11.61
N LEU C 45 -18.87 -18.60 11.40
CA LEU C 45 -19.08 -17.16 11.39
C LEU C 45 -19.48 -16.78 12.81
N CYS C 46 -18.70 -15.90 13.43
CA CYS C 46 -18.81 -15.67 14.85
C CYS C 46 -19.26 -14.27 15.17
N LYS C 47 -19.52 -14.05 16.45
CA LYS C 47 -19.86 -12.72 16.88
C LYS C 47 -18.60 -11.88 16.80
N LEU C 48 -18.75 -10.63 16.37
CA LEU C 48 -17.63 -9.71 16.32
C LEU C 48 -17.88 -8.64 17.37
N ARG C 49 -16.88 -8.32 18.17
CA ARG C 49 -17.03 -7.37 19.29
C ARG C 49 -18.17 -7.81 20.23
N GLY C 50 -18.37 -9.10 20.36
CA GLY C 50 -19.43 -9.62 21.19
C GLY C 50 -20.83 -9.43 20.62
N VAL C 51 -20.93 -9.04 19.35
CA VAL C 51 -22.24 -8.87 18.71
C VAL C 51 -22.41 -9.80 17.52
N ALA C 52 -23.55 -10.48 17.44
CA ALA C 52 -23.80 -11.41 16.35
C ALA C 52 -23.96 -10.68 15.01
N PRO C 53 -23.62 -11.36 13.91
CA PRO C 53 -23.88 -10.78 12.60
C PRO C 53 -25.35 -10.92 12.26
N LEU C 54 -25.82 -10.07 11.36
CA LEU C 54 -27.16 -10.20 10.84
C LEU C 54 -27.08 -11.15 9.66
N HIS C 55 -27.78 -12.28 9.77
CA HIS C 55 -27.74 -13.28 8.71
C HIS C 55 -29.01 -13.21 7.89
N LEU C 56 -28.86 -13.07 6.58
CA LEU C 56 -30.00 -12.76 5.73
C LEU C 56 -30.65 -13.98 5.09
N GLY C 57 -30.11 -15.17 5.36
CA GLY C 57 -30.68 -16.38 4.85
C GLY C 57 -30.69 -16.40 3.33
N LYS C 58 -31.86 -16.54 2.75
CA LYS C 58 -31.98 -16.64 1.31
C LYS C 58 -32.26 -15.28 0.68
N CYS C 59 -32.23 -14.24 1.50
CA CYS C 59 -32.44 -12.88 1.01
C CYS C 59 -31.12 -12.15 0.88
N ASN C 60 -31.07 -11.21 -0.05
CA ASN C 60 -29.98 -10.29 -0.10
C ASN C 60 -30.40 -9.00 0.63
N ILE C 61 -29.49 -8.06 0.80
CA ILE C 61 -29.80 -6.83 1.51
C ILE C 61 -31.01 -6.08 0.92
N ALA C 62 -31.18 -6.13 -0.40
CA ALA C 62 -32.31 -5.45 -1.02
C ALA C 62 -33.63 -6.09 -0.58
N GLY C 63 -33.71 -7.42 -0.63
CA GLY C 63 -34.93 -8.12 -0.23
C GLY C 63 -35.23 -7.84 1.24
N TRP C 64 -34.20 -7.92 2.06
CA TRP C 64 -34.34 -7.69 3.48
C TRP C 64 -34.85 -6.26 3.77
N ILE C 65 -34.18 -5.25 3.23
CA ILE C 65 -34.52 -3.86 3.58
C ILE C 65 -35.84 -3.36 2.97
N LEU C 66 -36.21 -3.88 1.80
CA LEU C 66 -37.50 -3.57 1.20
C LEU C 66 -38.68 -4.33 1.84
N GLY C 67 -38.38 -5.50 2.40
CA GLY C 67 -39.39 -6.33 3.02
C GLY C 67 -39.97 -7.30 2.00
N ASN C 68 -39.09 -7.86 1.19
CA ASN C 68 -39.49 -8.94 0.29
C ASN C 68 -40.18 -10.02 1.14
N PRO C 69 -41.36 -10.46 0.71
CA PRO C 69 -42.20 -11.41 1.47
C PRO C 69 -41.40 -12.60 2.00
N GLU C 70 -40.46 -13.11 1.19
CA GLU C 70 -39.58 -14.21 1.59
C GLU C 70 -38.64 -13.86 2.76
N CYS C 71 -38.58 -12.59 3.15
CA CYS C 71 -37.62 -12.16 4.16
C CYS C 71 -38.31 -11.85 5.48
N GLU C 72 -39.63 -11.94 5.47
CA GLU C 72 -40.43 -11.60 6.64
C GLU C 72 -40.13 -12.58 7.78
N SER C 73 -39.73 -13.79 7.40
CA SER C 73 -39.36 -14.84 8.35
C SER C 73 -38.06 -14.56 9.13
N LEU C 74 -37.19 -13.72 8.56
CA LEU C 74 -35.91 -13.39 9.19
C LEU C 74 -36.09 -12.60 10.48
N SER C 75 -35.21 -12.83 11.43
CA SER C 75 -35.19 -12.03 12.66
C SER C 75 -34.16 -10.94 12.51
N THR C 76 -34.54 -9.72 12.87
CA THR C 76 -33.64 -8.59 12.81
C THR C 76 -33.42 -8.03 14.19
N ALA C 77 -32.22 -8.22 14.71
CA ALA C 77 -31.85 -7.66 15.99
C ALA C 77 -31.75 -6.16 15.87
N SER C 78 -31.77 -5.48 17.00
CA SER C 78 -31.61 -4.04 17.03
C SER C 78 -30.17 -3.61 16.76
N SER C 79 -29.24 -4.57 16.69
CA SER C 79 -27.85 -4.26 16.30
C SER C 79 -27.12 -5.47 15.72
N TRP C 80 -26.03 -5.21 15.00
CA TRP C 80 -25.23 -6.29 14.43
C TRP C 80 -23.83 -5.76 14.04
N SER C 81 -22.88 -6.68 13.97
CA SER C 81 -21.48 -6.31 13.78
C SER C 81 -21.05 -6.44 12.33
N TYR C 82 -21.77 -7.25 11.56
CA TYR C 82 -21.61 -7.36 10.11
C TYR C 82 -22.81 -8.09 9.55
N ILE C 83 -22.83 -8.27 8.23
CA ILE C 83 -23.98 -8.91 7.60
C ILE C 83 -23.50 -10.11 6.80
N VAL C 84 -24.28 -11.18 6.82
CA VAL C 84 -23.96 -12.38 6.07
C VAL C 84 -25.05 -12.65 5.05
N GLU C 85 -24.67 -12.73 3.78
CA GLU C 85 -25.54 -13.26 2.74
C GLU C 85 -24.90 -14.56 2.32
N THR C 86 -25.68 -15.44 1.71
CA THR C 86 -25.13 -16.67 1.21
C THR C 86 -24.93 -16.48 -0.28
N PRO C 87 -24.04 -17.28 -0.89
CA PRO C 87 -23.84 -17.19 -2.34
C PRO C 87 -25.13 -17.39 -3.14
N SER C 88 -26.08 -18.14 -2.58
CA SER C 88 -27.33 -18.37 -3.29
C SER C 88 -28.49 -17.45 -2.87
N SER C 89 -28.21 -16.49 -1.99
CA SER C 89 -29.25 -15.58 -1.50
C SER C 89 -29.71 -14.69 -2.64
N ASP C 90 -30.83 -15.05 -3.27
CA ASP C 90 -31.28 -14.25 -4.39
C ASP C 90 -32.68 -13.64 -4.23
N ASN C 91 -33.26 -13.68 -3.02
CA ASN C 91 -34.52 -12.98 -2.80
C ASN C 91 -34.28 -11.50 -2.56
N GLY C 92 -34.52 -10.70 -3.60
CA GLY C 92 -34.17 -9.30 -3.55
C GLY C 92 -35.34 -8.48 -4.02
N THR C 93 -35.13 -7.70 -5.07
CA THR C 93 -36.19 -6.89 -5.65
C THR C 93 -37.05 -7.79 -6.55
N CYS C 94 -38.12 -8.33 -5.99
CA CYS C 94 -38.97 -9.24 -6.76
C CYS C 94 -39.71 -8.52 -7.91
N TYR C 95 -39.95 -7.22 -7.77
CA TYR C 95 -40.42 -6.47 -8.92
C TYR C 95 -39.18 -5.80 -9.53
N PRO C 96 -38.90 -6.08 -10.82
CA PRO C 96 -37.64 -5.68 -11.45
C PRO C 96 -37.48 -4.18 -11.56
N GLY C 97 -36.23 -3.74 -11.40
CA GLY C 97 -35.89 -2.34 -11.57
C GLY C 97 -34.51 -2.13 -11.00
N ASP C 98 -34.13 -0.86 -10.87
CA ASP C 98 -32.82 -0.53 -10.36
C ASP C 98 -32.94 -0.12 -8.90
N PHE C 99 -32.00 -0.56 -8.08
CA PHE C 99 -31.93 -0.06 -6.72
C PHE C 99 -30.80 0.98 -6.71
N ILE C 100 -31.17 2.25 -6.60
CA ILE C 100 -30.21 3.34 -6.77
C ILE C 100 -29.24 3.47 -5.59
N ASP C 101 -27.94 3.54 -5.89
CA ASP C 101 -26.86 3.57 -4.89
C ASP C 101 -26.98 2.40 -3.91
N TYR C 102 -27.19 1.21 -4.47
CA TYR C 102 -27.36 -0.01 -3.70
C TYR C 102 -26.09 -0.40 -2.92
N GLU C 103 -24.94 -0.36 -3.59
CA GLU C 103 -23.70 -0.69 -2.91
C GLU C 103 -23.45 0.25 -1.75
N GLU C 104 -23.79 1.54 -1.92
CA GLU C 104 -23.62 2.50 -0.83
C GLU C 104 -24.53 2.17 0.35
N LEU C 105 -25.80 1.85 0.08
CA LEU C 105 -26.71 1.46 1.16
C LEU C 105 -26.17 0.23 1.91
N ARG C 106 -25.69 -0.75 1.16
CA ARG C 106 -25.12 -1.96 1.77
C ARG C 106 -23.96 -1.64 2.68
N GLU C 107 -23.08 -0.73 2.27
CA GLU C 107 -21.96 -0.36 3.12
C GLU C 107 -22.49 0.32 4.37
N GLN C 108 -23.52 1.16 4.21
CA GLN C 108 -24.08 1.90 5.33
C GLN C 108 -24.78 1.02 6.36
N LEU C 109 -25.38 -0.07 5.89
CA LEU C 109 -26.09 -1.01 6.75
C LEU C 109 -25.17 -2.09 7.36
N SER C 110 -23.91 -2.12 6.93
CA SER C 110 -23.03 -3.25 7.26
C SER C 110 -22.91 -3.49 8.77
N SER C 111 -22.74 -2.42 9.53
CA SER C 111 -22.83 -2.53 10.97
C SER C 111 -23.64 -1.41 11.56
N VAL C 112 -24.39 -1.75 12.59
CA VAL C 112 -25.34 -0.83 13.18
C VAL C 112 -25.41 -1.08 14.68
N SER C 113 -25.36 -0.02 15.48
CA SER C 113 -25.41 -0.16 16.93
C SER C 113 -26.83 -0.03 17.42
N SER C 114 -27.71 0.41 16.55
CA SER C 114 -29.11 0.55 16.91
C SER C 114 -29.92 0.62 15.62
N PHE C 115 -31.06 -0.07 15.61
CA PHE C 115 -31.84 -0.23 14.39
C PHE C 115 -33.26 -0.58 14.80
N GLU C 116 -34.18 0.36 14.59
CA GLU C 116 -35.55 0.15 15.01
C GLU C 116 -36.52 0.51 13.91
N ARG C 117 -37.25 -0.49 13.45
CA ARG C 117 -38.28 -0.30 12.47
C ARG C 117 -39.47 0.39 13.11
N PHE C 118 -40.11 1.28 12.36
CA PHE C 118 -41.33 1.94 12.82
C PHE C 118 -42.20 2.32 11.64
N GLU C 119 -43.52 2.37 11.85
CA GLU C 119 -44.43 2.66 10.76
C GLU C 119 -44.44 4.16 10.54
N ILE C 120 -43.65 4.60 9.55
CA ILE C 120 -43.48 6.01 9.30
C ILE C 120 -44.79 6.62 8.84
N PHE C 121 -45.47 5.91 7.95
CA PHE C 121 -46.78 6.34 7.45
C PHE C 121 -47.73 5.17 7.63
N PRO C 122 -48.42 5.12 8.77
CA PRO C 122 -49.33 4.02 9.13
C PRO C 122 -50.27 3.71 7.98
N LYS C 123 -50.33 2.44 7.60
CA LYS C 123 -51.12 2.03 6.45
C LYS C 123 -52.61 2.36 6.55
N THR C 124 -53.18 2.25 7.75
CA THR C 124 -54.62 2.36 7.89
C THR C 124 -55.13 3.79 7.97
N SER C 125 -54.24 4.74 8.27
CA SER C 125 -54.66 6.12 8.47
C SER C 125 -54.04 7.12 7.48
N SER C 126 -52.99 6.70 6.77
CA SER C 126 -52.20 7.66 5.98
C SER C 126 -52.80 8.01 4.62
N TRP C 127 -53.63 7.14 4.05
CA TRP C 127 -54.01 7.29 2.65
C TRP C 127 -55.53 7.24 2.41
N PRO C 128 -56.28 8.19 3.01
CA PRO C 128 -57.75 8.18 2.86
C PRO C 128 -58.19 8.45 1.42
N ASN C 129 -57.33 9.07 0.63
CA ASN C 129 -57.74 9.43 -0.73
C ASN C 129 -57.16 8.50 -1.80
N HIS C 130 -56.44 7.46 -1.37
CA HIS C 130 -55.88 6.50 -2.30
C HIS C 130 -56.10 5.08 -1.81
N ASP C 131 -55.96 4.14 -2.73
CA ASP C 131 -56.10 2.73 -2.44
C ASP C 131 -54.75 2.14 -2.00
N SER C 132 -54.73 1.61 -0.78
CA SER C 132 -53.52 1.03 -0.25
C SER C 132 -53.62 -0.49 -0.08
N ASN C 133 -54.54 -1.12 -0.80
CA ASN C 133 -54.73 -2.58 -0.73
C ASN C 133 -54.44 -3.30 -2.02
N LYS C 134 -54.65 -2.63 -3.15
CA LYS C 134 -54.58 -3.29 -4.45
C LYS C 134 -53.19 -3.37 -5.07
N GLY C 135 -52.21 -2.71 -4.47
CA GLY C 135 -50.87 -2.68 -5.02
C GLY C 135 -50.09 -3.94 -4.70
N VAL C 136 -50.53 -5.06 -5.27
CA VAL C 136 -49.87 -6.35 -5.13
C VAL C 136 -49.58 -6.89 -6.52
N THR C 137 -48.69 -7.88 -6.62
CA THR C 137 -48.23 -8.31 -7.93
C THR C 137 -47.81 -9.76 -7.89
N ALA C 138 -47.96 -10.45 -9.01
CA ALA C 138 -47.53 -11.85 -9.08
C ALA C 138 -46.01 -11.92 -9.04
N ALA C 139 -45.33 -10.79 -9.28
CA ALA C 139 -43.87 -10.75 -9.24
C ALA C 139 -43.35 -10.90 -7.82
N CYS C 140 -44.19 -10.57 -6.84
CA CYS C 140 -43.83 -10.68 -5.43
C CYS C 140 -44.84 -11.54 -4.66
N PRO C 141 -44.89 -12.85 -4.96
CA PRO C 141 -45.88 -13.73 -4.32
C PRO C 141 -45.58 -13.98 -2.84
N HIS C 142 -46.63 -14.20 -2.04
CA HIS C 142 -46.49 -14.54 -0.63
C HIS C 142 -47.59 -15.55 -0.34
N ALA C 143 -47.21 -16.79 -0.01
CA ALA C 143 -48.18 -17.87 0.12
C ALA C 143 -48.94 -18.11 -1.20
N GLY C 144 -48.24 -17.94 -2.33
CA GLY C 144 -48.84 -18.11 -3.64
C GLY C 144 -49.82 -17.01 -4.07
N ALA C 145 -50.23 -16.16 -3.13
CA ALA C 145 -51.08 -15.02 -3.45
C ALA C 145 -50.23 -13.84 -3.87
N LYS C 146 -50.76 -13.01 -4.76
CA LYS C 146 -50.09 -11.76 -5.10
C LYS C 146 -49.82 -10.99 -3.81
N SER C 147 -48.62 -10.46 -3.66
CA SER C 147 -48.30 -9.65 -2.50
C SER C 147 -47.40 -8.47 -2.91
N PHE C 148 -46.69 -7.90 -1.94
CA PHE C 148 -45.74 -6.82 -2.20
C PHE C 148 -44.76 -6.73 -1.04
N TYR C 149 -43.73 -5.92 -1.20
CA TYR C 149 -42.80 -5.60 -0.13
C TYR C 149 -43.54 -5.14 1.11
N LYS C 150 -43.03 -5.53 2.27
CA LYS C 150 -43.70 -5.18 3.51
C LYS C 150 -43.46 -3.74 3.90
N ASN C 151 -42.28 -3.22 3.57
CA ASN C 151 -41.92 -1.88 4.03
C ASN C 151 -42.45 -0.75 3.15
N LEU C 152 -42.98 -1.10 1.99
CA LEU C 152 -43.49 -0.11 1.03
C LEU C 152 -44.96 -0.37 0.75
N ILE C 153 -45.68 0.67 0.37
CA ILE C 153 -47.05 0.53 -0.13
C ILE C 153 -47.17 1.06 -1.53
N TRP C 154 -47.61 0.19 -2.43
CA TRP C 154 -47.82 0.55 -3.81
C TRP C 154 -49.20 1.21 -3.93
N LEU C 155 -49.25 2.53 -3.73
CA LEU C 155 -50.53 3.23 -3.79
C LEU C 155 -51.07 3.26 -5.20
N VAL C 156 -52.39 3.10 -5.30
CA VAL C 156 -53.06 2.95 -6.56
C VAL C 156 -54.30 3.86 -6.54
N LYS C 157 -54.84 4.19 -7.71
CA LYS C 157 -56.03 5.05 -7.77
C LYS C 157 -57.18 4.44 -6.98
N LYS C 158 -57.94 5.30 -6.33
CA LYS C 158 -59.10 4.87 -5.58
C LYS C 158 -60.34 5.24 -6.38
N GLY C 159 -61.09 4.23 -6.80
CA GLY C 159 -62.17 4.48 -7.74
C GLY C 159 -61.53 4.81 -9.06
N ASN C 160 -61.84 5.98 -9.61
CA ASN C 160 -61.19 6.41 -10.82
C ASN C 160 -60.42 7.70 -10.62
N SER C 161 -59.97 7.92 -9.38
CA SER C 161 -59.28 9.16 -9.05
C SER C 161 -57.98 8.90 -8.29
N TYR C 162 -56.90 9.54 -8.75
CA TYR C 162 -55.64 9.58 -8.00
C TYR C 162 -55.34 11.05 -7.78
N PRO C 163 -55.83 11.60 -6.67
CA PRO C 163 -55.62 13.04 -6.49
C PRO C 163 -54.20 13.28 -6.04
N LYS C 164 -53.74 14.52 -6.20
CA LYS C 164 -52.39 14.88 -5.76
C LYS C 164 -52.16 14.45 -4.31
N LEU C 165 -51.06 13.75 -4.11
CA LEU C 165 -50.73 13.22 -2.82
C LEU C 165 -49.67 14.12 -2.23
N SER C 166 -49.78 14.42 -0.94
CA SER C 166 -48.75 15.16 -0.23
C SER C 166 -48.60 14.57 1.16
N LYS C 167 -47.37 14.24 1.54
CA LYS C 167 -47.15 13.53 2.79
C LYS C 167 -45.77 13.85 3.33
N SER C 168 -45.70 14.09 4.63
CA SER C 168 -44.44 14.54 5.24
C SER C 168 -44.15 13.79 6.52
N TYR C 169 -42.88 13.63 6.83
CA TYR C 169 -42.49 13.06 8.10
C TYR C 169 -41.41 13.92 8.77
N ILE C 170 -41.65 14.29 10.02
CA ILE C 170 -40.63 14.94 10.82
C ILE C 170 -39.92 13.93 11.71
N ASN C 171 -38.60 13.86 11.55
CA ASN C 171 -37.78 12.93 12.31
C ASN C 171 -37.63 13.34 13.77
N ASP C 172 -38.51 12.81 14.62
CA ASP C 172 -38.40 13.04 16.06
C ASP C 172 -37.77 11.87 16.81
N LYS C 173 -36.87 11.15 16.14
CA LYS C 173 -36.30 9.91 16.70
C LYS C 173 -35.01 10.10 17.49
N GLY C 174 -34.34 11.22 17.27
CA GLY C 174 -33.08 11.48 17.94
C GLY C 174 -31.93 10.82 17.23
N LYS C 175 -32.24 10.11 16.15
CA LYS C 175 -31.21 9.50 15.32
C LYS C 175 -31.68 9.46 13.88
N GLU C 176 -30.74 9.19 12.98
CA GLU C 176 -31.00 9.06 11.55
C GLU C 176 -32.17 8.13 11.22
N VAL C 177 -33.00 8.56 10.27
CA VAL C 177 -34.04 7.68 9.80
C VAL C 177 -33.81 7.29 8.36
N LEU C 178 -33.71 5.98 8.13
CA LEU C 178 -33.55 5.47 6.77
C LEU C 178 -34.93 5.29 6.16
N VAL C 179 -35.19 6.01 5.07
CA VAL C 179 -36.48 5.93 4.40
C VAL C 179 -36.29 5.37 3.00
N LEU C 180 -37.13 4.42 2.62
CA LEU C 180 -37.06 3.87 1.29
C LEU C 180 -38.37 4.10 0.55
N TRP C 181 -38.28 4.25 -0.76
CA TRP C 181 -39.49 4.35 -1.54
C TRP C 181 -39.20 3.84 -2.94
N GLY C 182 -40.26 3.69 -3.72
CA GLY C 182 -40.08 3.27 -5.10
C GLY C 182 -40.78 4.19 -6.06
N ILE C 183 -40.31 4.17 -7.30
CA ILE C 183 -40.99 4.84 -8.39
C ILE C 183 -41.33 3.79 -9.45
N HIS C 184 -42.63 3.66 -9.74
CA HIS C 184 -43.09 2.70 -10.74
C HIS C 184 -43.13 3.28 -12.14
N HIS C 185 -42.57 2.53 -13.08
CA HIS C 185 -42.54 2.91 -14.47
C HIS C 185 -43.29 1.86 -15.27
N PRO C 186 -44.58 2.10 -15.56
CA PRO C 186 -45.42 1.12 -16.25
C PRO C 186 -44.89 0.74 -17.63
N SER C 187 -45.24 -0.45 -18.06
CA SER C 187 -44.94 -0.92 -19.41
C SER C 187 -45.66 -0.06 -20.46
N THR C 188 -46.92 0.30 -20.20
CA THR C 188 -47.72 1.03 -21.20
C THR C 188 -48.57 2.18 -20.63
N SER C 189 -49.10 3.00 -21.52
CA SER C 189 -49.97 4.09 -21.12
C SER C 189 -51.26 3.55 -20.51
N ALA C 190 -51.70 2.39 -21.00
CA ALA C 190 -52.87 1.71 -20.44
C ALA C 190 -52.63 1.32 -18.99
N ASP C 191 -51.50 0.68 -18.73
CA ASP C 191 -51.13 0.30 -17.37
C ASP C 191 -51.07 1.56 -16.49
N GLN C 192 -50.54 2.65 -17.04
CA GLN C 192 -50.47 3.91 -16.32
C GLN C 192 -51.86 4.36 -15.87
N GLN C 193 -52.82 4.29 -16.81
CA GLN C 193 -54.19 4.72 -16.55
C GLN C 193 -54.84 3.79 -15.55
N SER C 194 -54.71 2.49 -15.80
CA SER C 194 -55.41 1.52 -14.96
C SER C 194 -54.93 1.60 -13.50
N LEU C 195 -53.70 2.02 -13.29
CA LEU C 195 -53.11 2.10 -11.95
C LEU C 195 -53.31 3.46 -11.30
N TYR C 196 -53.07 4.53 -12.07
CA TYR C 196 -53.02 5.86 -11.49
C TYR C 196 -53.96 6.88 -12.13
N GLN C 197 -54.76 6.43 -13.10
CA GLN C 197 -55.69 7.31 -13.81
C GLN C 197 -54.97 8.38 -14.62
N ASN C 198 -54.28 9.29 -13.92
CA ASN C 198 -53.53 10.37 -14.57
C ASN C 198 -52.50 9.88 -15.58
N ALA C 199 -52.45 10.52 -16.74
CA ALA C 199 -51.54 10.11 -17.83
C ALA C 199 -50.13 10.65 -17.64
N ASP C 200 -50.06 11.90 -17.20
CA ASP C 200 -48.81 12.61 -17.12
C ASP C 200 -48.53 12.90 -15.65
N THR C 201 -47.64 12.12 -15.05
CA THR C 201 -47.45 12.23 -13.61
C THR C 201 -46.04 12.56 -13.20
N TYR C 202 -45.87 12.94 -11.95
CA TYR C 202 -44.55 13.14 -11.41
C TYR C 202 -44.60 12.69 -9.96
N VAL C 203 -43.42 12.47 -9.40
CA VAL C 203 -43.25 12.26 -7.98
C VAL C 203 -42.18 13.23 -7.55
N PHE C 204 -42.35 13.82 -6.37
CA PHE C 204 -41.29 14.65 -5.84
C PHE C 204 -40.99 14.28 -4.39
N VAL C 205 -39.71 14.19 -4.08
CA VAL C 205 -39.26 13.79 -2.76
C VAL C 205 -38.20 14.78 -2.29
N GLY C 206 -38.42 15.35 -1.12
CA GLY C 206 -37.46 16.31 -0.61
C GLY C 206 -37.20 16.22 0.87
N SER C 207 -36.00 16.63 1.24
CA SER C 207 -35.69 16.92 2.62
C SER C 207 -34.87 18.21 2.62
N SER C 208 -34.25 18.51 3.75
CA SER C 208 -33.33 19.64 3.81
C SER C 208 -32.13 19.34 2.93
N ARG C 209 -31.93 18.05 2.69
CA ARG C 209 -30.76 17.53 2.02
C ARG C 209 -31.13 16.97 0.64
N TYR C 210 -32.09 16.06 0.60
CA TYR C 210 -32.50 15.36 -0.62
C TYR C 210 -33.49 16.24 -1.37
N SER C 211 -33.48 16.16 -2.69
CA SER C 211 -34.50 16.84 -3.51
C SER C 211 -34.42 16.32 -4.93
N LYS C 212 -35.50 15.69 -5.38
CA LYS C 212 -35.51 15.09 -6.71
C LYS C 212 -36.93 14.90 -7.20
N LYS C 213 -37.13 15.22 -8.47
CA LYS C 213 -38.40 15.02 -9.14
C LYS C 213 -38.30 13.81 -10.03
N PHE C 214 -39.31 12.95 -10.01
CA PHE C 214 -39.26 11.73 -10.80
C PHE C 214 -40.36 11.78 -11.84
N LYS C 215 -40.02 11.37 -13.05
CA LYS C 215 -40.99 11.30 -14.12
C LYS C 215 -40.98 9.88 -14.64
N PRO C 216 -42.12 9.20 -14.53
CA PRO C 216 -42.25 7.81 -14.97
C PRO C 216 -41.89 7.69 -16.43
N GLU C 217 -41.15 6.64 -16.76
CA GLU C 217 -40.70 6.42 -18.12
C GLU C 217 -41.43 5.20 -18.62
N ILE C 218 -42.50 5.46 -19.36
CA ILE C 218 -43.43 4.44 -19.81
C ILE C 218 -42.94 3.76 -21.07
N ALA C 219 -42.71 2.45 -20.99
CA ALA C 219 -42.14 1.68 -22.08
C ALA C 219 -42.12 0.21 -21.72
N ILE C 220 -42.18 -0.63 -22.74
CA ILE C 220 -42.16 -2.07 -22.54
C ILE C 220 -40.71 -2.53 -22.50
N ARG C 221 -40.28 -2.97 -21.32
CA ARG C 221 -38.98 -3.58 -21.17
C ARG C 221 -39.18 -5.09 -21.28
N PRO C 222 -38.11 -5.83 -21.64
CA PRO C 222 -38.13 -7.30 -21.64
C PRO C 222 -38.68 -7.84 -20.34
N LYS C 223 -39.59 -8.81 -20.40
CA LYS C 223 -40.15 -9.40 -19.20
C LYS C 223 -39.09 -9.94 -18.25
N VAL C 224 -39.22 -9.56 -16.98
CA VAL C 224 -38.47 -10.17 -15.89
C VAL C 224 -39.47 -10.42 -14.78
N ARG C 225 -39.52 -11.65 -14.28
CA ARG C 225 -40.53 -12.08 -13.32
C ARG C 225 -41.93 -11.66 -13.76
N ASP C 226 -42.17 -11.80 -15.06
CA ASP C 226 -43.45 -11.53 -15.69
C ASP C 226 -43.82 -10.04 -15.79
N GLN C 227 -42.85 -9.16 -15.60
CA GLN C 227 -43.12 -7.74 -15.61
C GLN C 227 -42.40 -7.05 -16.75
N GLU C 228 -43.17 -6.27 -17.53
CA GLU C 228 -42.62 -5.49 -18.62
C GLU C 228 -42.36 -4.07 -18.15
N GLY C 229 -42.85 -3.76 -16.96
CA GLY C 229 -42.58 -2.46 -16.35
C GLY C 229 -41.33 -2.56 -15.48
N ARG C 230 -40.96 -1.47 -14.84
CA ARG C 230 -39.85 -1.46 -13.89
C ARG C 230 -40.24 -0.63 -12.68
N MET C 231 -39.56 -0.90 -11.57
CA MET C 231 -39.74 -0.13 -10.36
C MET C 231 -38.36 0.23 -9.87
N ASN C 232 -38.06 1.52 -9.77
CA ASN C 232 -36.78 1.91 -9.17
C ASN C 232 -36.91 2.17 -7.68
N TYR C 233 -35.87 1.81 -6.94
CA TYR C 233 -35.87 1.92 -5.49
C TYR C 233 -34.86 2.95 -5.05
N TYR C 234 -35.30 3.82 -4.15
CA TYR C 234 -34.48 4.92 -3.67
C TYR C 234 -34.48 4.91 -2.16
N TRP C 235 -33.46 5.51 -1.58
CA TRP C 235 -33.39 5.64 -0.13
C TRP C 235 -32.69 6.94 0.21
N THR C 236 -32.93 7.43 1.42
CA THR C 236 -32.17 8.56 1.92
C THR C 236 -32.18 8.50 3.44
N LEU C 237 -31.24 9.18 4.06
CA LEU C 237 -31.16 9.18 5.50
C LEU C 237 -31.60 10.54 6.01
N VAL C 238 -32.69 10.55 6.76
CA VAL C 238 -33.21 11.79 7.30
C VAL C 238 -32.56 12.12 8.65
N GLU C 239 -31.86 13.25 8.71
CA GLU C 239 -31.21 13.72 9.95
C GLU C 239 -32.24 13.93 11.04
N PRO C 240 -31.82 13.86 12.32
CA PRO C 240 -32.73 14.12 13.42
C PRO C 240 -33.29 15.53 13.32
N GLY C 241 -34.60 15.68 13.52
CA GLY C 241 -35.23 16.98 13.43
C GLY C 241 -35.67 17.32 12.01
N ASP C 242 -34.98 16.77 11.02
CA ASP C 242 -35.29 17.09 9.63
C ASP C 242 -36.57 16.42 9.14
N LYS C 243 -37.06 16.90 8.01
CA LYS C 243 -38.35 16.52 7.46
C LYS C 243 -38.16 15.93 6.08
N ILE C 244 -38.89 14.86 5.77
CA ILE C 244 -38.94 14.35 4.40
C ILE C 244 -40.37 14.48 3.85
N THR C 245 -40.47 14.99 2.63
CA THR C 245 -41.79 15.19 2.03
C THR C 245 -41.90 14.39 0.74
N PHE C 246 -43.12 13.93 0.49
CA PHE C 246 -43.43 13.20 -0.71
C PHE C 246 -44.58 13.89 -1.35
N GLU C 247 -44.51 14.02 -2.68
CA GLU C 247 -45.57 14.61 -3.43
C GLU C 247 -45.69 13.78 -4.68
N ALA C 248 -46.91 13.48 -5.10
CA ALA C 248 -47.11 12.60 -6.24
C ALA C 248 -48.50 12.73 -6.85
N THR C 249 -48.56 12.55 -8.17
CA THR C 249 -49.84 12.41 -8.83
C THR C 249 -49.95 11.03 -9.44
N GLY C 250 -48.99 10.17 -9.10
CA GLY C 250 -49.04 8.76 -9.49
C GLY C 250 -47.66 8.13 -9.38
N ASN C 251 -47.62 6.80 -9.46
CA ASN C 251 -46.37 6.08 -9.70
C ASN C 251 -45.43 6.04 -8.50
N LEU C 252 -45.96 6.40 -7.33
CA LEU C 252 -45.15 6.45 -6.12
C LEU C 252 -45.39 5.24 -5.26
N VAL C 253 -44.37 4.41 -5.12
CA VAL C 253 -44.41 3.34 -4.11
C VAL C 253 -43.95 3.94 -2.79
N VAL C 254 -44.92 4.21 -1.94
CA VAL C 254 -44.77 5.00 -0.74
C VAL C 254 -44.14 4.20 0.42
N PRO C 255 -43.35 4.86 1.28
CA PRO C 255 -42.86 4.15 2.46
C PRO C 255 -43.99 3.75 3.38
N ARG C 256 -43.89 2.57 3.99
CA ARG C 256 -44.74 2.24 5.12
C ARG C 256 -43.90 2.17 6.40
N TYR C 257 -42.83 1.38 6.37
CA TYR C 257 -41.92 1.34 7.49
C TYR C 257 -40.62 2.02 7.15
N ALA C 258 -40.06 2.70 8.15
CA ALA C 258 -38.76 3.32 8.05
C ALA C 258 -37.90 2.81 9.21
N PHE C 259 -36.64 3.23 9.25
CA PHE C 259 -35.73 2.71 10.25
C PHE C 259 -34.95 3.79 10.97
N ALA C 260 -35.21 3.91 12.26
CA ALA C 260 -34.39 4.74 13.13
C ALA C 260 -33.15 3.94 13.44
N MET C 261 -31.99 4.51 13.15
CA MET C 261 -30.75 3.75 13.29
C MET C 261 -29.57 4.60 13.69
N GLU C 262 -28.53 3.93 14.14
CA GLU C 262 -27.23 4.54 14.38
C GLU C 262 -26.17 3.66 13.75
N ARG C 263 -25.52 4.17 12.71
CA ARG C 263 -24.54 3.37 11.98
C ARG C 263 -23.28 3.23 12.82
N ASN C 264 -22.58 2.12 12.64
CA ASN C 264 -21.48 1.79 13.52
C ASN C 264 -20.17 1.58 12.77
N ALA C 265 -19.42 2.65 12.57
CA ALA C 265 -18.02 2.56 12.16
C ALA C 265 -17.77 1.78 10.88
N GLY C 266 -16.78 0.90 10.92
CA GLY C 266 -16.30 0.23 9.72
C GLY C 266 -16.38 -1.29 9.72
N SER C 267 -17.49 -1.80 9.21
CA SER C 267 -17.60 -3.25 9.00
C SER C 267 -17.87 -3.57 7.52
N GLY C 268 -18.48 -4.71 7.27
CA GLY C 268 -18.61 -5.18 5.91
C GLY C 268 -19.61 -6.31 5.80
N ILE C 269 -19.59 -6.97 4.65
CA ILE C 269 -20.56 -8.00 4.36
C ILE C 269 -19.85 -9.23 3.87
N ILE C 270 -20.13 -10.35 4.51
CA ILE C 270 -19.56 -11.62 4.13
C ILE C 270 -20.58 -12.41 3.35
N ILE C 271 -20.16 -12.93 2.21
CA ILE C 271 -21.01 -13.77 1.39
C ILE C 271 -20.46 -15.18 1.42
N SER C 272 -21.18 -16.07 2.06
CA SER C 272 -20.64 -17.38 2.40
C SER C 272 -21.69 -18.33 2.96
N ASP C 273 -21.44 -19.62 2.75
CA ASP C 273 -22.31 -20.68 3.27
C ASP C 273 -21.89 -21.13 4.67
N THR C 274 -20.80 -20.55 5.16
CA THR C 274 -20.30 -20.91 6.47
C THR C 274 -21.33 -20.60 7.53
N PRO C 275 -21.63 -21.58 8.41
CA PRO C 275 -22.70 -21.40 9.40
C PRO C 275 -22.35 -20.42 10.50
N VAL C 276 -23.34 -19.67 10.96
CA VAL C 276 -23.18 -18.81 12.12
C VAL C 276 -23.10 -19.70 13.37
N HIS C 277 -22.55 -19.17 14.45
CA HIS C 277 -22.36 -19.96 15.66
C HIS C 277 -22.21 -19.02 16.87
N ASP C 278 -22.57 -19.52 18.05
CA ASP C 278 -22.46 -18.70 19.25
C ASP C 278 -21.02 -18.77 19.78
N CYS C 279 -20.16 -18.05 19.09
CA CYS C 279 -18.75 -18.03 19.31
C CYS C 279 -18.34 -16.56 19.23
N ASN C 280 -17.29 -16.16 19.95
CA ASN C 280 -16.82 -14.79 19.88
C ASN C 280 -15.52 -14.79 19.09
N THR C 281 -15.27 -13.71 18.35
CA THR C 281 -13.99 -13.57 17.70
C THR C 281 -13.59 -12.11 17.57
N THR C 282 -12.33 -11.89 17.21
CA THR C 282 -11.86 -10.55 16.91
C THR C 282 -11.52 -10.45 15.44
N CYS C 283 -11.55 -11.58 14.75
CA CYS C 283 -11.18 -11.60 13.33
C CYS C 283 -12.01 -12.64 12.59
N GLN C 284 -12.84 -12.17 11.66
CA GLN C 284 -13.74 -13.04 10.91
C GLN C 284 -13.38 -13.09 9.44
N THR C 285 -13.29 -14.29 8.88
CA THR C 285 -13.13 -14.44 7.44
C THR C 285 -14.38 -15.16 6.94
N PRO C 286 -14.65 -15.11 5.63
CA PRO C 286 -15.82 -15.76 5.04
C PRO C 286 -15.84 -17.27 5.22
N LYS C 287 -14.69 -17.88 5.49
CA LYS C 287 -14.67 -19.32 5.69
C LYS C 287 -14.47 -19.75 7.15
N GLY C 288 -14.33 -18.80 8.05
CA GLY C 288 -14.25 -19.12 9.46
C GLY C 288 -13.55 -18.03 10.23
N ALA C 289 -13.75 -18.03 11.54
CA ALA C 289 -13.12 -17.02 12.41
C ALA C 289 -11.70 -17.42 12.77
N ILE C 290 -10.87 -16.42 13.07
CA ILE C 290 -9.49 -16.65 13.43
C ILE C 290 -9.21 -16.14 14.82
N ASN C 291 -8.59 -16.98 15.65
CA ASN C 291 -8.26 -16.62 17.01
C ASN C 291 -6.76 -16.79 17.23
N THR C 292 -6.01 -15.71 17.09
CA THR C 292 -4.56 -15.82 17.14
C THR C 292 -3.91 -14.47 17.49
N SER C 293 -2.71 -14.54 18.05
CA SER C 293 -1.93 -13.33 18.28
C SER C 293 -0.89 -13.17 17.17
N LEU C 294 -0.80 -14.18 16.29
CA LEU C 294 0.19 -14.19 15.21
C LEU C 294 0.02 -13.05 14.20
N PRO C 295 1.14 -12.55 13.67
CA PRO C 295 1.07 -11.40 12.76
C PRO C 295 0.59 -11.71 11.33
N PHE C 296 0.69 -12.97 10.92
CA PHE C 296 0.35 -13.36 9.56
C PHE C 296 -0.67 -14.49 9.49
N GLN C 297 -1.47 -14.50 8.43
CA GLN C 297 -2.44 -15.56 8.21
C GLN C 297 -2.52 -15.85 6.74
N ASN C 298 -2.84 -17.10 6.40
CA ASN C 298 -3.00 -17.45 5.00
C ASN C 298 -4.40 -18.01 4.73
N ILE C 299 -5.35 -17.64 5.58
CA ILE C 299 -6.70 -18.18 5.51
C ILE C 299 -7.47 -17.49 4.38
N HIS C 300 -7.48 -16.17 4.40
CA HIS C 300 -8.30 -15.41 3.47
C HIS C 300 -7.90 -13.95 3.45
N PRO C 301 -7.74 -13.37 2.27
CA PRO C 301 -7.41 -11.93 2.13
C PRO C 301 -8.51 -11.02 2.65
N ILE C 302 -9.76 -11.46 2.54
CA ILE C 302 -10.88 -10.61 2.87
C ILE C 302 -11.39 -10.88 4.26
N THR C 303 -10.99 -10.04 5.20
CA THR C 303 -11.33 -10.26 6.60
C THR C 303 -12.03 -9.04 7.17
N ILE C 304 -12.61 -9.23 8.34
CA ILE C 304 -13.21 -8.16 9.09
C ILE C 304 -12.73 -8.32 10.53
N GLY C 305 -12.20 -7.27 11.11
CA GLY C 305 -11.88 -7.28 12.53
C GLY C 305 -10.48 -6.76 12.76
N LYS C 306 -9.87 -7.16 13.87
CA LYS C 306 -8.48 -6.86 14.12
C LYS C 306 -7.68 -8.10 13.72
N CYS C 307 -7.14 -8.08 12.51
CA CYS C 307 -6.72 -9.32 11.87
C CYS C 307 -5.23 -9.40 11.56
N PRO C 308 -4.71 -10.63 11.43
CA PRO C 308 -3.32 -10.76 10.99
C PRO C 308 -3.26 -10.42 9.50
N LYS C 309 -2.09 -10.02 9.02
CA LYS C 309 -1.92 -9.68 7.61
C LYS C 309 -1.95 -10.94 6.77
N TYR C 310 -2.64 -10.85 5.65
CA TYR C 310 -2.74 -11.96 4.71
C TYR C 310 -1.47 -12.10 3.87
N VAL C 311 -0.97 -13.31 3.83
CA VAL C 311 0.23 -13.61 3.06
C VAL C 311 0.00 -14.88 2.21
N LYS C 312 0.80 -15.02 1.17
CA LYS C 312 0.73 -16.13 0.25
C LYS C 312 1.49 -17.35 0.79
N SER C 313 2.24 -17.13 1.87
CA SER C 313 3.09 -18.18 2.46
C SER C 313 2.34 -19.44 2.87
N THR C 314 3.03 -20.57 2.81
CA THR C 314 2.51 -21.81 3.39
C THR C 314 3.18 -22.10 4.72
N LYS C 315 4.30 -21.42 4.99
CA LYS C 315 5.16 -21.76 6.13
C LYS C 315 6.04 -20.59 6.59
N LEU C 316 5.78 -20.10 7.80
CA LEU C 316 6.62 -19.07 8.39
C LEU C 316 7.07 -19.52 9.77
N ARG C 317 8.07 -20.40 9.77
CA ARG C 317 8.55 -21.00 10.99
C ARG C 317 9.82 -20.30 11.46
N LEU C 318 9.77 -19.76 12.67
CA LEU C 318 10.87 -19.03 13.28
C LEU C 318 11.63 -19.95 14.24
N ALA C 319 12.93 -20.11 14.02
CA ALA C 319 13.75 -20.87 14.96
C ALA C 319 13.76 -20.16 16.30
N THR C 320 13.69 -20.93 17.39
CA THR C 320 13.95 -20.36 18.69
C THR C 320 15.14 -21.06 19.31
N GLY C 321 15.24 -22.37 19.07
CA GLY C 321 16.33 -23.17 19.57
C GLY C 321 17.46 -23.20 18.55
N LEU C 322 18.34 -24.16 18.69
CA LEU C 322 19.51 -24.23 17.82
C LEU C 322 19.45 -25.39 16.86
N ARG C 323 20.46 -25.46 16.02
CA ARG C 323 20.62 -26.53 15.06
C ARG C 323 20.65 -27.82 15.85
N ASN C 324 19.82 -28.77 15.45
CA ASN C 324 19.63 -29.97 16.22
C ASN C 324 20.53 -31.04 15.64
N ILE C 325 21.55 -31.44 16.40
CA ILE C 325 22.53 -32.40 15.90
C ILE C 325 22.74 -33.53 16.91
N PRO C 326 21.81 -34.47 16.98
CA PRO C 326 21.93 -35.59 17.94
C PRO C 326 22.98 -36.59 17.49
N SER C 327 23.52 -37.37 18.41
CA SER C 327 24.56 -38.36 18.10
C SER C 327 24.14 -39.30 16.96
N GLY D 1 27.34 -10.16 25.02
CA GLY D 1 27.08 -9.86 23.62
C GLY D 1 27.67 -10.90 22.68
N LEU D 2 27.42 -10.70 21.40
CA LEU D 2 27.78 -11.64 20.34
C LEU D 2 29.30 -11.91 20.26
N PHE D 3 30.13 -10.92 20.54
CA PHE D 3 31.58 -11.14 20.42
C PHE D 3 32.30 -11.29 21.75
N GLY D 4 31.53 -11.31 22.84
CA GLY D 4 32.06 -11.73 24.13
C GLY D 4 32.82 -10.69 24.94
N ALA D 5 33.06 -9.51 24.35
CA ALA D 5 33.92 -8.49 24.98
C ALA D 5 33.13 -7.52 25.88
N ILE D 6 32.30 -6.69 25.26
CA ILE D 6 31.53 -5.68 25.98
C ILE D 6 30.46 -6.33 26.86
N ALA D 7 30.39 -5.90 28.12
CA ALA D 7 29.55 -6.56 29.12
C ALA D 7 29.81 -8.06 29.10
N GLY D 8 31.02 -8.43 28.69
CA GLY D 8 31.46 -9.80 28.63
C GLY D 8 32.71 -9.87 29.46
N PHE D 9 33.82 -10.30 28.87
CA PHE D 9 35.05 -10.38 29.63
C PHE D 9 35.58 -9.00 30.02
N ILE D 10 35.19 -7.97 29.27
CA ILE D 10 35.43 -6.58 29.66
C ILE D 10 34.16 -6.02 30.30
N GLU D 11 34.12 -6.10 31.62
CA GLU D 11 32.87 -5.97 32.38
C GLU D 11 32.20 -4.58 32.34
N GLY D 12 32.97 -3.51 32.25
CA GLY D 12 32.36 -2.18 32.23
C GLY D 12 33.04 -1.19 31.32
N GLY D 13 32.45 0.00 31.22
CA GLY D 13 33.00 1.04 30.36
C GLY D 13 33.86 1.99 31.16
N TRP D 14 34.55 2.90 30.47
CA TRP D 14 35.39 3.90 31.12
C TRP D 14 34.83 5.31 30.93
N THR D 15 34.26 5.88 31.98
CA THR D 15 33.87 7.28 31.91
C THR D 15 35.10 8.19 31.77
N GLY D 16 36.26 7.64 32.14
CA GLY D 16 37.50 8.39 32.14
C GLY D 16 38.09 8.53 30.75
N MET D 17 37.70 7.64 29.86
CA MET D 17 38.18 7.74 28.48
C MET D 17 37.16 8.52 27.64
N VAL D 18 37.41 9.81 27.46
CA VAL D 18 36.43 10.70 26.87
C VAL D 18 36.65 10.96 25.38
N ASP D 19 37.83 10.64 24.88
CA ASP D 19 38.22 11.03 23.53
C ASP D 19 37.88 10.02 22.43
N GLY D 20 37.03 9.05 22.73
CA GLY D 20 36.73 8.03 21.74
C GLY D 20 35.98 6.84 22.30
N TRP D 21 35.61 5.93 21.41
CA TRP D 21 34.73 4.83 21.73
C TRP D 21 35.49 3.65 22.31
N TYR D 22 36.64 3.34 21.72
CA TYR D 22 37.45 2.21 22.11
C TYR D 22 38.84 2.68 22.42
N GLY D 23 39.50 2.03 23.38
CA GLY D 23 40.89 2.37 23.60
C GLY D 23 41.58 1.65 24.72
N TYR D 24 42.51 2.38 25.34
CA TYR D 24 43.46 1.77 26.25
C TYR D 24 43.59 2.51 27.56
N HIS D 25 43.84 1.75 28.61
CA HIS D 25 44.32 2.31 29.86
C HIS D 25 45.64 1.63 30.20
N HIS D 26 46.67 2.44 30.40
CA HIS D 26 47.97 1.90 30.76
C HIS D 26 48.29 2.36 32.16
N GLN D 27 49.28 1.71 32.73
CA GLN D 27 49.79 2.08 34.03
C GLN D 27 51.22 1.55 34.12
N ASN D 28 52.15 2.47 34.26
CA ASN D 28 53.55 2.10 34.46
C ASN D 28 54.13 3.03 35.52
N GLU D 29 55.45 3.08 35.64
CA GLU D 29 56.06 3.93 36.66
C GLU D 29 55.90 5.43 36.39
N GLN D 30 55.87 5.80 35.11
CA GLN D 30 55.68 7.18 34.72
C GLN D 30 54.24 7.64 34.89
N GLY D 31 53.37 6.75 35.34
CA GLY D 31 52.00 7.12 35.58
C GLY D 31 50.96 6.25 34.89
N SER D 32 49.73 6.74 34.86
CA SER D 32 48.66 5.97 34.28
C SER D 32 47.79 6.92 33.45
N GLY D 33 47.04 6.38 32.50
CA GLY D 33 46.25 7.22 31.63
C GLY D 33 45.32 6.45 30.72
N TYR D 34 44.28 7.12 30.26
CA TYR D 34 43.40 6.57 29.25
C TYR D 34 43.80 7.16 27.91
N ALA D 35 43.53 6.44 26.83
CA ALA D 35 43.78 6.95 25.50
C ALA D 35 42.97 6.14 24.52
N ALA D 36 42.14 6.82 23.74
CA ALA D 36 41.31 6.14 22.76
C ALA D 36 42.17 5.62 21.62
N ASP D 37 41.79 4.49 21.07
CA ASP D 37 42.36 4.06 19.80
C ASP D 37 41.66 4.85 18.71
N LEU D 38 42.37 5.78 18.08
CA LEU D 38 41.71 6.74 17.20
C LEU D 38 41.23 6.08 15.91
N LYS D 39 42.03 5.16 15.38
CA LYS D 39 41.71 4.49 14.11
C LYS D 39 40.47 3.59 14.21
N SER D 40 40.44 2.67 15.17
CA SER D 40 39.24 1.84 15.33
C SER D 40 38.02 2.71 15.65
N THR D 41 38.21 3.72 16.51
CA THR D 41 37.13 4.63 16.86
C THR D 41 36.58 5.36 15.63
N GLN D 42 37.46 5.87 14.79
CA GLN D 42 37.07 6.65 13.64
C GLN D 42 36.45 5.79 12.56
N ASN D 43 36.93 4.55 12.43
CA ASN D 43 36.34 3.66 11.46
C ASN D 43 34.90 3.41 11.86
N ALA D 44 34.68 3.23 13.16
CA ALA D 44 33.33 2.97 13.68
C ALA D 44 32.43 4.19 13.54
N ILE D 45 32.98 5.36 13.83
CA ILE D 45 32.21 6.60 13.67
C ILE D 45 31.77 6.74 12.22
N ASP D 46 32.68 6.50 11.28
CA ASP D 46 32.34 6.62 9.87
C ASP D 46 31.30 5.59 9.53
N GLY D 47 31.51 4.35 9.98
CA GLY D 47 30.58 3.28 9.70
C GLY D 47 29.18 3.57 10.19
N ILE D 48 29.05 3.86 11.49
CA ILE D 48 27.76 4.20 12.08
C ILE D 48 27.13 5.47 11.46
N THR D 49 27.96 6.45 11.13
CA THR D 49 27.44 7.63 10.46
C THR D 49 26.84 7.25 9.10
N ASN D 50 27.54 6.39 8.38
CA ASN D 50 27.03 5.90 7.10
C ASN D 50 25.73 5.10 7.27
N LYS D 51 25.62 4.42 8.40
CA LYS D 51 24.46 3.59 8.67
C LYS D 51 23.25 4.45 8.99
N VAL D 52 23.47 5.44 9.85
CA VAL D 52 22.41 6.38 10.17
C VAL D 52 21.92 7.14 8.93
N ASN D 53 22.86 7.62 8.12
CA ASN D 53 22.50 8.38 6.95
C ASN D 53 21.79 7.51 5.94
N SER D 54 22.15 6.22 5.89
CA SER D 54 21.51 5.30 4.94
C SER D 54 20.04 5.10 5.30
N VAL D 55 19.77 4.88 6.58
CA VAL D 55 18.42 4.67 7.06
C VAL D 55 17.57 5.90 6.73
N ILE D 56 18.14 7.07 6.98
CA ILE D 56 17.40 8.30 6.80
C ILE D 56 17.22 8.64 5.32
N GLU D 57 18.30 8.55 4.56
CA GLU D 57 18.34 9.13 3.23
C GLU D 57 17.76 8.23 2.15
N LYS D 58 17.67 6.93 2.43
CA LYS D 58 17.06 6.02 1.45
C LYS D 58 15.57 6.30 1.31
N MET D 59 15.01 7.05 2.27
CA MET D 59 13.62 7.48 2.20
C MET D 59 13.59 8.81 1.52
N ASN D 60 13.17 8.81 0.26
CA ASN D 60 13.08 10.03 -0.51
C ASN D 60 11.70 10.11 -1.16
N THR D 61 10.78 10.77 -0.47
CA THR D 61 9.39 10.80 -0.90
C THR D 61 9.11 11.92 -1.90
N GLN D 62 7.97 11.83 -2.59
CA GLN D 62 7.57 12.85 -3.54
C GLN D 62 6.48 13.70 -2.91
N PHE D 63 6.33 14.92 -3.41
CA PHE D 63 5.28 15.82 -2.96
C PHE D 63 3.92 15.12 -3.11
N THR D 64 3.12 15.14 -2.05
CA THR D 64 1.83 14.44 -2.04
C THR D 64 0.88 15.12 -1.06
N ALA D 65 -0.40 15.09 -1.39
CA ALA D 65 -1.43 15.52 -0.47
C ALA D 65 -2.24 14.29 -0.12
N VAL D 66 -2.08 13.83 1.12
CA VAL D 66 -2.68 12.58 1.56
C VAL D 66 -4.21 12.61 1.58
N GLY D 67 -4.78 13.73 1.99
CA GLY D 67 -6.21 13.84 2.20
C GLY D 67 -7.07 13.71 0.96
N LYS D 68 -8.27 13.16 1.14
CA LYS D 68 -9.25 13.08 0.07
C LYS D 68 -10.57 13.44 0.71
N GLU D 69 -11.43 14.10 -0.04
CA GLU D 69 -12.76 14.42 0.45
C GLU D 69 -13.80 13.68 -0.38
N PHE D 70 -14.72 13.03 0.31
CA PHE D 70 -15.78 12.30 -0.36
C PHE D 70 -17.11 12.78 0.17
N ASN D 71 -18.15 12.71 -0.64
CA ASN D 71 -19.45 13.09 -0.15
C ASN D 71 -20.14 11.90 0.51
N HIS D 72 -21.35 12.13 1.03
CA HIS D 72 -22.06 11.12 1.80
C HIS D 72 -22.49 9.90 0.97
N LEU D 73 -22.47 10.02 -0.36
CA LEU D 73 -22.76 8.86 -1.21
C LEU D 73 -21.49 8.20 -1.79
N GLU D 74 -20.33 8.47 -1.19
CA GLU D 74 -19.08 7.92 -1.68
C GLU D 74 -18.37 7.20 -0.56
N LYS D 75 -19.16 6.53 0.27
CA LYS D 75 -18.65 5.90 1.47
C LYS D 75 -17.65 4.81 1.13
N ARG D 76 -17.90 4.11 0.02
CA ARG D 76 -17.08 2.98 -0.38
C ARG D 76 -15.68 3.40 -0.83
N ILE D 77 -15.60 4.43 -1.66
CA ILE D 77 -14.28 4.86 -2.09
C ILE D 77 -13.63 5.58 -0.92
N GLU D 78 -14.43 6.21 -0.06
CA GLU D 78 -13.87 6.80 1.16
C GLU D 78 -13.19 5.70 2.00
N ASN D 79 -13.88 4.60 2.17
CA ASN D 79 -13.33 3.47 2.90
C ASN D 79 -12.14 2.86 2.16
N LEU D 80 -12.18 2.85 0.83
CA LEU D 80 -11.04 2.40 0.07
C LEU D 80 -9.82 3.28 0.35
N ASN D 81 -10.04 4.60 0.37
CA ASN D 81 -8.97 5.52 0.67
C ASN D 81 -8.38 5.27 2.07
N LYS D 82 -9.26 5.05 3.04
CA LYS D 82 -8.88 4.72 4.39
C LYS D 82 -8.08 3.41 4.48
N LYS D 83 -8.50 2.40 3.72
CA LYS D 83 -7.76 1.14 3.67
C LYS D 83 -6.33 1.38 3.20
N VAL D 84 -6.20 2.26 2.20
CA VAL D 84 -4.89 2.61 1.67
C VAL D 84 -4.05 3.29 2.75
N ASP D 85 -4.60 4.33 3.37
CA ASP D 85 -3.88 5.04 4.43
C ASP D 85 -3.52 4.08 5.57
N ASP D 86 -4.46 3.25 6.01
CA ASP D 86 -4.20 2.35 7.13
C ASP D 86 -3.23 1.23 6.80
N GLY D 87 -3.25 0.80 5.54
CA GLY D 87 -2.37 -0.25 5.06
C GLY D 87 -0.94 0.25 5.03
N PHE D 88 -0.74 1.47 4.54
CA PHE D 88 0.60 2.08 4.53
C PHE D 88 1.06 2.27 5.95
N LEU D 89 0.14 2.67 6.83
CA LEU D 89 0.43 2.83 8.26
C LEU D 89 0.93 1.54 8.91
N ASP D 90 0.21 0.45 8.66
CA ASP D 90 0.61 -0.82 9.25
C ASP D 90 1.96 -1.26 8.70
N ILE D 91 2.18 -1.05 7.40
CA ILE D 91 3.46 -1.40 6.80
C ILE D 91 4.64 -0.63 7.38
N TRP D 92 4.52 0.70 7.39
CA TRP D 92 5.63 1.54 7.82
C TRP D 92 5.91 1.39 9.31
N THR D 93 4.85 1.30 10.12
CA THR D 93 5.01 1.14 11.54
C THR D 93 5.77 -0.14 11.83
N TYR D 94 5.32 -1.24 11.23
CA TYR D 94 5.92 -2.54 11.53
C TYR D 94 7.36 -2.57 11.06
N ASN D 95 7.58 -2.10 9.84
CA ASN D 95 8.92 -2.10 9.27
C ASN D 95 9.86 -1.17 10.00
N ALA D 96 9.38 0.02 10.39
CA ALA D 96 10.22 0.93 11.17
C ALA D 96 10.55 0.36 12.56
N GLU D 97 9.56 -0.20 13.25
CA GLU D 97 9.82 -0.77 14.57
C GLU D 97 10.78 -1.94 14.51
N LEU D 98 10.68 -2.78 13.48
CA LEU D 98 11.57 -3.93 13.36
C LEU D 98 12.93 -3.49 12.87
N LEU D 99 12.96 -2.53 11.94
CA LEU D 99 14.23 -2.00 11.45
C LEU D 99 15.09 -1.54 12.61
N VAL D 100 14.49 -0.76 13.50
CA VAL D 100 15.20 -0.24 14.66
C VAL D 100 15.63 -1.34 15.68
N LEU D 101 14.71 -2.24 16.04
CA LEU D 101 15.05 -3.35 16.93
C LEU D 101 16.22 -4.15 16.39
N LEU D 102 16.13 -4.50 15.11
CA LEU D 102 17.11 -5.37 14.50
C LEU D 102 18.45 -4.68 14.34
N GLU D 103 18.42 -3.43 13.87
CA GLU D 103 19.64 -2.71 13.60
C GLU D 103 20.32 -2.25 14.89
N ASN D 104 19.53 -1.96 15.92
CA ASN D 104 20.14 -1.67 17.22
C ASN D 104 20.97 -2.85 17.73
N GLU D 105 20.46 -4.07 17.56
CA GLU D 105 21.22 -5.24 17.96
C GLU D 105 22.51 -5.32 17.16
N ARG D 106 22.40 -5.07 15.86
CA ARG D 106 23.56 -5.13 14.98
C ARG D 106 24.61 -4.08 15.34
N THR D 107 24.15 -2.90 15.73
CA THR D 107 25.03 -1.83 16.12
C THR D 107 25.80 -2.18 17.39
N LEU D 108 25.10 -2.75 18.38
CA LEU D 108 25.79 -3.14 19.59
C LEU D 108 26.78 -4.29 19.32
N ASP D 109 26.39 -5.26 18.49
CA ASP D 109 27.29 -6.36 18.08
C ASP D 109 28.56 -5.81 17.47
N TYR D 110 28.38 -4.78 16.65
CA TYR D 110 29.46 -4.15 15.90
C TYR D 110 30.48 -3.56 16.84
N HIS D 111 30.01 -2.80 17.83
CA HIS D 111 30.89 -2.26 18.86
C HIS D 111 31.64 -3.36 19.60
N ASP D 112 30.91 -4.43 19.92
CA ASP D 112 31.46 -5.56 20.64
C ASP D 112 32.61 -6.16 19.82
N SER D 113 32.35 -6.44 18.55
CA SER D 113 33.38 -6.87 17.60
C SER D 113 34.61 -5.94 17.57
N ASN D 114 34.39 -4.63 17.47
CA ASN D 114 35.53 -3.71 17.46
C ASN D 114 36.39 -3.81 18.71
N VAL D 115 35.76 -3.91 19.87
CA VAL D 115 36.49 -4.04 21.12
C VAL D 115 37.25 -5.37 21.16
N LYS D 116 36.59 -6.44 20.73
CA LYS D 116 37.21 -7.76 20.64
C LYS D 116 38.41 -7.77 19.70
N ASN D 117 38.25 -7.17 18.52
CA ASN D 117 39.34 -7.15 17.56
C ASN D 117 40.55 -6.35 18.06
N LEU D 118 40.27 -5.26 18.78
CA LEU D 118 41.31 -4.43 19.38
C LEU D 118 42.06 -5.25 20.43
N TYR D 119 41.31 -5.92 21.27
CA TYR D 119 41.89 -6.78 22.29
C TYR D 119 42.81 -7.83 21.68
N GLU D 120 42.36 -8.47 20.60
CA GLU D 120 43.09 -9.59 20.01
C GLU D 120 44.33 -9.09 19.29
N LYS D 121 44.27 -7.87 18.78
CA LYS D 121 45.44 -7.29 18.13
C LYS D 121 46.57 -7.06 19.13
N VAL D 122 46.20 -6.69 20.36
CA VAL D 122 47.18 -6.52 21.43
C VAL D 122 47.71 -7.89 21.89
N ARG D 123 46.80 -8.84 22.09
CA ARG D 123 47.18 -10.17 22.51
C ARG D 123 48.21 -10.77 21.54
N SER D 124 47.91 -10.65 20.23
CA SER D 124 48.81 -11.14 19.19
C SER D 124 50.20 -10.53 19.27
N GLN D 125 50.27 -9.24 19.60
CA GLN D 125 51.57 -8.59 19.71
C GLN D 125 52.36 -9.06 20.92
N LEU D 126 51.72 -9.02 22.09
CA LEU D 126 52.38 -9.28 23.34
C LEU D 126 52.78 -10.74 23.51
N LYS D 127 51.86 -11.62 23.11
CA LYS D 127 52.01 -13.05 23.31
C LYS D 127 52.44 -13.34 24.73
N ASN D 128 53.57 -14.05 24.81
CA ASN D 128 54.24 -14.48 26.03
C ASN D 128 54.78 -13.39 26.97
N ASN D 129 54.95 -12.18 26.45
CA ASN D 129 55.62 -11.12 27.21
C ASN D 129 54.74 -10.46 28.24
N ALA D 130 53.49 -10.90 28.26
CA ALA D 130 52.51 -10.31 29.15
C ALA D 130 51.54 -11.38 29.53
N LYS D 131 50.92 -11.19 30.69
CA LYS D 131 49.94 -12.12 31.23
C LYS D 131 48.55 -11.54 31.02
N GLU D 132 47.66 -12.30 30.38
CA GLU D 132 46.24 -11.95 30.27
C GLU D 132 45.59 -12.14 31.63
N ILE D 133 45.25 -11.06 32.30
CA ILE D 133 44.77 -11.20 33.65
C ILE D 133 43.27 -11.02 33.69
N GLY D 134 42.64 -11.27 32.54
CA GLY D 134 41.19 -11.13 32.39
C GLY D 134 40.75 -9.70 32.21
N ASN D 135 39.53 -9.37 32.66
CA ASN D 135 38.91 -8.04 32.47
C ASN D 135 39.48 -7.10 31.38
N GLY D 136 40.03 -7.68 30.31
CA GLY D 136 40.62 -6.92 29.22
C GLY D 136 42.04 -6.43 29.44
N CYS D 137 42.63 -6.77 30.57
CA CYS D 137 43.96 -6.25 30.93
C CYS D 137 45.11 -7.21 30.63
N PHE D 138 46.25 -6.64 30.27
CA PHE D 138 47.51 -7.36 30.16
C PHE D 138 48.52 -6.83 31.16
N GLU D 139 49.07 -7.75 31.96
CA GLU D 139 50.11 -7.41 32.91
C GLU D 139 51.45 -7.88 32.33
N PHE D 140 52.36 -6.94 32.13
CA PHE D 140 53.61 -7.24 31.47
C PHE D 140 54.54 -8.01 32.41
N TYR D 141 55.29 -8.93 31.83
CA TYR D 141 56.35 -9.63 32.57
C TYR D 141 57.64 -8.82 32.48
N HIS D 142 57.54 -7.61 31.95
CA HIS D 142 58.71 -6.76 31.79
C HIS D 142 58.32 -5.30 31.97
N LYS D 143 59.32 -4.46 32.20
CA LYS D 143 59.07 -3.03 32.34
C LYS D 143 58.65 -2.45 30.99
N CYS D 144 57.51 -1.75 31.00
CA CYS D 144 56.96 -1.17 29.80
C CYS D 144 56.72 0.32 30.04
N ASP D 145 57.70 1.15 29.67
CA ASP D 145 57.58 2.59 29.82
C ASP D 145 56.64 3.16 28.75
N ASN D 146 56.50 4.49 28.71
CA ASN D 146 55.58 5.11 27.77
C ASN D 146 55.85 4.73 26.32
N THR D 147 57.11 4.77 25.92
CA THR D 147 57.50 4.39 24.56
C THR D 147 56.99 3.00 24.23
N CYS D 148 57.19 2.09 25.17
CA CYS D 148 56.78 0.70 24.99
C CYS D 148 55.26 0.57 24.87
N MET D 149 54.55 1.16 25.83
CA MET D 149 53.11 1.27 25.79
C MET D 149 52.66 1.78 24.43
N GLU D 150 53.18 2.94 24.05
CA GLU D 150 52.84 3.57 22.78
C GLU D 150 53.09 2.64 21.60
N SER D 151 54.13 1.82 21.68
CA SER D 151 54.45 0.89 20.60
C SER D 151 53.35 -0.17 20.45
N VAL D 152 52.81 -0.62 21.58
CA VAL D 152 51.74 -1.62 21.55
C VAL D 152 50.52 -1.02 20.85
N LYS D 153 50.15 0.19 21.24
CA LYS D 153 48.99 0.90 20.68
C LYS D 153 49.06 1.17 19.18
N ASN D 154 50.23 1.50 18.67
CA ASN D 154 50.35 1.73 17.23
C ASN D 154 50.84 0.51 16.47
N GLY D 155 50.85 -0.63 17.16
CA GLY D 155 51.05 -1.91 16.50
C GLY D 155 52.47 -2.21 16.08
N THR D 156 53.44 -1.59 16.77
CA THR D 156 54.85 -1.84 16.49
C THR D 156 55.61 -2.37 17.71
N TYR D 157 54.92 -3.07 18.60
CA TYR D 157 55.56 -3.65 19.76
C TYR D 157 56.65 -4.61 19.30
N ASP D 158 57.78 -4.60 19.99
CA ASP D 158 58.94 -5.38 19.59
C ASP D 158 59.08 -6.55 20.55
N TYR D 159 58.39 -7.64 20.27
CA TYR D 159 58.45 -8.84 21.12
C TYR D 159 59.87 -9.32 21.44
N PRO D 160 60.75 -9.43 20.41
CA PRO D 160 62.08 -9.94 20.76
C PRO D 160 62.85 -9.00 21.67
N LYS D 161 62.59 -7.71 21.61
CA LYS D 161 63.27 -6.75 22.46
C LYS D 161 63.12 -7.06 23.94
N TYR D 162 61.97 -7.59 24.33
CA TYR D 162 61.68 -7.76 25.75
C TYR D 162 61.53 -9.19 26.17
N SER D 163 61.62 -10.12 25.22
CA SER D 163 61.31 -11.51 25.52
C SER D 163 62.21 -12.10 26.60
N GLU D 164 63.49 -11.71 26.58
CA GLU D 164 64.44 -12.25 27.54
C GLU D 164 64.10 -11.80 28.96
N GLU D 165 63.87 -10.50 29.12
CA GLU D 165 63.45 -9.97 30.43
C GLU D 165 62.16 -10.63 30.86
N ALA D 166 61.24 -10.79 29.91
CA ALA D 166 59.95 -11.42 30.18
C ALA D 166 60.12 -12.88 30.57
N LYS D 167 60.92 -13.59 29.79
CA LYS D 167 61.18 -15.01 30.04
C LYS D 167 61.62 -15.25 31.48
N LEU D 168 62.57 -14.45 31.95
CA LEU D 168 63.12 -14.60 33.29
C LEU D 168 62.06 -14.34 34.35
N ASN D 169 61.43 -13.17 34.29
CA ASN D 169 60.38 -12.82 35.23
C ASN D 169 59.25 -13.84 35.23
N ARG D 170 58.79 -14.20 34.03
CA ARG D 170 57.72 -15.19 33.88
C ARG D 170 58.09 -16.51 34.56
N GLU D 171 59.25 -17.05 34.23
CA GLU D 171 59.67 -18.32 34.83
C GLU D 171 59.94 -18.19 36.33
N GLU D 172 60.49 -17.05 36.74
CA GLU D 172 60.70 -16.76 38.15
C GLU D 172 59.37 -16.71 38.89
N ILE D 173 58.43 -15.92 38.38
CA ILE D 173 57.08 -15.82 38.95
C ILE D 173 56.44 -17.20 39.09
N ASP D 174 56.58 -18.02 38.05
CA ASP D 174 56.09 -19.41 38.08
C ASP D 174 57.13 -20.33 38.71
N SER D 175 57.77 -19.83 39.76
CA SER D 175 58.85 -20.50 40.48
C SER D 175 59.95 -21.03 39.56
N GLY E 1 35.16 -6.84 8.55
CA GLY E 1 35.80 -6.40 9.77
C GLY E 1 35.27 -7.19 10.94
N LEU E 2 33.99 -7.56 10.87
CA LEU E 2 33.28 -8.13 12.01
C LEU E 2 34.04 -9.28 12.69
N PHE E 3 34.72 -10.10 11.90
CA PHE E 3 35.41 -11.26 12.43
C PHE E 3 36.94 -11.16 12.50
N GLY E 4 37.48 -10.04 12.04
CA GLY E 4 38.87 -9.72 12.30
C GLY E 4 39.88 -10.27 11.30
N ALA E 5 39.44 -11.14 10.39
CA ALA E 5 40.34 -11.73 9.40
C ALA E 5 40.50 -10.92 8.10
N ILE E 6 39.43 -10.81 7.32
CA ILE E 6 39.52 -10.17 6.01
C ILE E 6 39.75 -8.68 6.21
N ALA E 7 40.77 -8.15 5.52
CA ALA E 7 41.21 -6.77 5.74
C ALA E 7 41.53 -6.54 7.21
N GLY E 8 41.85 -7.61 7.92
CA GLY E 8 42.12 -7.52 9.34
C GLY E 8 43.51 -8.07 9.56
N PHE E 9 43.62 -9.14 10.33
CA PHE E 9 44.93 -9.73 10.55
C PHE E 9 45.44 -10.44 9.29
N ILE E 10 44.56 -10.65 8.32
CA ILE E 10 45.01 -11.06 6.98
C ILE E 10 44.71 -9.89 6.05
N GLU E 11 45.76 -9.13 5.74
CA GLU E 11 45.61 -7.80 5.20
C GLU E 11 45.03 -7.72 3.81
N GLY E 12 45.44 -8.62 2.92
CA GLY E 12 44.99 -8.55 1.55
C GLY E 12 44.63 -9.90 0.98
N GLY E 13 44.08 -9.89 -0.23
CA GLY E 13 43.67 -11.12 -0.88
C GLY E 13 44.74 -11.61 -1.79
N TRP E 14 44.49 -12.76 -2.42
CA TRP E 14 45.45 -13.44 -3.28
C TRP E 14 44.90 -13.54 -4.70
N THR E 15 45.42 -12.73 -5.60
CA THR E 15 45.10 -12.87 -7.01
C THR E 15 45.60 -14.18 -7.60
N GLY E 16 46.53 -14.84 -6.89
CA GLY E 16 47.09 -16.11 -7.32
C GLY E 16 46.27 -17.33 -6.98
N MET E 17 45.36 -17.21 -6.02
CA MET E 17 44.42 -18.30 -5.78
C MET E 17 43.17 -18.09 -6.60
N VAL E 18 43.11 -18.73 -7.76
CA VAL E 18 42.07 -18.44 -8.74
C VAL E 18 40.93 -19.46 -8.75
N ASP E 19 41.12 -20.58 -8.06
CA ASP E 19 40.12 -21.65 -8.12
C ASP E 19 39.17 -21.68 -6.92
N GLY E 20 39.12 -20.61 -6.14
CA GLY E 20 38.23 -20.60 -5.00
C GLY E 20 38.33 -19.33 -4.17
N TRP E 21 37.35 -19.15 -3.29
CA TRP E 21 37.25 -17.96 -2.46
C TRP E 21 38.22 -17.97 -1.27
N TYR E 22 38.33 -19.11 -0.61
CA TYR E 22 39.26 -19.26 0.49
C TYR E 22 40.23 -20.40 0.22
N GLY E 23 41.42 -20.31 0.80
CA GLY E 23 42.38 -21.37 0.64
C GLY E 23 43.71 -21.12 1.32
N TYR E 24 44.73 -21.78 0.77
CA TYR E 24 46.00 -21.91 1.46
C TYR E 24 47.15 -21.62 0.54
N HIS E 25 48.21 -21.05 1.09
CA HIS E 25 49.49 -21.07 0.43
C HIS E 25 50.50 -21.82 1.30
N HIS E 26 51.21 -22.76 0.70
CA HIS E 26 52.20 -23.51 1.45
C HIS E 26 53.54 -23.35 0.76
N GLN E 27 54.61 -23.47 1.54
CA GLN E 27 55.95 -23.68 0.99
C GLN E 27 56.63 -24.73 1.84
N ASN E 28 57.02 -25.83 1.18
CA ASN E 28 57.86 -26.83 1.80
C ASN E 28 58.98 -27.24 0.83
N GLU E 29 59.76 -28.23 1.20
CA GLU E 29 60.93 -28.59 0.40
C GLU E 29 60.54 -29.04 -0.99
N GLN E 30 59.51 -29.89 -1.08
CA GLN E 30 59.05 -30.38 -2.38
C GLN E 30 58.12 -29.42 -3.14
N GLY E 31 58.12 -28.13 -2.80
CA GLY E 31 57.35 -27.15 -3.55
C GLY E 31 56.64 -26.04 -2.78
N SER E 32 55.86 -25.24 -3.52
CA SER E 32 55.11 -24.12 -2.97
C SER E 32 54.03 -23.69 -3.95
N GLY E 33 52.90 -23.20 -3.44
CA GLY E 33 51.83 -22.71 -4.29
C GLY E 33 50.53 -22.40 -3.58
N TYR E 34 49.56 -21.88 -4.32
CA TYR E 34 48.23 -21.65 -3.78
C TYR E 34 47.34 -22.82 -4.10
N ALA E 35 46.43 -23.12 -3.18
CA ALA E 35 45.34 -24.07 -3.42
C ALA E 35 44.12 -23.63 -2.63
N ALA E 36 42.99 -23.49 -3.32
CA ALA E 36 41.74 -23.16 -2.65
C ALA E 36 41.29 -24.33 -1.80
N ASP E 37 40.69 -24.02 -0.66
CA ASP E 37 39.99 -25.03 0.10
C ASP E 37 38.63 -25.23 -0.56
N LEU E 38 38.46 -26.31 -1.30
CA LEU E 38 37.26 -26.52 -2.11
C LEU E 38 35.99 -26.66 -1.29
N LYS E 39 36.11 -27.37 -0.17
CA LYS E 39 34.97 -27.59 0.72
C LYS E 39 34.44 -26.29 1.32
N SER E 40 35.30 -25.53 2.00
CA SER E 40 34.87 -24.27 2.61
C SER E 40 34.34 -23.32 1.55
N THR E 41 34.97 -23.34 0.39
CA THR E 41 34.50 -22.52 -0.72
C THR E 41 33.13 -22.97 -1.20
N GLN E 42 32.96 -24.28 -1.37
CA GLN E 42 31.71 -24.79 -1.91
C GLN E 42 30.54 -24.50 -0.95
N ASN E 43 30.80 -24.64 0.34
CA ASN E 43 29.80 -24.32 1.36
C ASN E 43 29.37 -22.87 1.23
N ALA E 44 30.34 -21.99 1.04
CA ALA E 44 30.06 -20.57 0.94
C ALA E 44 29.30 -20.27 -0.36
N ILE E 45 29.70 -20.95 -1.44
CA ILE E 45 29.02 -20.79 -2.72
C ILE E 45 27.56 -21.25 -2.61
N ASP E 46 27.36 -22.42 -2.00
CA ASP E 46 26.01 -22.93 -1.80
C ASP E 46 25.18 -22.00 -0.92
N GLY E 47 25.78 -21.51 0.16
CA GLY E 47 25.11 -20.58 1.05
C GLY E 47 24.71 -19.27 0.38
N ILE E 48 25.66 -18.66 -0.35
CA ILE E 48 25.40 -17.40 -1.03
C ILE E 48 24.44 -17.58 -2.19
N THR E 49 24.54 -18.71 -2.89
CA THR E 49 23.59 -19.00 -3.97
C THR E 49 22.16 -19.06 -3.42
N ASN E 50 22.00 -19.74 -2.30
CA ASN E 50 20.71 -19.86 -1.65
C ASN E 50 20.18 -18.48 -1.25
N LYS E 51 21.10 -17.62 -0.82
CA LYS E 51 20.75 -16.30 -0.36
C LYS E 51 20.21 -15.45 -1.52
N VAL E 52 20.94 -15.44 -2.64
CA VAL E 52 20.53 -14.70 -3.83
C VAL E 52 19.19 -15.24 -4.32
N ASN E 53 19.09 -16.55 -4.39
CA ASN E 53 17.86 -17.17 -4.87
C ASN E 53 16.68 -16.85 -3.97
N SER E 54 16.92 -16.72 -2.67
CA SER E 54 15.86 -16.36 -1.74
C SER E 54 15.36 -14.94 -1.98
N VAL E 55 16.27 -14.00 -2.12
CA VAL E 55 15.90 -12.60 -2.28
C VAL E 55 15.12 -12.41 -3.59
N ILE E 56 15.45 -13.25 -4.58
CA ILE E 56 14.83 -13.17 -5.89
C ILE E 56 13.49 -13.90 -5.92
N GLU E 57 13.48 -15.13 -5.44
CA GLU E 57 12.33 -16.01 -5.63
C GLU E 57 11.19 -15.82 -4.63
N LYS E 58 11.44 -15.16 -3.51
CA LYS E 58 10.38 -14.89 -2.54
C LYS E 58 9.41 -13.84 -3.05
N MET E 59 9.78 -13.19 -4.15
CA MET E 59 8.91 -12.23 -4.83
C MET E 59 8.18 -12.97 -5.94
N ASN E 60 6.91 -13.28 -5.72
CA ASN E 60 6.15 -13.97 -6.75
C ASN E 60 4.88 -13.21 -7.06
N THR E 61 4.97 -12.30 -8.04
CA THR E 61 3.87 -11.40 -8.37
C THR E 61 2.83 -12.05 -9.29
N GLN E 62 1.60 -11.59 -9.19
CA GLN E 62 0.55 -12.09 -10.06
C GLN E 62 0.41 -11.19 -11.29
N PHE E 63 -0.33 -11.64 -12.30
CA PHE E 63 -0.56 -10.86 -13.50
C PHE E 63 -1.42 -9.68 -13.15
N THR E 64 -0.91 -8.47 -13.35
CA THR E 64 -1.69 -7.26 -13.07
C THR E 64 -1.43 -6.19 -14.12
N ALA E 65 -2.38 -5.27 -14.27
CA ALA E 65 -2.14 -4.12 -15.11
C ALA E 65 -2.22 -2.86 -14.25
N VAL E 66 -1.11 -2.18 -14.08
CA VAL E 66 -1.05 -1.06 -13.15
C VAL E 66 -1.93 0.12 -13.58
N GLY E 67 -1.92 0.47 -14.86
CA GLY E 67 -2.58 1.67 -15.36
C GLY E 67 -4.07 1.75 -15.10
N LYS E 68 -4.55 2.97 -14.90
CA LYS E 68 -5.97 3.24 -14.76
C LYS E 68 -6.28 4.51 -15.52
N GLU E 69 -7.50 4.60 -16.06
CA GLU E 69 -7.86 5.79 -16.80
C GLU E 69 -9.04 6.48 -16.16
N PHE E 70 -8.89 7.78 -15.95
CA PHE E 70 -9.91 8.58 -15.29
C PHE E 70 -10.23 9.81 -16.12
N ASN E 71 -11.50 10.23 -16.09
CA ASN E 71 -11.88 11.42 -16.82
C ASN E 71 -11.71 12.70 -16.01
N HIS E 72 -12.02 13.84 -16.62
CA HIS E 72 -11.74 15.11 -15.99
C HIS E 72 -12.54 15.36 -14.72
N LEU E 73 -13.60 14.58 -14.50
CA LEU E 73 -14.40 14.78 -13.29
C LEU E 73 -14.15 13.69 -12.26
N GLU E 74 -13.04 12.98 -12.42
CA GLU E 74 -12.67 11.90 -11.53
C GLU E 74 -11.27 12.12 -10.97
N LYS E 75 -10.93 13.40 -10.78
CA LYS E 75 -9.62 13.79 -10.32
C LYS E 75 -9.31 13.20 -8.94
N ARG E 76 -10.31 13.13 -8.07
CA ARG E 76 -10.07 12.62 -6.72
C ARG E 76 -9.66 11.16 -6.72
N ILE E 77 -10.35 10.33 -7.49
CA ILE E 77 -9.96 8.93 -7.57
C ILE E 77 -8.67 8.74 -8.39
N GLU E 78 -8.43 9.61 -9.37
CA GLU E 78 -7.15 9.57 -10.07
C GLU E 78 -6.00 9.81 -9.07
N ASN E 79 -6.19 10.77 -8.17
CA ASN E 79 -5.20 11.04 -7.12
C ASN E 79 -5.10 9.94 -6.05
N LEU E 80 -6.22 9.28 -5.78
CA LEU E 80 -6.18 8.09 -4.92
C LEU E 80 -5.33 6.99 -5.59
N ASN E 81 -5.55 6.77 -6.88
CA ASN E 81 -4.77 5.78 -7.63
C ASN E 81 -3.30 6.17 -7.63
N LYS E 82 -3.03 7.46 -7.70
CA LYS E 82 -1.65 7.93 -7.66
C LYS E 82 -1.03 7.73 -6.27
N LYS E 83 -1.81 7.98 -5.22
CA LYS E 83 -1.31 7.75 -3.86
C LYS E 83 -0.94 6.28 -3.68
N VAL E 84 -1.72 5.39 -4.29
CA VAL E 84 -1.42 3.96 -4.22
C VAL E 84 -0.11 3.59 -4.93
N ASP E 85 0.05 4.02 -6.18
CA ASP E 85 1.24 3.69 -6.97
C ASP E 85 2.49 4.28 -6.30
N ASP E 86 2.37 5.52 -5.82
CA ASP E 86 3.46 6.21 -5.14
C ASP E 86 3.78 5.64 -3.75
N GLY E 87 2.76 5.16 -3.05
CA GLY E 87 2.96 4.54 -1.74
C GLY E 87 3.75 3.26 -1.90
N PHE E 88 3.39 2.49 -2.92
CA PHE E 88 4.06 1.21 -3.20
C PHE E 88 5.49 1.47 -3.63
N LEU E 89 5.66 2.52 -4.45
CA LEU E 89 6.97 2.89 -4.94
C LEU E 89 7.88 3.20 -3.76
N ASP E 90 7.37 3.99 -2.81
CA ASP E 90 8.14 4.36 -1.63
C ASP E 90 8.52 3.16 -0.76
N ILE E 91 7.56 2.27 -0.52
CA ILE E 91 7.82 1.09 0.28
C ILE E 91 8.86 0.21 -0.39
N TRP E 92 8.63 -0.14 -1.65
CA TRP E 92 9.55 -1.02 -2.36
C TRP E 92 10.92 -0.42 -2.56
N THR E 93 10.98 0.89 -2.82
CA THR E 93 12.27 1.49 -3.06
C THR E 93 13.05 1.48 -1.76
N TYR E 94 12.40 1.86 -0.68
CA TYR E 94 13.06 1.91 0.61
C TYR E 94 13.49 0.50 1.00
N ASN E 95 12.58 -0.45 0.88
CA ASN E 95 12.86 -1.81 1.34
C ASN E 95 13.92 -2.50 0.51
N ALA E 96 13.88 -2.33 -0.80
CA ALA E 96 14.92 -2.91 -1.66
C ALA E 96 16.30 -2.31 -1.35
N GLU E 97 16.34 -0.99 -1.14
CA GLU E 97 17.60 -0.31 -0.86
C GLU E 97 18.21 -0.82 0.46
N LEU E 98 17.41 -0.86 1.52
CA LEU E 98 17.91 -1.28 2.81
C LEU E 98 18.25 -2.76 2.76
N LEU E 99 17.43 -3.55 2.10
CA LEU E 99 17.70 -4.99 1.99
C LEU E 99 19.11 -5.23 1.44
N VAL E 100 19.43 -4.54 0.36
CA VAL E 100 20.72 -4.67 -0.29
C VAL E 100 21.86 -4.18 0.62
N LEU E 101 21.74 -2.97 1.17
CA LEU E 101 22.75 -2.44 2.11
C LEU E 101 22.99 -3.39 3.26
N LEU E 102 21.91 -3.86 3.86
CA LEU E 102 22.00 -4.68 5.06
C LEU E 102 22.58 -6.05 4.76
N GLU E 103 22.14 -6.66 3.67
CA GLU E 103 22.60 -8.00 3.36
C GLU E 103 24.02 -8.03 2.79
N ASN E 104 24.40 -6.98 2.09
CA ASN E 104 25.77 -6.86 1.62
C ASN E 104 26.75 -6.87 2.79
N GLU E 105 26.39 -6.19 3.86
CA GLU E 105 27.17 -6.18 5.07
C GLU E 105 27.25 -7.61 5.62
N ARG E 106 26.11 -8.31 5.60
CA ARG E 106 26.07 -9.68 6.11
C ARG E 106 26.86 -10.69 5.27
N THR E 107 26.84 -10.49 3.95
CA THR E 107 27.62 -11.31 3.05
C THR E 107 29.12 -11.13 3.32
N LEU E 108 29.54 -9.89 3.47
CA LEU E 108 30.93 -9.64 3.79
C LEU E 108 31.30 -10.21 5.17
N ASP E 109 30.43 -10.03 6.17
CA ASP E 109 30.65 -10.66 7.48
C ASP E 109 30.85 -12.16 7.34
N TYR E 110 30.06 -12.74 6.44
CA TYR E 110 30.00 -14.18 6.28
C TYR E 110 31.34 -14.69 5.76
N HIS E 111 31.82 -14.06 4.70
CA HIS E 111 33.15 -14.38 4.17
C HIS E 111 34.22 -14.23 5.25
N ASP E 112 34.19 -13.10 5.98
CA ASP E 112 35.14 -12.87 7.08
C ASP E 112 35.12 -14.03 8.08
N SER E 113 33.93 -14.45 8.48
CA SER E 113 33.76 -15.59 9.37
C SER E 113 34.37 -16.86 8.79
N ASN E 114 34.11 -17.12 7.51
CA ASN E 114 34.63 -18.33 6.89
C ASN E 114 36.18 -18.38 6.91
N VAL E 115 36.80 -17.23 6.71
CA VAL E 115 38.26 -17.13 6.71
C VAL E 115 38.79 -17.31 8.12
N LYS E 116 38.22 -16.55 9.05
CA LYS E 116 38.50 -16.71 10.47
C LYS E 116 38.41 -18.19 10.92
N ASN E 117 37.32 -18.89 10.57
CA ASN E 117 37.12 -20.27 11.01
C ASN E 117 38.17 -21.20 10.41
N LEU E 118 38.45 -21.01 9.13
CA LEU E 118 39.50 -21.75 8.45
C LEU E 118 40.84 -21.56 9.18
N TYR E 119 41.17 -20.31 9.51
CA TYR E 119 42.39 -19.99 10.22
C TYR E 119 42.42 -20.65 11.60
N GLU E 120 41.31 -20.55 12.33
CA GLU E 120 41.24 -21.13 13.66
C GLU E 120 41.38 -22.65 13.66
N LYS E 121 40.79 -23.31 12.66
CA LYS E 121 40.90 -24.77 12.52
C LYS E 121 42.35 -25.20 12.37
N VAL E 122 43.15 -24.44 11.63
CA VAL E 122 44.58 -24.76 11.51
C VAL E 122 45.33 -24.49 12.82
N ARG E 123 45.04 -23.34 13.43
CA ARG E 123 45.71 -22.94 14.65
C ARG E 123 45.51 -23.98 15.73
N SER E 124 44.28 -24.47 15.87
CA SER E 124 43.92 -25.46 16.87
C SER E 124 44.62 -26.79 16.70
N GLN E 125 44.89 -27.16 15.45
CA GLN E 125 45.61 -28.41 15.18
C GLN E 125 47.10 -28.26 15.47
N LEU E 126 47.69 -27.19 14.95
CA LEU E 126 49.13 -27.04 14.99
C LEU E 126 49.63 -26.82 16.41
N LYS E 127 48.86 -26.08 17.18
CA LYS E 127 49.28 -25.64 18.50
C LYS E 127 50.71 -25.06 18.44
N ASN E 128 51.59 -25.60 19.27
CA ASN E 128 52.96 -25.10 19.37
C ASN E 128 53.94 -25.85 18.46
N ASN E 129 53.43 -26.68 17.54
CA ASN E 129 54.31 -27.33 16.57
C ASN E 129 54.64 -26.39 15.44
N ALA E 130 54.01 -25.22 15.49
CA ALA E 130 54.27 -24.16 14.54
C ALA E 130 54.16 -22.85 15.26
N LYS E 131 54.60 -21.79 14.60
CA LYS E 131 54.58 -20.46 15.15
C LYS E 131 53.59 -19.60 14.34
N GLU E 132 52.67 -18.95 15.04
CA GLU E 132 51.75 -18.02 14.38
C GLU E 132 52.50 -16.76 14.04
N ILE E 133 52.81 -16.55 12.77
CA ILE E 133 53.68 -15.43 12.42
C ILE E 133 52.94 -14.23 11.92
N GLY E 134 51.64 -14.18 12.23
CA GLY E 134 50.80 -13.10 11.75
C GLY E 134 50.48 -13.17 10.26
N ASN E 135 49.59 -12.27 9.84
CA ASN E 135 49.14 -12.23 8.46
C ASN E 135 48.55 -13.55 8.00
N GLY E 136 48.12 -14.37 8.95
CA GLY E 136 47.43 -15.61 8.63
C GLY E 136 48.36 -16.76 8.29
N CYS E 137 49.64 -16.62 8.64
CA CYS E 137 50.64 -17.63 8.30
C CYS E 137 51.15 -18.39 9.50
N PHE E 138 51.48 -19.66 9.31
CA PHE E 138 52.12 -20.45 10.35
C PHE E 138 53.47 -20.92 9.87
N GLU E 139 54.49 -20.77 10.71
CA GLU E 139 55.80 -21.30 10.38
C GLU E 139 56.05 -22.57 11.20
N PHE E 140 56.17 -23.69 10.51
CA PHE E 140 56.32 -24.98 11.16
C PHE E 140 57.66 -25.09 11.88
N TYR E 141 57.65 -25.65 13.08
CA TYR E 141 58.89 -25.96 13.78
C TYR E 141 59.37 -27.34 13.38
N HIS E 142 58.81 -27.89 12.31
CA HIS E 142 59.24 -29.19 11.84
C HIS E 142 59.04 -29.25 10.34
N LYS E 143 59.70 -30.20 9.69
CA LYS E 143 59.49 -30.36 8.27
C LYS E 143 58.07 -30.81 8.02
N CYS E 144 57.39 -30.12 7.12
CA CYS E 144 56.01 -30.45 6.81
C CYS E 144 55.90 -30.73 5.33
N ASP E 145 55.92 -32.01 4.99
CA ASP E 145 55.85 -32.41 3.60
C ASP E 145 54.41 -32.34 3.11
N ASN E 146 54.20 -32.62 1.83
CA ASN E 146 52.87 -32.47 1.24
C ASN E 146 51.82 -33.31 1.96
N THR E 147 52.19 -34.52 2.36
CA THR E 147 51.28 -35.37 3.15
C THR E 147 50.89 -34.66 4.44
N CYS E 148 51.88 -34.08 5.12
CA CYS E 148 51.66 -33.37 6.36
C CYS E 148 50.75 -32.14 6.15
N MET E 149 51.12 -31.29 5.19
CA MET E 149 50.31 -30.13 4.75
C MET E 149 48.86 -30.50 4.48
N GLU E 150 48.67 -31.58 3.74
CA GLU E 150 47.34 -32.06 3.43
C GLU E 150 46.60 -32.49 4.70
N SER E 151 47.32 -33.12 5.63
CA SER E 151 46.66 -33.52 6.88
C SER E 151 46.14 -32.29 7.60
N VAL E 152 46.90 -31.20 7.51
CA VAL E 152 46.48 -29.96 8.14
C VAL E 152 45.20 -29.40 7.50
N LYS E 153 45.18 -29.33 6.18
CA LYS E 153 44.00 -28.87 5.44
C LYS E 153 42.80 -29.79 5.70
N ASN E 154 43.09 -31.05 5.99
CA ASN E 154 42.08 -32.07 6.15
C ASN E 154 41.52 -32.09 7.58
N GLY E 155 42.20 -31.40 8.49
CA GLY E 155 41.75 -31.39 9.87
C GLY E 155 42.16 -32.64 10.64
N THR E 156 43.13 -33.38 10.10
CA THR E 156 43.65 -34.56 10.78
C THR E 156 45.16 -34.50 11.04
N TYR E 157 45.70 -33.31 11.26
CA TYR E 157 47.12 -33.16 11.56
C TYR E 157 47.50 -33.93 12.81
N ASP E 158 48.62 -34.64 12.73
CA ASP E 158 49.05 -35.48 13.84
C ASP E 158 50.05 -34.74 14.73
N TYR E 159 49.53 -33.98 15.70
CA TYR E 159 50.40 -33.25 16.63
C TYR E 159 51.49 -34.12 17.30
N PRO E 160 51.12 -35.27 17.90
CA PRO E 160 52.18 -36.02 18.58
C PRO E 160 53.23 -36.61 17.63
N LYS E 161 52.89 -36.82 16.35
CA LYS E 161 53.89 -37.34 15.41
C LYS E 161 55.06 -36.39 15.27
N TYR E 162 54.79 -35.08 15.31
CA TYR E 162 55.83 -34.10 15.09
C TYR E 162 56.26 -33.33 16.33
N SER E 163 55.67 -33.65 17.47
CA SER E 163 55.87 -32.81 18.66
C SER E 163 57.32 -32.85 19.17
N GLU E 164 57.97 -34.01 19.11
CA GLU E 164 59.38 -34.09 19.52
C GLU E 164 60.27 -33.24 18.62
N GLU E 165 60.20 -33.48 17.31
CA GLU E 165 60.96 -32.70 16.34
C GLU E 165 60.69 -31.21 16.53
N ALA E 166 59.41 -30.86 16.66
CA ALA E 166 59.02 -29.47 16.83
C ALA E 166 59.63 -28.83 18.09
N LYS E 167 59.50 -29.52 19.22
CA LYS E 167 60.03 -29.05 20.50
C LYS E 167 61.54 -28.84 20.44
N LEU E 168 62.22 -29.65 19.63
CA LEU E 168 63.66 -29.52 19.48
C LEU E 168 64.05 -28.21 18.83
N ASN E 169 63.41 -27.89 17.70
CA ASN E 169 63.70 -26.64 16.98
C ASN E 169 63.17 -25.41 17.71
N ARG E 170 62.13 -25.60 18.51
CA ARG E 170 61.54 -24.50 19.28
C ARG E 170 62.34 -24.25 20.56
N GLU E 171 63.17 -25.23 20.90
CA GLU E 171 63.93 -25.30 22.15
C GLU E 171 63.08 -25.14 23.41
N GLY F 1 28.96 -22.64 11.12
CA GLY F 1 28.26 -21.44 11.52
C GLY F 1 29.18 -20.26 11.71
N LEU F 2 28.58 -19.10 11.92
CA LEU F 2 29.31 -17.83 11.95
C LEU F 2 30.41 -17.87 13.01
N PHE F 3 30.12 -18.50 14.15
CA PHE F 3 31.05 -18.46 15.26
C PHE F 3 31.84 -19.76 15.45
N GLY F 4 31.71 -20.69 14.50
CA GLY F 4 32.55 -21.87 14.43
C GLY F 4 32.43 -22.93 15.51
N ALA F 5 31.47 -22.80 16.42
CA ALA F 5 31.31 -23.77 17.50
C ALA F 5 30.29 -24.87 17.17
N ILE F 6 29.02 -24.50 17.06
CA ILE F 6 27.98 -25.48 16.75
C ILE F 6 28.22 -26.09 15.36
N ALA F 7 28.17 -27.42 15.26
CA ALA F 7 28.56 -28.10 14.02
C ALA F 7 29.93 -27.64 13.52
N GLY F 8 30.78 -27.19 14.43
CA GLY F 8 32.08 -26.68 14.06
C GLY F 8 33.12 -27.33 14.94
N PHE F 9 33.78 -26.56 15.80
CA PHE F 9 34.77 -27.21 16.65
C PHE F 9 34.10 -28.07 17.74
N ILE F 10 32.81 -27.86 17.98
CA ILE F 10 32.06 -28.80 18.80
C ILE F 10 31.10 -29.52 17.87
N GLU F 11 31.49 -30.74 17.50
CA GLU F 11 30.95 -31.41 16.32
C GLU F 11 29.48 -31.76 16.41
N GLY F 12 28.99 -32.06 17.60
CA GLY F 12 27.60 -32.47 17.76
C GLY F 12 26.92 -31.97 19.01
N GLY F 13 25.59 -32.15 19.06
CA GLY F 13 24.82 -31.80 20.23
C GLY F 13 24.70 -32.98 21.18
N TRP F 14 24.21 -32.70 22.38
CA TRP F 14 24.03 -33.70 23.42
C TRP F 14 22.54 -33.94 23.74
N THR F 15 21.98 -35.03 23.25
CA THR F 15 20.65 -35.43 23.70
C THR F 15 20.61 -35.64 25.23
N GLY F 16 21.75 -36.02 25.80
CA GLY F 16 21.87 -36.23 27.24
C GLY F 16 21.73 -35.00 28.12
N MET F 17 21.89 -33.81 27.54
CA MET F 17 21.72 -32.59 28.33
C MET F 17 20.30 -32.05 28.11
N VAL F 18 19.40 -32.45 29.00
CA VAL F 18 17.98 -32.21 28.82
C VAL F 18 17.48 -30.87 29.39
N ASP F 19 18.25 -30.27 30.29
CA ASP F 19 17.75 -29.15 31.10
C ASP F 19 18.18 -27.77 30.65
N GLY F 20 18.61 -27.63 29.41
CA GLY F 20 19.05 -26.34 28.90
C GLY F 20 19.74 -26.42 27.56
N TRP F 21 19.98 -25.27 26.95
CA TRP F 21 20.52 -25.20 25.60
C TRP F 21 22.02 -25.42 25.55
N TYR F 22 22.72 -24.91 26.56
CA TYR F 22 24.18 -24.94 26.58
C TYR F 22 24.63 -25.43 27.94
N GLY F 23 25.76 -26.13 27.95
CA GLY F 23 26.33 -26.49 29.23
C GLY F 23 27.52 -27.39 29.15
N TYR F 24 27.55 -28.34 30.08
CA TYR F 24 28.78 -29.02 30.40
C TYR F 24 28.59 -30.50 30.55
N HIS F 25 29.64 -31.21 30.18
CA HIS F 25 29.82 -32.58 30.60
C HIS F 25 31.15 -32.70 31.35
N HIS F 26 31.11 -33.25 32.56
CA HIS F 26 32.31 -33.41 33.37
C HIS F 26 32.55 -34.87 33.69
N GLN F 27 33.81 -35.20 33.94
CA GLN F 27 34.20 -36.56 34.24
C GLN F 27 35.39 -36.48 35.18
N ASN F 28 35.16 -36.84 36.43
CA ASN F 28 36.24 -36.90 37.40
C ASN F 28 36.16 -38.21 38.19
N GLU F 29 36.94 -38.33 39.25
CA GLU F 29 36.98 -39.57 40.01
C GLU F 29 35.69 -39.82 40.80
N GLN F 30 34.95 -38.76 41.09
CA GLN F 30 33.70 -38.96 41.81
C GLN F 30 32.45 -39.05 40.92
N GLY F 31 32.67 -39.17 39.61
CA GLY F 31 31.56 -39.38 38.71
C GLY F 31 31.57 -38.50 37.47
N SER F 32 30.49 -38.58 36.71
CA SER F 32 30.40 -37.88 35.44
C SER F 32 28.94 -37.56 35.17
N GLY F 33 28.68 -36.59 34.30
CA GLY F 33 27.32 -36.25 33.95
C GLY F 33 27.17 -34.95 33.19
N TYR F 34 25.98 -34.73 32.63
CA TYR F 34 25.65 -33.49 31.96
C TYR F 34 25.03 -32.50 32.93
N ALA F 35 25.29 -31.22 32.72
CA ALA F 35 24.62 -30.17 33.48
C ALA F 35 24.51 -28.95 32.58
N ALA F 36 23.29 -28.44 32.42
CA ALA F 36 23.11 -27.22 31.65
C ALA F 36 23.75 -26.06 32.41
N ASP F 37 24.32 -25.11 31.67
CA ASP F 37 24.70 -23.83 32.24
C ASP F 37 23.42 -22.99 32.27
N LEU F 38 22.85 -22.80 33.45
CA LEU F 38 21.51 -22.24 33.53
C LEU F 38 21.49 -20.75 33.25
N LYS F 39 22.58 -20.07 33.59
CA LYS F 39 22.68 -18.64 33.39
C LYS F 39 22.73 -18.25 31.90
N SER F 40 23.62 -18.90 31.15
CA SER F 40 23.72 -18.63 29.73
C SER F 40 22.48 -19.14 29.01
N THR F 41 21.94 -20.26 29.48
CA THR F 41 20.68 -20.77 28.95
C THR F 41 19.53 -19.79 29.20
N GLN F 42 19.41 -19.30 30.44
CA GLN F 42 18.31 -18.40 30.77
C GLN F 42 18.42 -17.06 30.04
N ASN F 43 19.64 -16.57 29.87
CA ASN F 43 19.84 -15.31 29.11
C ASN F 43 19.38 -15.46 27.67
N ALA F 44 19.71 -16.61 27.09
CA ALA F 44 19.36 -16.91 25.72
C ALA F 44 17.85 -17.05 25.60
N ILE F 45 17.22 -17.72 26.57
CA ILE F 45 15.77 -17.88 26.59
C ILE F 45 15.08 -16.51 26.68
N ASP F 46 15.53 -15.67 27.60
CA ASP F 46 15.02 -14.30 27.74
C ASP F 46 15.17 -13.53 26.45
N GLY F 47 16.34 -13.64 25.82
CA GLY F 47 16.62 -12.94 24.60
C GLY F 47 15.73 -13.38 23.45
N ILE F 48 15.63 -14.69 23.23
CA ILE F 48 14.85 -15.24 22.14
C ILE F 48 13.36 -14.98 22.35
N THR F 49 12.93 -15.08 23.60
CA THR F 49 11.54 -14.78 23.95
C THR F 49 11.21 -13.35 23.60
N ASN F 50 12.14 -12.45 23.90
CA ASN F 50 11.98 -11.05 23.55
C ASN F 50 11.90 -10.88 22.03
N LYS F 51 12.70 -11.66 21.30
CA LYS F 51 12.74 -11.56 19.84
C LYS F 51 11.43 -11.99 19.21
N VAL F 52 10.93 -13.14 19.64
CA VAL F 52 9.66 -13.65 19.12
C VAL F 52 8.52 -12.69 19.42
N ASN F 53 8.49 -12.15 20.64
CA ASN F 53 7.43 -11.24 21.04
C ASN F 53 7.50 -9.91 20.29
N SER F 54 8.70 -9.47 19.97
CA SER F 54 8.87 -8.26 19.18
C SER F 54 8.31 -8.47 17.78
N VAL F 55 8.68 -9.59 17.16
CA VAL F 55 8.20 -9.90 15.82
C VAL F 55 6.68 -9.97 15.82
N ILE F 56 6.11 -10.49 16.90
CA ILE F 56 4.68 -10.65 17.01
C ILE F 56 3.99 -9.35 17.42
N GLU F 57 4.43 -8.77 18.53
CA GLU F 57 3.72 -7.61 19.11
C GLU F 57 3.90 -6.28 18.38
N LYS F 58 4.85 -6.19 17.44
CA LYS F 58 4.99 -4.93 16.73
C LYS F 58 3.91 -4.76 15.67
N MET F 59 3.26 -5.87 15.33
CA MET F 59 2.11 -5.85 14.44
C MET F 59 0.87 -5.58 15.28
N ASN F 60 0.39 -4.35 15.26
CA ASN F 60 -0.84 -4.00 15.95
C ASN F 60 -1.73 -3.25 14.97
N THR F 61 -2.69 -3.95 14.39
CA THR F 61 -3.57 -3.37 13.38
C THR F 61 -4.87 -2.87 14.00
N GLN F 62 -5.53 -1.95 13.31
CA GLN F 62 -6.84 -1.46 13.73
C GLN F 62 -7.95 -2.37 13.19
N PHE F 63 -9.15 -2.22 13.76
CA PHE F 63 -10.30 -2.99 13.32
C PHE F 63 -10.70 -2.53 11.92
N THR F 64 -10.52 -3.39 10.92
CA THR F 64 -10.87 -3.02 9.57
C THR F 64 -11.67 -4.08 8.82
N ALA F 65 -12.35 -3.65 7.77
CA ALA F 65 -13.10 -4.52 6.87
C ALA F 65 -12.50 -4.41 5.49
N VAL F 66 -11.86 -5.46 5.01
CA VAL F 66 -11.15 -5.42 3.73
C VAL F 66 -12.05 -5.38 2.49
N GLY F 67 -13.19 -6.08 2.55
CA GLY F 67 -14.06 -6.25 1.40
C GLY F 67 -14.64 -4.95 0.87
N LYS F 68 -14.82 -4.87 -0.45
CA LYS F 68 -15.51 -3.75 -1.07
C LYS F 68 -16.43 -4.28 -2.16
N GLU F 69 -17.58 -3.64 -2.36
CA GLU F 69 -18.47 -4.10 -3.41
C GLU F 69 -18.67 -3.05 -4.48
N PHE F 70 -18.47 -3.45 -5.72
CA PHE F 70 -18.63 -2.53 -6.82
C PHE F 70 -19.57 -3.10 -7.87
N ASN F 71 -20.39 -2.24 -8.45
CA ASN F 71 -21.31 -2.67 -9.49
C ASN F 71 -20.58 -2.79 -10.82
N HIS F 72 -21.30 -3.24 -11.85
CA HIS F 72 -20.70 -3.54 -13.14
C HIS F 72 -20.20 -2.33 -13.92
N LEU F 73 -20.52 -1.13 -13.47
CA LEU F 73 -19.97 0.06 -14.12
C LEU F 73 -18.91 0.75 -13.25
N GLU F 74 -18.38 -0.01 -12.30
CA GLU F 74 -17.36 0.50 -11.39
C GLU F 74 -16.15 -0.39 -11.45
N LYS F 75 -15.84 -0.89 -12.65
CA LYS F 75 -14.77 -1.85 -12.77
C LYS F 75 -13.39 -1.23 -12.51
N ARG F 76 -13.21 0.02 -12.93
CA ARG F 76 -11.94 0.68 -12.71
C ARG F 76 -11.60 0.75 -11.23
N ILE F 77 -12.57 1.14 -10.40
CA ILE F 77 -12.30 1.23 -8.98
C ILE F 77 -12.23 -0.15 -8.34
N GLU F 78 -12.97 -1.10 -8.91
CA GLU F 78 -12.86 -2.48 -8.44
C GLU F 78 -11.43 -2.98 -8.68
N ASN F 79 -10.90 -2.66 -9.86
CA ASN F 79 -9.54 -3.03 -10.18
C ASN F 79 -8.53 -2.28 -9.33
N LEU F 80 -8.89 -1.04 -8.98
CA LEU F 80 -8.06 -0.25 -8.06
C LEU F 80 -8.04 -0.92 -6.68
N ASN F 81 -9.22 -1.29 -6.18
CA ASN F 81 -9.30 -1.97 -4.90
C ASN F 81 -8.44 -3.26 -4.94
N LYS F 82 -8.48 -3.95 -6.07
CA LYS F 82 -7.72 -5.17 -6.26
C LYS F 82 -6.21 -4.89 -6.26
N LYS F 83 -5.82 -3.78 -6.87
CA LYS F 83 -4.43 -3.39 -6.88
C LYS F 83 -3.97 -3.11 -5.47
N VAL F 84 -4.84 -2.54 -4.64
CA VAL F 84 -4.47 -2.25 -3.27
C VAL F 84 -4.27 -3.54 -2.48
N ASP F 85 -5.28 -4.40 -2.49
CA ASP F 85 -5.21 -5.70 -1.83
C ASP F 85 -4.00 -6.53 -2.30
N ASP F 86 -3.81 -6.61 -3.61
CA ASP F 86 -2.71 -7.38 -4.18
C ASP F 86 -1.37 -6.76 -3.82
N GLY F 87 -1.32 -5.43 -3.77
CA GLY F 87 -0.09 -4.75 -3.44
C GLY F 87 0.35 -5.06 -2.03
N PHE F 88 -0.60 -5.03 -1.10
CA PHE F 88 -0.33 -5.31 0.31
C PHE F 88 0.10 -6.75 0.45
N LEU F 89 -0.57 -7.62 -0.31
CA LEU F 89 -0.25 -9.05 -0.35
C LEU F 89 1.23 -9.28 -0.72
N ASP F 90 1.66 -8.71 -1.83
CA ASP F 90 3.06 -8.82 -2.25
C ASP F 90 4.06 -8.28 -1.23
N ILE F 91 3.76 -7.12 -0.63
CA ILE F 91 4.62 -6.56 0.41
C ILE F 91 4.70 -7.44 1.66
N TRP F 92 3.56 -7.75 2.27
CA TRP F 92 3.57 -8.57 3.48
C TRP F 92 4.16 -9.95 3.25
N THR F 93 3.91 -10.54 2.09
CA THR F 93 4.43 -11.88 1.81
C THR F 93 5.94 -11.84 1.68
N TYR F 94 6.44 -10.90 0.89
CA TYR F 94 7.88 -10.78 0.68
C TYR F 94 8.59 -10.45 1.98
N ASN F 95 8.05 -9.48 2.71
CA ASN F 95 8.64 -9.09 3.98
C ASN F 95 8.57 -10.19 5.04
N ALA F 96 7.46 -10.95 5.09
CA ALA F 96 7.38 -12.01 6.08
C ALA F 96 8.34 -13.13 5.74
N GLU F 97 8.46 -13.45 4.45
CA GLU F 97 9.30 -14.58 4.06
C GLU F 97 10.76 -14.27 4.35
N LEU F 98 11.20 -13.07 3.96
CA LEU F 98 12.58 -12.68 4.16
C LEU F 98 12.88 -12.50 5.64
N LEU F 99 11.93 -11.94 6.38
CA LEU F 99 12.16 -11.69 7.79
C LEU F 99 12.47 -12.99 8.50
N VAL F 100 11.68 -14.01 8.20
CA VAL F 100 11.88 -15.33 8.80
C VAL F 100 13.23 -15.93 8.39
N LEU F 101 13.55 -15.88 7.10
CA LEU F 101 14.80 -16.42 6.59
C LEU F 101 15.98 -15.77 7.29
N LEU F 102 15.95 -14.44 7.39
CA LEU F 102 17.08 -13.68 7.86
C LEU F 102 17.21 -13.83 9.37
N GLU F 103 16.10 -13.74 10.07
CA GLU F 103 16.16 -13.83 11.52
C GLU F 103 16.48 -15.24 12.01
N ASN F 104 16.11 -16.25 11.24
CA ASN F 104 16.53 -17.61 11.56
C ASN F 104 18.04 -17.78 11.47
N GLU F 105 18.66 -17.18 10.46
CA GLU F 105 20.11 -17.24 10.36
C GLU F 105 20.70 -16.58 11.60
N ARG F 106 20.12 -15.44 11.97
CA ARG F 106 20.57 -14.71 13.15
C ARG F 106 20.37 -15.46 14.47
N THR F 107 19.24 -16.14 14.60
CA THR F 107 18.97 -16.93 15.80
C THR F 107 20.02 -18.05 15.93
N LEU F 108 20.27 -18.77 14.83
CA LEU F 108 21.27 -19.84 14.87
C LEU F 108 22.70 -19.33 15.16
N ASP F 109 23.11 -18.22 14.52
CA ASP F 109 24.39 -17.56 14.82
C ASP F 109 24.48 -17.23 16.31
N TYR F 110 23.36 -16.78 16.88
CA TYR F 110 23.30 -16.32 18.25
C TYR F 110 23.59 -17.48 19.20
N HIS F 111 22.96 -18.62 18.96
CA HIS F 111 23.26 -19.81 19.75
C HIS F 111 24.73 -20.19 19.61
N ASP F 112 25.26 -20.10 18.39
CA ASP F 112 26.64 -20.48 18.10
C ASP F 112 27.57 -19.60 18.91
N SER F 113 27.25 -18.31 18.95
CA SER F 113 28.00 -17.36 19.72
C SER F 113 27.94 -17.66 21.21
N ASN F 114 26.78 -18.04 21.71
CA ASN F 114 26.66 -18.34 23.14
C ASN F 114 27.52 -19.52 23.53
N VAL F 115 27.58 -20.52 22.65
CA VAL F 115 28.36 -21.71 22.89
C VAL F 115 29.83 -21.37 22.84
N LYS F 116 30.24 -20.67 21.77
CA LYS F 116 31.60 -20.17 21.65
C LYS F 116 32.00 -19.40 22.92
N ASN F 117 31.19 -18.44 23.34
CA ASN F 117 31.51 -17.63 24.53
C ASN F 117 31.65 -18.48 25.79
N LEU F 118 30.77 -19.45 25.96
CA LEU F 118 30.85 -20.34 27.11
C LEU F 118 32.20 -21.06 27.12
N TYR F 119 32.59 -21.58 25.97
CA TYR F 119 33.86 -22.27 25.85
C TYR F 119 35.04 -21.35 26.17
N GLU F 120 35.01 -20.12 25.66
CA GLU F 120 36.09 -19.15 25.90
C GLU F 120 36.17 -18.74 27.37
N LYS F 121 35.01 -18.59 28.03
CA LYS F 121 34.99 -18.32 29.47
C LYS F 121 35.66 -19.43 30.30
N VAL F 122 35.60 -20.67 29.86
CA VAL F 122 36.27 -21.76 30.58
C VAL F 122 37.76 -21.75 30.28
N ARG F 123 38.09 -21.67 28.99
CA ARG F 123 39.47 -21.62 28.53
C ARG F 123 40.23 -20.53 29.28
N SER F 124 39.61 -19.35 29.38
CA SER F 124 40.23 -18.22 30.09
C SER F 124 40.48 -18.49 31.57
N GLN F 125 39.57 -19.17 32.24
CA GLN F 125 39.81 -19.51 33.64
C GLN F 125 40.93 -20.53 33.81
N LEU F 126 40.88 -21.60 33.04
CA LEU F 126 41.77 -22.74 33.25
C LEU F 126 43.20 -22.44 32.83
N LYS F 127 43.35 -21.61 31.80
CA LYS F 127 44.66 -21.33 31.23
C LYS F 127 45.43 -22.62 31.00
N ASN F 128 46.68 -22.71 31.48
CA ASN F 128 47.46 -23.93 31.27
C ASN F 128 47.35 -25.00 32.38
N ASN F 129 46.34 -24.89 33.24
CA ASN F 129 46.03 -25.97 34.19
C ASN F 129 45.28 -27.12 33.50
N ALA F 130 44.87 -26.88 32.26
CA ALA F 130 44.22 -27.90 31.46
C ALA F 130 44.68 -27.80 30.02
N LYS F 131 44.40 -28.86 29.29
CA LYS F 131 44.78 -28.97 27.90
C LYS F 131 43.51 -28.93 27.06
N GLU F 132 43.53 -28.15 25.99
CA GLU F 132 42.45 -28.18 25.01
C GLU F 132 42.62 -29.42 24.15
N ILE F 133 41.70 -30.37 24.25
CA ILE F 133 41.86 -31.61 23.50
C ILE F 133 40.92 -31.69 22.28
N GLY F 134 40.19 -30.62 22.02
CA GLY F 134 39.33 -30.55 20.84
C GLY F 134 37.91 -30.97 21.17
N ASN F 135 37.01 -30.76 20.22
CA ASN F 135 35.60 -31.07 20.43
C ASN F 135 34.98 -30.39 21.65
N GLY F 136 35.48 -29.21 21.99
CA GLY F 136 34.97 -28.45 23.10
C GLY F 136 35.38 -28.96 24.47
N CYS F 137 36.38 -29.83 24.51
CA CYS F 137 36.77 -30.47 25.77
C CYS F 137 38.09 -29.99 26.34
N PHE F 138 38.16 -29.98 27.67
CA PHE F 138 39.41 -29.70 28.38
C PHE F 138 39.80 -30.91 29.20
N GLU F 139 41.09 -31.27 29.16
CA GLU F 139 41.64 -32.29 30.03
C GLU F 139 42.53 -31.62 31.08
N PHE F 140 42.17 -31.76 32.34
CA PHE F 140 42.91 -31.12 33.44
C PHE F 140 44.27 -31.76 33.68
N TYR F 141 45.24 -30.95 34.10
CA TYR F 141 46.53 -31.48 34.46
C TYR F 141 46.56 -31.71 35.96
N HIS F 142 45.41 -31.54 36.60
CA HIS F 142 45.29 -31.75 38.03
C HIS F 142 43.95 -32.40 38.32
N LYS F 143 43.84 -33.06 39.47
CA LYS F 143 42.56 -33.64 39.86
C LYS F 143 41.61 -32.50 40.08
N CYS F 144 40.43 -32.62 39.47
CA CYS F 144 39.41 -31.60 39.56
C CYS F 144 38.14 -32.26 40.06
N ASP F 145 37.91 -32.16 41.36
CA ASP F 145 36.74 -32.80 41.96
C ASP F 145 35.51 -31.92 41.75
N ASN F 146 34.36 -32.38 42.25
CA ASN F 146 33.09 -31.68 42.07
C ASN F 146 33.14 -30.22 42.48
N THR F 147 33.81 -29.91 43.58
CA THR F 147 33.93 -28.55 44.05
C THR F 147 34.69 -27.75 43.03
N CYS F 148 35.72 -28.36 42.46
CA CYS F 148 36.55 -27.69 41.47
C CYS F 148 35.75 -27.46 40.18
N MET F 149 35.06 -28.49 39.72
CA MET F 149 34.23 -28.42 38.53
C MET F 149 33.15 -27.35 38.67
N GLU F 150 32.46 -27.37 39.80
CA GLU F 150 31.44 -26.36 40.09
C GLU F 150 32.07 -24.98 40.04
N SER F 151 33.30 -24.84 40.53
CA SER F 151 33.95 -23.54 40.52
C SER F 151 34.23 -23.06 39.10
N VAL F 152 34.57 -23.99 38.21
CA VAL F 152 34.78 -23.66 36.80
C VAL F 152 33.46 -23.13 36.19
N LYS F 153 32.37 -23.82 36.50
CA LYS F 153 31.08 -23.50 35.90
C LYS F 153 30.55 -22.15 36.38
N ASN F 154 30.86 -21.75 37.61
CA ASN F 154 30.39 -20.44 38.04
C ASN F 154 31.45 -19.34 38.00
N GLY F 155 32.54 -19.61 37.28
CA GLY F 155 33.52 -18.57 37.00
C GLY F 155 34.39 -18.20 38.18
N THR F 156 34.51 -19.10 39.17
CA THR F 156 35.37 -18.84 40.33
C THR F 156 36.51 -19.84 40.46
N TYR F 157 36.89 -20.47 39.35
CA TYR F 157 38.00 -21.41 39.37
C TYR F 157 39.25 -20.74 39.93
N ASP F 158 39.89 -21.42 40.87
CA ASP F 158 41.03 -20.88 41.60
C ASP F 158 42.30 -21.41 40.97
N TYR F 159 42.78 -20.74 39.92
CA TYR F 159 43.96 -21.20 39.19
C TYR F 159 45.20 -21.44 40.08
N PRO F 160 45.55 -20.48 40.97
CA PRO F 160 46.78 -20.70 41.76
C PRO F 160 46.70 -21.90 42.71
N LYS F 161 45.49 -22.23 43.18
CA LYS F 161 45.31 -23.36 44.07
C LYS F 161 45.83 -24.65 43.44
N TYR F 162 45.58 -24.81 42.14
CA TYR F 162 45.93 -26.04 41.43
C TYR F 162 47.18 -25.94 40.56
N SER F 163 47.78 -24.76 40.48
CA SER F 163 48.86 -24.57 39.50
C SER F 163 50.09 -25.44 39.74
N GLU F 164 50.44 -25.65 41.00
CA GLU F 164 51.61 -26.48 41.29
C GLU F 164 51.39 -27.93 40.81
N GLU F 165 50.29 -28.55 41.24
CA GLU F 165 49.96 -29.93 40.82
C GLU F 165 49.91 -30.02 39.30
N ALA F 166 49.27 -29.02 38.66
CA ALA F 166 49.13 -29.00 37.20
C ALA F 166 50.49 -28.90 36.51
N LYS F 167 51.30 -27.98 37.01
CA LYS F 167 52.65 -27.80 36.50
C LYS F 167 53.43 -29.11 36.51
N LEU F 168 53.44 -29.79 37.66
CA LEU F 168 54.15 -31.05 37.77
C LEU F 168 53.72 -32.07 36.71
N ASN F 169 52.42 -32.23 36.54
CA ASN F 169 51.90 -33.20 35.56
C ASN F 169 52.18 -32.76 34.13
N ARG F 170 52.12 -31.45 33.90
CA ARG F 170 52.28 -30.88 32.57
C ARG F 170 53.73 -31.03 32.09
N GLU F 171 54.66 -31.11 33.04
CA GLU F 171 56.07 -31.30 32.75
C GLU F 171 56.54 -32.71 33.08
C1 NAG G . 30.33 6.23 -3.60
C2 NAG G . 30.75 7.61 -3.15
C3 NAG G . 29.63 8.61 -3.42
C4 NAG G . 29.15 8.52 -4.86
C5 NAG G . 28.85 7.07 -5.26
C6 NAG G . 28.53 6.92 -6.72
C7 NAG G . 32.35 7.37 -1.31
C8 NAG G . 32.55 7.42 0.18
N2 NAG G . 31.11 7.61 -1.75
O3 NAG G . 30.10 9.92 -3.14
O4 NAG G . 27.97 9.30 -5.05
O5 NAG G . 29.99 6.25 -4.99
O6 NAG G . 29.33 7.79 -7.52
O7 NAG G . 33.27 7.12 -2.08
C1 NAG G . 28.27 10.37 -5.96
C2 NAG G . 26.98 10.70 -6.72
C3 NAG G . 27.19 11.90 -7.65
C4 NAG G . 27.91 13.05 -6.95
C5 NAG G . 29.16 12.53 -6.26
C6 NAG G . 29.91 13.59 -5.49
C7 NAG G . 25.28 9.10 -7.51
C8 NAG G . 25.03 7.89 -8.38
N2 NAG G . 26.54 9.55 -7.49
O3 NAG G . 25.91 12.35 -8.11
O4 NAG G . 28.32 14.00 -7.92
O5 NAG G . 28.77 11.52 -5.31
O6 NAG G . 31.21 13.79 -6.02
O7 NAG G . 24.39 9.64 -6.87
C1 BMA G . 27.54 15.20 -7.85
C2 BMA G . 28.21 16.15 -8.82
C3 BMA G . 27.38 17.41 -9.03
C4 BMA G . 25.91 17.11 -9.32
C5 BMA G . 25.34 16.19 -8.20
C6 BMA G . 23.90 15.75 -8.45
O2 BMA G . 28.32 15.56 -10.12
O3 BMA G . 27.93 18.21 -10.07
O4 BMA G . 25.20 18.34 -9.35
O5 BMA G . 26.16 14.99 -8.11
O6 BMA G . 23.55 16.02 -9.82
C1 MAN G . 28.46 19.40 -9.46
C2 MAN G . 29.03 20.34 -10.56
C3 MAN G . 30.50 19.99 -10.90
C4 MAN G . 31.33 19.81 -9.61
C5 MAN G . 30.69 18.68 -8.81
C6 MAN G . 31.44 18.26 -7.54
O2 MAN G . 29.02 21.70 -10.13
O3 MAN G . 31.11 20.96 -11.73
O4 MAN G . 32.68 19.49 -9.93
O5 MAN G . 29.36 19.13 -8.41
O6 MAN G . 31.85 19.43 -6.84
C1 NAG H . 11.05 -36.73 22.78
C2 NAG H . 9.65 -36.77 22.18
C3 NAG H . 8.59 -36.76 23.27
C4 NAG H . 8.86 -37.84 24.32
C5 NAG H . 10.30 -37.73 24.82
C6 NAG H . 10.69 -38.85 25.76
C7 NAG H . 9.18 -35.84 19.96
C8 NAG H . 8.98 -34.59 19.15
N2 NAG H . 9.44 -35.67 21.26
O3 NAG H . 7.37 -37.01 22.60
O4 NAG H . 7.98 -37.70 25.44
O5 NAG H . 11.20 -37.79 23.71
O6 NAG H . 10.36 -40.13 25.23
O7 NAG H . 9.10 -36.96 19.45
C1 FUL H . 6.18 -36.59 23.28
C2 FUL H . 5.13 -36.03 22.38
O2 FUL H . 5.29 -36.46 21.04
C3 FUL H . 3.81 -36.49 22.99
O3 FUL H . 2.73 -35.98 22.23
C4 FUL H . 3.69 -35.93 24.46
O4 FUL H . 3.21 -34.59 24.43
C5 FUL H . 5.06 -36.03 25.28
C6 FUL H . 5.17 -35.06 26.44
O5 FUL H . 6.25 -35.85 24.45
C1 NAG H . 7.27 -38.91 25.79
C2 NAG H . 6.99 -38.85 27.29
C3 NAG H . 6.21 -40.09 27.74
C4 NAG H . 4.96 -40.27 26.89
C5 NAG H . 5.34 -40.29 25.41
C6 NAG H . 4.14 -40.36 24.49
C7 NAG H . 8.58 -37.61 28.70
C8 NAG H . 9.89 -37.67 29.42
N2 NAG H . 8.23 -38.72 28.04
O3 NAG H . 5.86 -39.96 29.11
O4 NAG H . 4.29 -41.48 27.25
O5 NAG H . 6.04 -39.08 25.08
O6 NAG H . 4.50 -40.91 23.23
O7 NAG H . 7.86 -36.61 28.72
C1 NAG I . -23.15 32.50 7.84
C2 NAG I . -24.63 32.46 7.42
C3 NAG I . -25.53 32.55 8.64
C4 NAG I . -25.20 31.39 9.58
C5 NAG I . -23.75 31.49 10.03
C6 NAG I . -22.99 30.20 9.82
C7 NAG I . -24.73 33.40 5.17
C8 NAG I . -25.10 34.60 4.32
N2 NAG I . -24.92 33.54 6.48
O3 NAG I . -26.89 32.47 8.23
O4 NAG I . -26.07 31.42 10.71
O5 NAG I . -23.05 32.52 9.31
O6 NAG I . -23.72 29.29 9.01
O7 NAG I . -24.30 32.37 4.67
C1 NAG J . 10.18 31.44 2.17
C2 NAG J . 10.75 32.79 2.65
C3 NAG J . 10.66 33.84 1.53
C4 NAG J . 11.28 33.32 0.26
C5 NAG J . 10.65 31.99 -0.12
C6 NAG J . 11.26 31.35 -1.35
C7 NAG J . 10.38 32.88 5.08
C8 NAG J . 9.56 33.46 6.18
N2 NAG J . 10.05 33.27 3.84
O3 NAG J . 11.32 35.03 1.94
O4 NAG J . 11.11 34.27 -0.80
O5 NAG J . 10.83 31.05 0.95
O6 NAG J . 10.97 29.97 -1.41
O7 NAG J . 11.31 32.10 5.30
C1 NAG K . 26.58 14.74 29.91
C2 NAG K . 25.98 16.14 30.15
C3 NAG K . 26.21 17.07 28.97
C4 NAG K . 27.71 17.09 28.68
C5 NAG K . 28.12 15.67 28.32
C6 NAG K . 29.58 15.60 27.85
C7 NAG K . 24.15 16.52 31.66
C8 NAG K . 22.68 16.40 31.95
N2 NAG K . 24.57 16.07 30.49
O3 NAG K . 25.70 18.36 29.25
O4 NAG K . 28.06 18.00 27.66
O5 NAG K . 27.92 14.81 29.43
O6 NAG K . 29.79 14.46 27.05
O7 NAG K . 24.91 17.03 32.49
C1 NAG L . -8.85 11.86 -38.29
C2 NAG L . -10.06 12.75 -38.59
C3 NAG L . -9.64 13.94 -39.46
C4 NAG L . -8.53 14.71 -38.76
C5 NAG L . -7.36 13.77 -38.50
C6 NAG L . -6.24 14.43 -37.74
C7 NAG L . -12.19 11.50 -38.58
C8 NAG L . -13.20 10.79 -39.41
N2 NAG L . -11.14 12.01 -39.23
O3 NAG L . -10.77 14.78 -39.70
O4 NAG L . -8.10 15.81 -39.57
O5 NAG L . -7.79 12.65 -37.69
O6 NAG L . -5.53 13.47 -36.97
O7 NAG L . -12.31 11.62 -37.36
C1 NAG M . 6.20 -16.77 -28.80
C2 NAG M . 5.30 -17.93 -29.25
C3 NAG M . 5.91 -18.80 -30.33
C4 NAG M . 6.72 -18.00 -31.36
C5 NAG M . 7.58 -16.96 -30.67
C6 NAG M . 8.34 -16.10 -31.66
C7 NAG M . 3.62 -19.01 -27.89
C8 NAG M . 3.30 -20.06 -26.86
N2 NAG M . 4.91 -18.74 -28.12
O3 NAG M . 4.88 -19.49 -31.00
O4 NAG M . 7.54 -18.87 -32.14
O5 NAG M . 6.73 -16.14 -29.93
O6 NAG M . 8.44 -14.79 -31.15
O7 NAG M . 2.71 -18.45 -28.50
C1 NAG N . 39.97 -8.63 -15.65
C2 NAG N . 39.66 -7.45 -16.59
C3 NAG N . 39.14 -7.92 -17.95
C4 NAG N . 39.95 -9.10 -18.51
C5 NAG N . 40.11 -10.19 -17.46
C6 NAG N . 41.01 -11.32 -17.95
C7 NAG N . 38.93 -5.31 -15.65
C8 NAG N . 37.99 -4.65 -14.66
N2 NAG N . 38.67 -6.57 -15.97
O3 NAG N . 39.19 -6.85 -18.87
O4 NAG N . 39.26 -9.62 -19.63
O5 NAG N . 40.70 -9.64 -16.30
O6 NAG N . 40.81 -11.60 -19.31
O7 NAG N . 39.89 -4.69 -16.09
C1 NAG O . -37.15 -16.21 -3.83
C2 NAG O . -38.20 -15.71 -4.84
C3 NAG O . -38.71 -16.87 -5.71
C4 NAG O . -37.54 -17.61 -6.34
C5 NAG O . -36.59 -18.08 -5.24
C6 NAG O . -35.39 -18.83 -5.75
C7 NAG O . -39.42 -13.71 -4.14
C8 NAG O . -40.65 -13.17 -3.46
N2 NAG O . -39.32 -15.03 -4.20
O3 NAG O . -39.54 -16.35 -6.74
O4 NAG O . -38.00 -18.72 -7.11
O5 NAG O . -36.10 -16.93 -4.52
O6 NAG O . -34.46 -17.94 -6.37
O7 NAG O . -38.55 -12.96 -4.60
C1 NAG P . -19.07 -13.93 24.02
C2 NAG P . -19.51 -15.02 25.01
C3 NAG P . -20.77 -14.58 25.74
C4 NAG P . -20.52 -13.24 26.44
C5 NAG P . -20.07 -12.21 25.40
C6 NAG P . -19.71 -10.88 26.02
C7 NAG P . -18.71 -17.14 24.07
C8 NAG P . -19.11 -18.42 23.40
N2 NAG P . -19.71 -16.29 24.35
O3 NAG P . -21.16 -15.57 26.69
O4 NAG P . -21.70 -12.79 27.09
O5 NAG P . -18.90 -12.68 24.72
O6 NAG P . -19.62 -9.86 25.03
O7 NAG P . -17.54 -16.88 24.33
#